data_3O8C
#
_entry.id   3O8C
#
_cell.length_a   91.699
_cell.length_b   110.166
_cell.length_c   142.939
_cell.angle_alpha   90.00
_cell.angle_beta   90.00
_cell.angle_gamma   90.00
#
_symmetry.space_group_name_H-M   'P 21 21 21'
#
loop_
_entity.id
_entity.type
_entity.pdbx_description
1 polymer 'HCV NS3 protease/helicase'
2 polymer "RNA (5'-R(P*UP*(5BU)P*UP*UP*UP*U)-3')"
3 non-polymer 'ZINC ION'
4 non-polymer 'SULFATE ION'
5 water water
#
loop_
_entity_poly.entity_id
_entity_poly.type
_entity_poly.pdbx_seq_one_letter_code
_entity_poly.pdbx_strand_id
1 'polypeptide(L)'
;MGSSHHHHHHSSGLVPRGSHMGSVVIVGRIILSGSGSITAYSQQTRGLLGCIITSLTGRDKNQVEGEVQVVSTATQSFLA
TCVNGVCWTVYHGAGSKTLAGPKGPITQMYTNVDQDLVGWQAPPGARSLTPCTCGSSDLYLVTRHADVIPVRRRGDSRGS
LLSPRPVSYLKGSSGGPLLCPSGHAVGIFRAAVCTRGVAKAVDFVPVESMETTMRSPVFTDNSSPPAVPQSFQVAHLHAP
TGSGKSTKVPAAYAAQGYKVLVLNPSVAATLGFGAYMSKAHGIDPNIRTGVRTITTGAPVTYSTYGKFLADGGCSGGAYD
IIICDECHSTDSTTILGIGTVLDQAETAGARLVVLATATPPGSVTVPHPNIEEVALSNTGEIPFYGKAIPIEAIRGGRHL
IFCHSKKKCDELAAKLSGLGINAVAYYRGLDVSVIPTIGDVVVVATDALMTGYTGDFDSVIDCNTCVTQTVDFSLDPTFT
IETTTVPQDAVSRSQRRGRTGRGRRGIYRFVTPGERPSGMFDSSVLCECYDAGCAWYELTPAETSVRLRAYLNTPGLPVC
QDHLEFWESVFTGLTHIDAHFLSQTKQAGDNFPYLVAYQATVCARAQAPPPSWDQMWKCLIRLKPTLHGPTPLLYRLGAV
QNEVTLTHPITKYIMACMSADLEVVT
;
A,B
2 'polyribonucleotide' U(5BU)UUUU C
#
# COMPACT_ATOMS: atom_id res chain seq x y z
N GLY A 22 -13.21 9.05 -16.35
CA GLY A 22 -11.83 9.39 -16.65
C GLY A 22 -11.18 8.48 -17.68
N SER A 23 -10.24 9.02 -18.44
CA SER A 23 -9.50 8.22 -19.41
C SER A 23 -8.20 7.68 -18.82
N VAL A 24 -7.67 6.64 -19.47
CA VAL A 24 -6.28 6.27 -19.30
C VAL A 24 -5.46 7.36 -20.00
N VAL A 25 -4.33 7.73 -19.40
CA VAL A 25 -3.48 8.79 -19.94
C VAL A 25 -2.06 8.32 -20.11
N ILE A 26 -1.45 8.60 -21.26
CA ILE A 26 -0.03 8.32 -21.43
C ILE A 26 0.76 9.35 -20.64
N VAL A 27 1.62 8.90 -19.75
CA VAL A 27 2.36 9.82 -18.88
C VAL A 27 3.87 9.67 -19.04
N GLY A 28 4.28 8.83 -19.97
CA GLY A 28 5.69 8.63 -20.21
C GLY A 28 5.84 7.53 -21.24
N ARG A 29 7.08 7.13 -21.52
CA ARG A 29 7.34 6.05 -22.45
C ARG A 29 8.62 5.28 -22.05
N ILE A 30 8.77 4.08 -22.61
CA ILE A 30 9.97 3.28 -22.45
C ILE A 30 10.56 3.16 -23.85
N ILE A 31 11.78 3.68 -24.03
CA ILE A 31 12.45 3.67 -25.32
C ILE A 31 13.34 2.46 -25.43
N LEU A 32 13.07 1.61 -26.41
CA LEU A 32 13.81 0.37 -26.59
C LEU A 32 15.01 0.53 -27.50
N SER A 33 16.09 -0.18 -27.22
CA SER A 33 17.25 -0.14 -28.11
C SER A 33 16.84 -0.63 -29.50
N GLY A 34 17.39 0.03 -30.53
CA GLY A 34 17.04 -0.29 -31.90
C GLY A 34 18.02 -1.26 -32.54
N SER A 35 19.07 -1.60 -31.81
CA SER A 35 20.11 -2.47 -32.33
C SER A 35 20.97 -3.09 -31.24
N GLY A 36 21.47 -4.29 -31.51
CA GLY A 36 22.33 -4.98 -30.57
C GLY A 36 21.54 -5.51 -29.40
N SER A 37 22.18 -5.55 -28.23
CA SER A 37 21.54 -6.03 -27.02
C SER A 37 20.26 -5.23 -26.73
N ILE A 38 19.30 -5.89 -26.09
CA ILE A 38 18.06 -5.24 -25.74
C ILE A 38 18.21 -4.38 -24.49
N THR A 39 17.99 -3.07 -24.63
CA THR A 39 18.01 -2.17 -23.48
C THR A 39 16.90 -1.16 -23.57
N ALA A 40 16.69 -0.40 -22.50
CA ALA A 40 15.56 0.49 -22.45
C ALA A 40 15.82 1.61 -21.47
N TYR A 41 15.15 2.73 -21.69
CA TYR A 41 15.22 3.80 -20.72
C TYR A 41 13.87 4.50 -20.70
N SER A 42 13.57 5.20 -19.61
CA SER A 42 12.28 5.85 -19.48
C SER A 42 12.32 7.35 -19.78
N GLN A 43 11.22 7.85 -20.32
CA GLN A 43 11.03 9.28 -20.50
C GLN A 43 9.71 9.60 -19.84
N GLN A 44 9.73 10.55 -18.92
CA GLN A 44 8.50 10.98 -18.28
C GLN A 44 7.97 12.26 -18.93
N THR A 45 6.75 12.19 -19.46
CA THR A 45 6.21 13.28 -20.28
C THR A 45 5.12 14.08 -19.59
N ARG A 46 4.76 13.69 -18.37
CA ARG A 46 3.64 14.32 -17.73
C ARG A 46 3.63 14.02 -16.22
N GLY A 47 3.37 15.04 -15.42
CA GLY A 47 3.35 14.88 -13.98
C GLY A 47 1.96 14.49 -13.50
N LEU A 48 1.81 14.34 -12.20
CA LEU A 48 0.52 13.98 -11.62
C LEU A 48 -0.57 14.97 -12.01
N LEU A 49 -0.22 16.25 -12.04
CA LEU A 49 -1.22 17.28 -12.34
C LEU A 49 -1.77 17.13 -13.74
N GLY A 50 -0.87 17.12 -14.72
CA GLY A 50 -1.26 16.95 -16.10
C GLY A 50 -2.05 15.68 -16.30
N CYS A 51 -1.63 14.61 -15.61
CA CYS A 51 -2.30 13.33 -15.71
C CYS A 51 -3.78 13.45 -15.34
N ILE A 52 -4.04 13.99 -14.15
CA ILE A 52 -5.40 14.12 -13.65
C ILE A 52 -6.25 14.99 -14.57
N ILE A 53 -5.68 16.09 -15.03
CA ILE A 53 -6.39 16.98 -15.95
C ILE A 53 -6.73 16.26 -17.25
N THR A 54 -5.73 15.60 -17.82
CA THR A 54 -5.89 14.93 -19.10
C THR A 54 -6.88 13.76 -19.00
N SER A 55 -6.89 13.10 -17.84
CA SER A 55 -7.81 12.02 -17.57
C SER A 55 -9.24 12.52 -17.58
N LEU A 56 -9.46 13.71 -16.99
CA LEU A 56 -10.81 14.27 -16.91
C LEU A 56 -11.32 14.75 -18.25
N THR A 57 -10.46 15.45 -19.00
CA THR A 57 -10.87 15.96 -20.30
C THR A 57 -10.87 14.87 -21.37
N GLY A 58 -9.93 13.94 -21.28
CA GLY A 58 -9.81 12.89 -22.28
C GLY A 58 -9.12 13.38 -23.55
N ARG A 59 -8.57 14.59 -23.48
CA ARG A 59 -7.86 15.16 -24.62
C ARG A 59 -6.37 15.32 -24.31
N ASP A 60 -5.55 14.68 -25.14
CA ASP A 60 -4.11 14.72 -24.95
C ASP A 60 -3.42 15.00 -26.28
N LYS A 61 -2.82 16.18 -26.37
CA LYS A 61 -2.26 16.62 -27.63
C LYS A 61 -0.77 16.32 -27.77
N ASN A 62 -0.13 15.92 -26.67
CA ASN A 62 1.29 15.53 -26.73
C ASN A 62 1.51 14.61 -27.90
N GLN A 63 2.60 14.81 -28.62
CA GLN A 63 2.97 13.87 -29.65
C GLN A 63 3.26 12.55 -28.94
N VAL A 64 2.82 11.44 -29.54
CA VAL A 64 3.13 10.14 -28.98
C VAL A 64 4.21 9.46 -29.80
N GLU A 65 5.19 8.91 -29.11
CA GLU A 65 6.33 8.27 -29.76
C GLU A 65 6.55 6.93 -29.10
N GLY A 66 7.40 6.12 -29.70
CA GLY A 66 7.80 4.86 -29.10
C GLY A 66 6.74 3.79 -29.23
N GLU A 67 7.12 2.57 -28.90
CA GLU A 67 6.23 1.41 -28.93
C GLU A 67 5.63 1.09 -27.56
N VAL A 68 6.36 1.41 -26.50
CA VAL A 68 5.88 1.14 -25.13
C VAL A 68 5.52 2.44 -24.40
N GLN A 69 4.25 2.54 -24.01
CA GLN A 69 3.77 3.73 -23.32
C GLN A 69 3.61 3.43 -21.84
N VAL A 70 3.92 4.42 -21.00
CA VAL A 70 3.57 4.36 -19.60
C VAL A 70 2.22 5.01 -19.44
N VAL A 71 1.28 4.29 -18.84
CA VAL A 71 -0.10 4.76 -18.77
C VAL A 71 -0.60 4.79 -17.34
N SER A 72 -1.49 5.74 -17.07
CA SER A 72 -2.05 5.83 -15.74
C SER A 72 -3.52 6.19 -15.79
N THR A 73 -4.21 5.78 -14.75
CA THR A 73 -5.50 6.33 -14.40
C THR A 73 -5.28 7.20 -13.18
N ALA A 74 -6.32 7.38 -12.38
CA ALA A 74 -6.20 8.14 -11.15
C ALA A 74 -5.47 7.34 -10.06
N THR A 75 -5.76 6.05 -9.96
CA THR A 75 -5.24 5.23 -8.86
C THR A 75 -4.01 4.36 -9.20
N GLN A 76 -3.83 3.98 -10.46
CA GLN A 76 -2.73 3.08 -10.80
C GLN A 76 -1.99 3.46 -12.07
N SER A 77 -0.77 2.96 -12.19
CA SER A 77 0.04 3.18 -13.37
C SER A 77 0.58 1.84 -13.84
N PHE A 78 0.62 1.65 -15.16
CA PHE A 78 1.11 0.42 -15.76
C PHE A 78 1.58 0.73 -17.19
N LEU A 79 1.72 -0.29 -18.02
CA LEU A 79 2.28 -0.11 -19.36
C LEU A 79 1.29 -0.47 -20.47
N ALA A 80 1.54 0.04 -21.67
CA ALA A 80 0.80 -0.37 -22.85
C ALA A 80 1.79 -0.52 -23.99
N THR A 81 1.60 -1.56 -24.81
CA THR A 81 2.52 -1.87 -25.90
C THR A 81 1.82 -1.89 -27.25
N CYS A 82 2.35 -1.17 -28.22
CA CYS A 82 1.71 -1.12 -29.53
C CYS A 82 2.19 -2.26 -30.44
N VAL A 83 1.26 -3.07 -30.91
CA VAL A 83 1.56 -4.13 -31.87
C VAL A 83 0.52 -4.10 -32.99
N ASN A 84 0.98 -4.11 -34.25
CA ASN A 84 0.08 -4.07 -35.40
C ASN A 84 -0.88 -2.88 -35.38
N GLY A 85 -0.36 -1.69 -35.11
CA GLY A 85 -1.18 -0.50 -35.12
C GLY A 85 -2.21 -0.35 -34.00
N VAL A 86 -2.15 -1.25 -33.02
CA VAL A 86 -3.06 -1.24 -31.87
C VAL A 86 -2.27 -1.10 -30.57
N CYS A 87 -2.70 -0.20 -29.69
CA CYS A 87 -2.06 0.00 -28.38
C CYS A 87 -2.72 -0.96 -27.37
N TRP A 88 -2.00 -2.01 -26.98
CA TRP A 88 -2.56 -3.06 -26.11
C TRP A 88 -2.17 -2.89 -24.64
N THR A 89 -3.14 -3.18 -23.77
CA THR A 89 -2.82 -3.31 -22.34
C THR A 89 -3.72 -4.35 -21.67
N VAL A 90 -3.66 -4.47 -20.36
CA VAL A 90 -4.46 -5.45 -19.63
C VAL A 90 -5.85 -4.93 -19.23
N TYR A 91 -6.85 -5.79 -19.30
CA TYR A 91 -8.17 -5.41 -18.83
C TYR A 91 -8.15 -5.09 -17.33
N HIS A 92 -7.41 -5.87 -16.54
CA HIS A 92 -7.43 -5.65 -15.11
C HIS A 92 -6.86 -4.26 -14.73
N GLY A 93 -6.07 -3.65 -15.62
CA GLY A 93 -5.58 -2.29 -15.38
C GLY A 93 -6.46 -1.21 -15.98
N ALA A 94 -6.78 -1.34 -17.27
CA ALA A 94 -7.49 -0.29 -18.01
C ALA A 94 -9.00 -0.38 -17.89
N GLY A 95 -9.51 -1.56 -17.57
CA GLY A 95 -10.95 -1.78 -17.59
C GLY A 95 -11.45 -1.50 -19.00
N SER A 96 -12.61 -0.86 -19.11
CA SER A 96 -13.14 -0.51 -20.44
C SER A 96 -12.90 0.97 -20.78
N LYS A 97 -11.95 1.59 -20.09
CA LYS A 97 -11.71 3.01 -20.19
C LYS A 97 -11.24 3.45 -21.58
N THR A 98 -11.58 4.68 -21.92
CA THR A 98 -11.06 5.31 -23.12
C THR A 98 -9.63 5.76 -22.88
N LEU A 99 -8.92 6.01 -23.97
CA LEU A 99 -7.56 6.56 -23.90
C LEU A 99 -7.59 8.02 -24.30
N ALA A 100 -6.92 8.88 -23.52
CA ALA A 100 -6.84 10.29 -23.87
C ALA A 100 -6.11 10.45 -25.20
N GLY A 101 -6.75 11.08 -26.18
CA GLY A 101 -6.15 11.30 -27.48
C GLY A 101 -6.16 12.75 -27.96
N PRO A 102 -5.46 13.04 -29.06
CA PRO A 102 -5.27 14.40 -29.58
C PRO A 102 -6.57 15.09 -29.91
N LYS A 103 -7.59 14.33 -30.30
CA LYS A 103 -8.90 14.91 -30.62
C LYS A 103 -9.99 14.45 -29.65
N GLY A 104 -9.58 14.01 -28.46
CA GLY A 104 -10.53 13.57 -27.46
C GLY A 104 -10.33 12.10 -27.12
N PRO A 105 -11.17 11.58 -26.22
CA PRO A 105 -11.08 10.21 -25.73
C PRO A 105 -11.20 9.20 -26.87
N ILE A 106 -10.29 8.23 -26.89
CA ILE A 106 -10.35 7.14 -27.85
C ILE A 106 -10.98 5.92 -27.19
N THR A 107 -12.11 5.45 -27.72
CA THR A 107 -12.77 4.24 -27.21
C THR A 107 -12.01 2.98 -27.61
N GLN A 108 -12.11 1.92 -26.82
CA GLN A 108 -11.36 0.71 -27.12
C GLN A 108 -11.92 0.05 -28.35
N MET A 109 -11.01 -0.41 -29.21
CA MET A 109 -11.39 -1.18 -30.37
C MET A 109 -11.60 -2.66 -30.02
N TYR A 110 -10.83 -3.15 -29.05
CA TYR A 110 -11.01 -4.53 -28.61
C TYR A 110 -11.03 -4.56 -27.10
N THR A 111 -11.90 -5.39 -26.54
CA THR A 111 -12.03 -5.57 -25.10
C THR A 111 -12.24 -7.07 -24.90
N ASN A 112 -11.17 -7.77 -24.53
CA ASN A 112 -11.26 -9.22 -24.40
C ASN A 112 -10.99 -9.57 -22.95
N VAL A 113 -12.05 -9.60 -22.16
CA VAL A 113 -11.94 -9.87 -20.72
C VAL A 113 -11.38 -11.28 -20.48
N ASP A 114 -11.78 -12.24 -21.31
CA ASP A 114 -11.28 -13.62 -21.21
C ASP A 114 -9.75 -13.71 -21.20
N GLN A 115 -9.12 -12.93 -22.08
CA GLN A 115 -7.67 -12.95 -22.23
C GLN A 115 -6.98 -11.80 -21.48
N ASP A 116 -7.77 -11.03 -20.74
CA ASP A 116 -7.27 -9.89 -19.97
C ASP A 116 -6.56 -8.89 -20.88
N LEU A 117 -7.13 -8.67 -22.07
CA LEU A 117 -6.48 -7.86 -23.09
C LEU A 117 -7.44 -6.82 -23.64
N VAL A 118 -6.98 -5.57 -23.69
CA VAL A 118 -7.73 -4.49 -24.36
C VAL A 118 -6.79 -3.77 -25.32
N GLY A 119 -7.37 -3.11 -26.32
CA GLY A 119 -6.60 -2.41 -27.34
C GLY A 119 -7.33 -1.17 -27.86
N TRP A 120 -6.57 -0.09 -28.03
CA TRP A 120 -7.04 1.10 -28.71
C TRP A 120 -6.30 1.19 -30.06
N GLN A 121 -6.96 1.73 -31.08
CA GLN A 121 -6.29 2.04 -32.34
C GLN A 121 -5.16 3.02 -32.04
N ALA A 122 -3.95 2.64 -32.40
CA ALA A 122 -2.75 3.40 -32.01
C ALA A 122 -2.78 4.82 -32.54
N PRO A 123 -2.49 5.78 -31.66
CA PRO A 123 -2.53 7.19 -32.07
C PRO A 123 -1.47 7.44 -33.13
N PRO A 124 -1.54 8.60 -33.79
CA PRO A 124 -0.48 8.99 -34.72
C PRO A 124 0.83 9.24 -33.98
N GLY A 125 1.91 8.69 -34.52
CA GLY A 125 3.22 8.84 -33.92
C GLY A 125 3.68 7.55 -33.26
N ALA A 126 2.71 6.77 -32.80
CA ALA A 126 3.04 5.49 -32.19
C ALA A 126 3.62 4.55 -33.24
N ARG A 127 4.75 3.94 -32.91
CA ARG A 127 5.33 2.87 -33.71
C ARG A 127 4.84 1.56 -33.13
N SER A 128 4.94 0.49 -33.90
CA SER A 128 4.49 -0.81 -33.42
C SER A 128 5.63 -1.81 -33.39
N LEU A 129 5.63 -2.66 -32.37
CA LEU A 129 6.55 -3.78 -32.35
C LEU A 129 6.07 -4.82 -33.34
N THR A 130 7.00 -5.44 -34.05
CA THR A 130 6.63 -6.51 -34.95
C THR A 130 6.41 -7.83 -34.19
N PRO A 131 5.33 -8.55 -34.51
CA PRO A 131 5.07 -9.88 -33.93
C PRO A 131 6.27 -10.81 -34.10
N CYS A 132 6.61 -11.57 -33.06
CA CYS A 132 7.70 -12.54 -33.15
C CYS A 132 7.24 -13.87 -33.75
N THR A 133 7.94 -14.31 -34.78
CA THR A 133 7.65 -15.57 -35.45
C THR A 133 8.89 -16.47 -35.54
N CYS A 134 9.87 -16.23 -34.67
CA CYS A 134 11.13 -16.95 -34.77
C CYS A 134 11.22 -18.11 -33.77
N GLY A 135 10.29 -18.15 -32.83
CA GLY A 135 10.20 -19.25 -31.90
C GLY A 135 11.28 -19.26 -30.84
N SER A 136 12.02 -18.17 -30.70
CA SER A 136 13.08 -18.09 -29.70
C SER A 136 12.51 -18.30 -28.29
N SER A 137 13.20 -19.09 -27.49
CA SER A 137 12.73 -19.35 -26.14
C SER A 137 13.45 -18.47 -25.13
N ASP A 138 14.34 -17.63 -25.62
CA ASP A 138 15.04 -16.68 -24.76
C ASP A 138 14.36 -15.33 -24.86
N LEU A 139 13.65 -14.96 -23.81
CA LEU A 139 12.82 -13.78 -23.84
C LEU A 139 13.35 -12.71 -22.90
N TYR A 140 12.90 -11.48 -23.10
CA TYR A 140 13.26 -10.36 -22.27
C TYR A 140 12.03 -9.55 -21.94
N LEU A 141 11.77 -9.39 -20.64
CA LEU A 141 10.63 -8.63 -20.18
C LEU A 141 11.05 -7.21 -19.84
N VAL A 142 10.39 -6.21 -20.42
CA VAL A 142 10.68 -4.82 -20.11
C VAL A 142 9.73 -4.29 -19.04
N THR A 143 10.30 -3.84 -17.92
CA THR A 143 9.49 -3.44 -16.78
C THR A 143 9.11 -1.96 -16.82
N ARG A 144 8.18 -1.57 -15.97
CA ARG A 144 7.75 -0.17 -15.98
C ARG A 144 8.88 0.77 -15.62
N HIS A 145 10.00 0.21 -15.18
CA HIS A 145 11.16 1.02 -14.81
C HIS A 145 12.31 0.86 -15.79
N ALA A 146 11.99 0.34 -16.98
CA ALA A 146 12.94 0.21 -18.05
C ALA A 146 14.03 -0.81 -17.73
N ASP A 147 13.72 -1.73 -16.82
CA ASP A 147 14.61 -2.87 -16.60
C ASP A 147 14.30 -3.93 -17.64
N VAL A 148 15.33 -4.65 -18.06
CA VAL A 148 15.16 -5.70 -19.05
C VAL A 148 15.52 -7.01 -18.38
N ILE A 149 14.54 -7.89 -18.26
CA ILE A 149 14.65 -9.08 -17.42
C ILE A 149 14.66 -10.34 -18.26
N PRO A 150 15.71 -11.16 -18.14
CA PRO A 150 15.81 -12.42 -18.87
C PRO A 150 14.73 -13.42 -18.43
N VAL A 151 14.04 -14.02 -19.39
CA VAL A 151 12.96 -14.97 -19.10
C VAL A 151 13.02 -16.14 -20.07
N ARG A 152 12.96 -17.35 -19.54
CA ARG A 152 12.96 -18.54 -20.38
C ARG A 152 11.52 -18.96 -20.68
N ARG A 153 11.16 -18.98 -21.97
CA ARG A 153 9.82 -19.40 -22.37
C ARG A 153 9.60 -20.88 -22.05
N ARG A 154 8.41 -21.22 -21.56
CA ARG A 154 8.12 -22.59 -21.16
C ARG A 154 6.75 -23.09 -21.58
N GLY A 155 5.91 -22.21 -22.10
CA GLY A 155 4.60 -22.57 -22.60
C GLY A 155 4.13 -21.52 -23.58
N ASP A 156 2.85 -21.56 -23.95
CA ASP A 156 2.31 -20.55 -24.85
C ASP A 156 2.17 -19.21 -24.16
N SER A 157 1.97 -19.26 -22.85
CA SER A 157 1.65 -18.06 -22.09
C SER A 157 2.47 -17.94 -20.81
N ARG A 158 3.44 -18.84 -20.62
CA ARG A 158 4.28 -18.80 -19.42
C ARG A 158 5.78 -18.69 -19.73
N GLY A 159 6.51 -18.05 -18.81
CA GLY A 159 7.96 -17.97 -18.90
C GLY A 159 8.59 -17.88 -17.52
N SER A 160 9.70 -18.58 -17.33
CA SER A 160 10.38 -18.54 -16.03
C SER A 160 11.47 -17.46 -15.95
N LEU A 161 11.53 -16.79 -14.81
CA LEU A 161 12.59 -15.82 -14.60
C LEU A 161 13.89 -16.54 -14.34
N LEU A 162 14.94 -16.15 -15.04
CA LEU A 162 16.26 -16.71 -14.78
C LEU A 162 16.67 -16.36 -13.36
N SER A 163 16.42 -15.12 -12.94
CA SER A 163 16.65 -14.70 -11.55
C SER A 163 15.32 -14.34 -10.87
N PRO A 164 14.75 -15.28 -10.10
CA PRO A 164 13.50 -14.96 -9.42
C PRO A 164 13.63 -13.70 -8.59
N ARG A 165 12.60 -12.86 -8.60
CA ARG A 165 12.59 -11.63 -7.83
C ARG A 165 11.31 -11.53 -7.01
N PRO A 166 11.34 -10.75 -5.92
CA PRO A 166 10.14 -10.47 -5.14
C PRO A 166 9.06 -9.92 -6.04
N VAL A 167 7.80 -10.25 -5.78
CA VAL A 167 6.72 -9.83 -6.67
C VAL A 167 6.61 -8.30 -6.76
N SER A 168 6.88 -7.62 -5.65
CA SER A 168 6.89 -6.16 -5.59
C SER A 168 7.68 -5.54 -6.74
N TYR A 169 8.70 -6.25 -7.20
CA TYR A 169 9.58 -5.74 -8.24
C TYR A 169 8.86 -5.58 -9.58
N LEU A 170 7.93 -6.48 -9.85
CA LEU A 170 7.17 -6.44 -11.09
C LEU A 170 5.95 -5.55 -10.97
N LYS A 171 5.85 -4.78 -9.88
CA LYS A 171 4.69 -3.91 -9.67
C LYS A 171 4.58 -2.84 -10.74
N GLY A 172 3.40 -2.76 -11.37
CA GLY A 172 3.12 -1.74 -12.37
C GLY A 172 3.63 -2.05 -13.76
N SER A 173 4.07 -3.29 -13.97
CA SER A 173 4.61 -3.69 -15.27
C SER A 173 3.58 -4.39 -16.15
N SER A 174 2.34 -4.50 -15.67
CA SER A 174 1.26 -5.03 -16.51
C SER A 174 1.30 -4.29 -17.85
N GLY A 175 1.26 -5.05 -18.94
CA GLY A 175 1.20 -4.45 -20.26
C GLY A 175 2.57 -4.29 -20.90
N GLY A 176 3.62 -4.44 -20.11
CA GLY A 176 4.96 -4.41 -20.66
C GLY A 176 5.22 -5.56 -21.63
N PRO A 177 6.11 -5.35 -22.62
CA PRO A 177 6.35 -6.37 -23.65
C PRO A 177 7.30 -7.46 -23.17
N LEU A 178 7.09 -8.68 -23.65
CA LEU A 178 8.17 -9.66 -23.63
C LEU A 178 8.73 -9.71 -25.05
N LEU A 179 10.03 -9.49 -25.18
CA LEU A 179 10.70 -9.45 -26.47
C LEU A 179 11.60 -10.68 -26.67
N CYS A 180 11.68 -11.18 -27.89
CA CYS A 180 12.68 -12.18 -28.25
C CYS A 180 14.02 -11.46 -28.54
N PRO A 181 15.10 -12.22 -28.79
CA PRO A 181 16.40 -11.59 -29.01
C PRO A 181 16.40 -10.59 -30.17
N SER A 182 15.45 -10.73 -31.08
CA SER A 182 15.40 -9.86 -32.27
C SER A 182 14.55 -8.60 -32.05
N GLY A 183 14.05 -8.42 -30.83
CA GLY A 183 13.30 -7.22 -30.51
C GLY A 183 11.85 -7.32 -30.93
N HIS A 184 11.42 -8.51 -31.32
CA HIS A 184 10.02 -8.75 -31.69
C HIS A 184 9.15 -8.95 -30.45
N ALA A 185 7.87 -8.62 -30.56
CA ALA A 185 6.91 -8.83 -29.49
C ALA A 185 6.41 -10.27 -29.41
N VAL A 186 6.63 -10.91 -28.27
CA VAL A 186 6.15 -12.26 -28.01
C VAL A 186 4.84 -12.24 -27.23
N GLY A 187 4.64 -11.18 -26.45
CA GLY A 187 3.42 -11.02 -25.69
C GLY A 187 3.51 -9.85 -24.73
N ILE A 188 2.47 -9.66 -23.94
CA ILE A 188 2.52 -8.66 -22.89
C ILE A 188 2.29 -9.29 -21.53
N PHE A 189 3.03 -8.77 -20.56
CA PHE A 189 2.98 -9.21 -19.19
C PHE A 189 1.62 -8.92 -18.57
N ARG A 190 1.00 -9.93 -17.98
CA ARG A 190 -0.23 -9.69 -17.23
C ARG A 190 -0.19 -10.14 -15.76
N ALA A 191 0.65 -11.10 -15.40
CA ALA A 191 0.68 -11.53 -13.99
C ALA A 191 1.93 -12.30 -13.60
N ALA A 192 2.26 -12.29 -12.31
CA ALA A 192 3.39 -13.06 -11.80
C ALA A 192 2.94 -14.38 -11.18
N VAL A 193 3.76 -15.41 -11.39
CA VAL A 193 3.55 -16.70 -10.75
C VAL A 193 4.53 -16.77 -9.59
N CYS A 194 4.00 -16.88 -8.37
CA CYS A 194 4.79 -16.71 -7.16
C CYS A 194 4.85 -17.96 -6.31
N THR A 195 6.02 -18.17 -5.72
CA THR A 195 6.22 -19.20 -4.73
C THR A 195 6.50 -18.43 -3.46
N ARG A 196 5.52 -18.38 -2.56
CA ARG A 196 5.68 -17.69 -1.29
C ARG A 196 6.11 -16.23 -1.49
N GLY A 197 5.49 -15.56 -2.45
CA GLY A 197 5.72 -14.14 -2.67
C GLY A 197 6.91 -13.83 -3.52
N VAL A 198 7.60 -14.86 -4.02
CA VAL A 198 8.76 -14.64 -4.86
C VAL A 198 8.39 -14.99 -6.28
N ALA A 199 8.48 -14.02 -7.19
CA ALA A 199 8.11 -14.26 -8.58
C ALA A 199 9.13 -15.19 -9.22
N LYS A 200 8.72 -16.41 -9.53
CA LYS A 200 9.61 -17.37 -10.18
C LYS A 200 9.30 -17.50 -11.67
N ALA A 201 8.11 -17.09 -12.06
CA ALA A 201 7.74 -17.14 -13.47
C ALA A 201 6.73 -16.05 -13.75
N VAL A 202 6.45 -15.79 -15.03
CA VAL A 202 5.49 -14.76 -15.41
C VAL A 202 4.48 -15.33 -16.39
N ASP A 203 3.24 -14.83 -16.27
CA ASP A 203 2.17 -15.13 -17.21
C ASP A 203 2.02 -13.96 -18.16
N PHE A 204 1.90 -14.24 -19.45
CA PHE A 204 1.75 -13.16 -20.43
C PHE A 204 0.65 -13.48 -21.45
N VAL A 205 0.11 -12.43 -22.06
CA VAL A 205 -0.83 -12.59 -23.16
C VAL A 205 0.01 -12.65 -24.43
N PRO A 206 0.01 -13.79 -25.11
CA PRO A 206 0.89 -13.94 -26.27
C PRO A 206 0.37 -13.19 -27.51
N VAL A 207 1.26 -12.86 -28.43
CA VAL A 207 0.86 -12.12 -29.62
C VAL A 207 -0.20 -12.86 -30.42
N GLU A 208 -0.23 -14.18 -30.31
CA GLU A 208 -1.24 -14.99 -31.01
C GLU A 208 -2.65 -14.68 -30.54
N SER A 209 -2.79 -14.28 -29.28
CA SER A 209 -4.09 -13.90 -28.76
C SER A 209 -4.49 -12.52 -29.28
N MET A 210 -3.51 -11.66 -29.51
CA MET A 210 -3.79 -10.37 -30.11
C MET A 210 -4.26 -10.62 -31.52
N GLU A 211 -3.61 -11.54 -32.21
CA GLU A 211 -3.96 -11.93 -33.58
C GLU A 211 -5.38 -12.47 -33.67
N THR A 212 -5.74 -13.39 -32.79
CA THR A 212 -7.08 -13.97 -32.81
C THR A 212 -8.13 -12.94 -32.42
N THR A 213 -7.77 -12.06 -31.49
CA THR A 213 -8.66 -10.96 -31.11
C THR A 213 -8.97 -10.08 -32.30
N MET A 214 -7.92 -9.67 -33.00
CA MET A 214 -8.11 -8.79 -34.15
C MET A 214 -8.91 -9.45 -35.27
N ARG A 215 -8.82 -10.77 -35.39
CA ARG A 215 -9.48 -11.48 -36.49
C ARG A 215 -10.92 -11.94 -36.20
N SER A 216 -11.41 -11.64 -34.99
CA SER A 216 -12.83 -11.79 -34.68
C SER A 216 -13.54 -10.42 -34.73
N PRO A 217 -14.87 -10.42 -35.01
CA PRO A 217 -15.59 -9.16 -35.24
C PRO A 217 -15.39 -8.09 -34.13
N VAL A 218 -15.39 -6.82 -34.51
CA VAL A 218 -15.26 -5.72 -33.52
C VAL A 218 -16.55 -5.54 -32.74
N PHE A 219 -17.66 -5.68 -33.44
CA PHE A 219 -18.99 -5.61 -32.83
C PHE A 219 -19.63 -7.00 -32.84
N THR A 220 -20.38 -7.34 -31.80
CA THR A 220 -21.26 -8.53 -31.85
C THR A 220 -22.63 -8.28 -31.20
N ASP A 221 -23.62 -9.05 -31.65
CA ASP A 221 -24.98 -8.86 -31.14
C ASP A 221 -25.42 -10.12 -30.41
N ASN A 222 -25.64 -9.98 -29.11
CA ASN A 222 -26.20 -11.06 -28.30
C ASN A 222 -27.53 -10.61 -27.70
N SER A 223 -28.19 -9.69 -28.40
CA SER A 223 -29.41 -9.06 -27.88
C SER A 223 -30.65 -9.94 -28.08
N SER A 224 -30.57 -10.88 -29.00
CA SER A 224 -31.74 -11.71 -29.27
C SER A 224 -31.53 -13.08 -28.68
N PRO A 225 -32.61 -13.68 -28.16
CA PRO A 225 -32.57 -15.05 -27.65
C PRO A 225 -31.93 -15.97 -28.69
N PRO A 226 -30.93 -16.77 -28.26
CA PRO A 226 -30.27 -17.70 -29.16
C PRO A 226 -31.25 -18.67 -29.77
N ALA A 227 -31.05 -19.05 -31.03
CA ALA A 227 -31.84 -20.11 -31.62
C ALA A 227 -31.39 -21.41 -31.00
N VAL A 228 -32.29 -22.36 -30.84
CA VAL A 228 -31.87 -23.67 -30.34
C VAL A 228 -31.04 -24.36 -31.44
N PRO A 229 -29.77 -24.68 -31.12
CA PRO A 229 -28.89 -25.23 -32.15
C PRO A 229 -29.09 -26.73 -32.37
N GLN A 230 -28.56 -27.22 -33.50
CA GLN A 230 -28.66 -28.63 -33.85
C GLN A 230 -28.00 -29.49 -32.77
N SER A 231 -26.83 -29.04 -32.33
CA SER A 231 -26.03 -29.77 -31.37
C SER A 231 -25.68 -28.86 -30.18
N PHE A 232 -25.30 -29.47 -29.05
CA PHE A 232 -25.08 -28.71 -27.81
C PHE A 232 -24.24 -27.45 -27.97
N GLN A 233 -24.75 -26.34 -27.46
CA GLN A 233 -24.01 -25.09 -27.52
C GLN A 233 -24.24 -24.28 -26.25
N VAL A 234 -23.20 -23.55 -25.83
CA VAL A 234 -23.35 -22.56 -24.76
C VAL A 234 -23.43 -21.22 -25.46
N ALA A 235 -24.46 -20.44 -25.14
CA ALA A 235 -24.68 -19.18 -25.84
C ALA A 235 -24.94 -18.02 -24.87
N HIS A 236 -24.84 -16.80 -25.36
CA HIS A 236 -24.95 -15.62 -24.52
C HIS A 236 -26.15 -14.78 -24.90
N LEU A 237 -26.85 -14.26 -23.90
CA LEU A 237 -27.94 -13.34 -24.13
C LEU A 237 -27.67 -12.07 -23.34
N HIS A 238 -27.34 -11.00 -24.04
CA HIS A 238 -27.07 -9.72 -23.40
C HIS A 238 -28.22 -8.79 -23.76
N ALA A 239 -29.11 -8.57 -22.79
CA ALA A 239 -30.32 -7.80 -23.05
C ALA A 239 -30.67 -7.01 -21.82
N PRO A 240 -31.23 -5.81 -22.01
CA PRO A 240 -31.45 -4.89 -20.90
C PRO A 240 -32.48 -5.40 -19.89
N THR A 241 -32.37 -4.90 -18.67
CA THR A 241 -33.36 -5.15 -17.64
C THR A 241 -34.69 -4.64 -18.15
N GLY A 242 -35.73 -5.45 -17.98
CA GLY A 242 -37.05 -5.11 -18.47
C GLY A 242 -37.35 -5.77 -19.80
N SER A 243 -36.35 -6.36 -20.43
CA SER A 243 -36.53 -6.94 -21.77
C SER A 243 -37.19 -8.32 -21.74
N GLY A 244 -37.32 -8.91 -20.56
CA GLY A 244 -38.02 -10.18 -20.41
C GLY A 244 -37.13 -11.42 -20.45
N LYS A 245 -35.85 -11.22 -20.15
CA LYS A 245 -34.89 -12.31 -20.12
C LYS A 245 -35.39 -13.50 -19.31
N SER A 246 -36.04 -13.24 -18.18
CA SER A 246 -36.40 -14.33 -17.27
C SER A 246 -37.84 -14.83 -17.47
N THR A 247 -38.61 -14.12 -18.29
CA THR A 247 -40.05 -14.42 -18.44
C THR A 247 -40.44 -14.64 -19.90
N LYS A 248 -40.42 -13.57 -20.69
CA LYS A 248 -40.75 -13.62 -22.12
C LYS A 248 -39.89 -14.66 -22.87
N VAL A 249 -38.58 -14.63 -22.63
CA VAL A 249 -37.69 -15.56 -23.32
C VAL A 249 -38.00 -17.02 -23.06
N PRO A 250 -38.01 -17.45 -21.78
CA PRO A 250 -38.32 -18.87 -21.53
C PRO A 250 -39.76 -19.22 -21.96
N ALA A 251 -40.69 -18.28 -21.85
CA ALA A 251 -42.05 -18.53 -22.36
C ALA A 251 -42.03 -18.84 -23.86
N ALA A 252 -41.30 -18.02 -24.63
CA ALA A 252 -41.23 -18.20 -26.07
C ALA A 252 -40.60 -19.54 -26.45
N TYR A 253 -39.56 -19.93 -25.71
CA TYR A 253 -38.92 -21.24 -25.92
C TYR A 253 -39.93 -22.33 -25.67
N ALA A 254 -40.68 -22.17 -24.58
CA ALA A 254 -41.66 -23.15 -24.19
C ALA A 254 -42.73 -23.25 -25.28
N ALA A 255 -43.11 -22.10 -25.85
CA ALA A 255 -44.11 -22.04 -26.90
C ALA A 255 -43.64 -22.77 -28.15
N GLN A 256 -42.33 -22.95 -28.25
CA GLN A 256 -41.73 -23.68 -29.37
C GLN A 256 -41.61 -25.17 -29.08
N GLY A 257 -42.09 -25.60 -27.92
CA GLY A 257 -42.08 -27.01 -27.57
C GLY A 257 -40.90 -27.53 -26.76
N TYR A 258 -40.11 -26.63 -26.19
CA TYR A 258 -38.95 -27.03 -25.41
C TYR A 258 -39.21 -27.01 -23.91
N LYS A 259 -38.49 -27.86 -23.18
CA LYS A 259 -38.47 -27.83 -21.72
C LYS A 259 -37.33 -26.88 -21.27
N VAL A 260 -37.67 -25.90 -20.42
CA VAL A 260 -36.74 -24.85 -19.98
C VAL A 260 -36.53 -24.82 -18.45
N LEU A 261 -35.27 -24.71 -18.01
CA LEU A 261 -34.92 -24.51 -16.59
C LEU A 261 -34.30 -23.14 -16.46
N VAL A 262 -34.90 -22.28 -15.64
CA VAL A 262 -34.42 -20.91 -15.48
C VAL A 262 -33.82 -20.77 -14.08
N LEU A 263 -32.50 -20.54 -14.02
CA LEU A 263 -31.80 -20.44 -12.74
C LEU A 263 -31.50 -18.98 -12.40
N ASN A 264 -31.78 -18.61 -11.17
CA ASN A 264 -31.59 -17.23 -10.76
C ASN A 264 -30.98 -17.20 -9.34
N PRO A 265 -30.16 -16.18 -9.03
CA PRO A 265 -29.54 -16.20 -7.69
C PRO A 265 -30.55 -16.13 -6.55
N SER A 266 -31.62 -15.37 -6.69
CA SER A 266 -32.46 -15.05 -5.53
C SER A 266 -33.78 -15.83 -5.44
N VAL A 267 -34.14 -16.19 -4.21
CA VAL A 267 -35.43 -16.81 -3.95
C VAL A 267 -36.58 -15.89 -4.35
N ALA A 268 -36.52 -14.63 -3.94
CA ALA A 268 -37.58 -13.67 -4.24
C ALA A 268 -37.81 -13.58 -5.75
N ALA A 269 -36.73 -13.35 -6.49
CA ALA A 269 -36.82 -13.28 -7.95
C ALA A 269 -37.45 -14.54 -8.53
N THR A 270 -36.97 -15.70 -8.11
CA THR A 270 -37.42 -16.97 -8.64
C THR A 270 -38.92 -17.18 -8.34
N LEU A 271 -39.35 -16.85 -7.14
CA LEU A 271 -40.77 -16.96 -6.80
C LEU A 271 -41.59 -15.94 -7.60
N GLY A 272 -41.04 -14.75 -7.78
CA GLY A 272 -41.71 -13.70 -8.53
C GLY A 272 -41.99 -14.08 -9.98
N PHE A 273 -41.00 -14.70 -10.62
CA PHE A 273 -41.13 -15.12 -12.01
C PHE A 273 -42.20 -16.18 -12.16
N GLY A 274 -42.16 -17.17 -11.27
CA GLY A 274 -43.17 -18.21 -11.28
C GLY A 274 -44.57 -17.64 -11.28
N ALA A 275 -44.88 -16.86 -10.25
CA ALA A 275 -46.19 -16.24 -10.13
C ALA A 275 -46.58 -15.48 -11.40
N TYR A 276 -45.62 -14.78 -11.98
CA TYR A 276 -45.88 -13.97 -13.18
C TYR A 276 -46.15 -14.85 -14.39
N MET A 277 -45.27 -15.83 -14.62
CA MET A 277 -45.41 -16.76 -15.72
C MET A 277 -46.77 -17.46 -15.71
N SER A 278 -47.36 -17.65 -14.54
CA SER A 278 -48.62 -18.38 -14.44
C SER A 278 -49.82 -17.56 -14.91
N LYS A 279 -49.73 -16.24 -14.76
CA LYS A 279 -50.84 -15.37 -15.15
C LYS A 279 -50.64 -14.67 -16.50
N ALA A 280 -49.42 -14.21 -16.76
CA ALA A 280 -49.15 -13.38 -17.93
C ALA A 280 -48.63 -14.18 -19.14
N HIS A 281 -48.37 -15.47 -18.93
CA HIS A 281 -47.93 -16.34 -20.00
C HIS A 281 -48.63 -17.68 -19.89
N GLY A 282 -49.65 -17.73 -19.06
CA GLY A 282 -50.53 -18.89 -18.98
C GLY A 282 -49.86 -20.24 -18.84
N ILE A 283 -49.07 -20.40 -17.79
CA ILE A 283 -48.47 -21.70 -17.45
C ILE A 283 -48.01 -21.69 -16.01
N ASP A 284 -48.18 -22.81 -15.32
CA ASP A 284 -47.80 -22.92 -13.93
C ASP A 284 -46.52 -23.69 -13.82
N PRO A 285 -45.40 -22.96 -13.80
CA PRO A 285 -44.06 -23.54 -13.82
C PRO A 285 -43.77 -24.31 -12.54
N ASN A 286 -42.95 -25.34 -12.65
CA ASN A 286 -42.42 -25.95 -11.46
C ASN A 286 -41.61 -24.87 -10.76
N ILE A 287 -41.40 -25.03 -9.46
CA ILE A 287 -40.65 -24.04 -8.69
C ILE A 287 -39.82 -24.76 -7.67
N ARG A 288 -38.55 -24.42 -7.62
CA ARG A 288 -37.65 -25.07 -6.70
C ARG A 288 -36.85 -24.00 -5.96
N THR A 289 -37.14 -23.87 -4.67
CA THR A 289 -36.40 -22.97 -3.78
C THR A 289 -36.35 -23.68 -2.42
N GLY A 290 -35.51 -23.16 -1.52
CA GLY A 290 -35.43 -23.76 -0.20
C GLY A 290 -36.78 -23.70 0.50
N VAL A 291 -37.42 -22.54 0.43
CA VAL A 291 -38.65 -22.29 1.18
C VAL A 291 -39.90 -22.81 0.46
N ARG A 292 -39.82 -22.98 -0.86
CA ARG A 292 -41.01 -23.36 -1.61
C ARG A 292 -40.64 -24.18 -2.83
N THR A 293 -41.05 -25.44 -2.83
CA THR A 293 -40.87 -26.31 -3.98
C THR A 293 -42.22 -26.83 -4.45
N ILE A 294 -42.48 -26.69 -5.75
CA ILE A 294 -43.74 -27.10 -6.34
C ILE A 294 -43.47 -27.84 -7.64
N THR A 295 -43.96 -29.06 -7.74
CA THR A 295 -43.90 -29.81 -8.99
C THR A 295 -45.28 -29.75 -9.66
N THR A 296 -45.36 -29.08 -10.80
CA THR A 296 -46.61 -29.03 -11.59
C THR A 296 -46.55 -29.91 -12.82
N GLY A 297 -45.35 -30.35 -13.18
CA GLY A 297 -45.15 -31.17 -14.35
C GLY A 297 -45.09 -30.36 -15.62
N ALA A 298 -45.29 -29.04 -15.47
CA ALA A 298 -45.13 -28.09 -16.58
C ALA A 298 -43.76 -28.20 -17.25
N PRO A 299 -43.62 -27.57 -18.43
CA PRO A 299 -42.35 -27.68 -19.18
C PRO A 299 -41.31 -26.65 -18.74
N VAL A 300 -41.70 -25.56 -18.09
CA VAL A 300 -40.77 -24.55 -17.57
C VAL A 300 -40.60 -24.67 -16.04
N THR A 301 -39.36 -24.65 -15.56
CA THR A 301 -39.06 -24.74 -14.12
C THR A 301 -38.21 -23.54 -13.71
N TYR A 302 -38.55 -22.92 -12.58
CA TYR A 302 -37.76 -21.83 -12.02
C TYR A 302 -37.10 -22.33 -10.74
N SER A 303 -35.80 -22.08 -10.61
CA SER A 303 -35.03 -22.55 -9.45
C SER A 303 -33.93 -21.56 -9.12
N THR A 304 -33.57 -21.47 -7.84
CA THR A 304 -32.34 -20.78 -7.46
C THR A 304 -31.14 -21.66 -7.86
N TYR A 305 -29.98 -21.03 -8.06
CA TYR A 305 -28.75 -21.83 -8.17
C TYR A 305 -28.55 -22.69 -6.92
N GLY A 306 -28.88 -22.15 -5.76
CA GLY A 306 -28.66 -22.88 -4.52
C GLY A 306 -29.48 -24.16 -4.45
N LYS A 307 -30.76 -24.09 -4.80
CA LYS A 307 -31.58 -25.31 -4.81
C LYS A 307 -31.13 -26.32 -5.86
N PHE A 308 -30.75 -25.81 -7.03
CA PHE A 308 -30.23 -26.63 -8.12
C PHE A 308 -29.03 -27.41 -7.61
N LEU A 309 -28.12 -26.73 -6.93
CA LEU A 309 -26.97 -27.40 -6.31
C LEU A 309 -27.38 -28.49 -5.31
N ALA A 310 -28.29 -28.14 -4.42
CA ALA A 310 -28.73 -29.08 -3.40
C ALA A 310 -29.44 -30.27 -4.05
N ASP A 311 -30.11 -30.01 -5.17
CA ASP A 311 -30.74 -31.09 -5.96
C ASP A 311 -29.71 -32.01 -6.62
N GLY A 312 -28.43 -31.69 -6.49
CA GLY A 312 -27.38 -32.49 -7.09
C GLY A 312 -27.03 -32.12 -8.53
N GLY A 313 -27.59 -31.01 -9.03
CA GLY A 313 -27.27 -30.55 -10.37
C GLY A 313 -28.22 -31.02 -11.48
N CYS A 314 -27.69 -31.18 -12.68
CA CYS A 314 -28.50 -31.55 -13.84
C CYS A 314 -29.02 -32.98 -13.75
N SER A 315 -30.34 -33.13 -13.77
CA SER A 315 -30.97 -34.44 -13.82
C SER A 315 -31.13 -34.91 -15.27
N GLY A 316 -30.59 -36.09 -15.58
CA GLY A 316 -30.65 -36.63 -16.93
C GLY A 316 -31.97 -36.47 -17.68
N GLY A 317 -31.89 -35.91 -18.89
CA GLY A 317 -33.02 -35.84 -19.80
C GLY A 317 -34.11 -34.84 -19.48
N ALA A 318 -33.92 -34.05 -18.42
CA ALA A 318 -35.01 -33.24 -17.91
C ALA A 318 -35.23 -31.95 -18.69
N TYR A 319 -34.18 -31.40 -19.29
CA TYR A 319 -34.29 -30.07 -19.90
C TYR A 319 -33.63 -29.99 -21.26
N ASP A 320 -34.29 -29.28 -22.17
CA ASP A 320 -33.69 -28.95 -23.45
C ASP A 320 -32.80 -27.73 -23.28
N ILE A 321 -33.27 -26.76 -22.51
CA ILE A 321 -32.60 -25.47 -22.42
C ILE A 321 -32.39 -25.09 -20.94
N ILE A 322 -31.22 -24.58 -20.61
CA ILE A 322 -30.96 -24.07 -19.27
C ILE A 322 -30.51 -22.62 -19.37
N ILE A 323 -31.30 -21.72 -18.78
CA ILE A 323 -30.99 -20.31 -18.78
C ILE A 323 -30.37 -19.99 -17.43
N CYS A 324 -29.12 -19.59 -17.48
CA CYS A 324 -28.43 -19.17 -16.27
C CYS A 324 -28.63 -17.68 -16.24
N ASP A 325 -29.67 -17.24 -15.54
CA ASP A 325 -30.04 -15.83 -15.49
C ASP A 325 -29.09 -15.09 -14.54
N GLU A 326 -28.96 -13.77 -14.71
CA GLU A 326 -27.98 -12.97 -13.95
C GLU A 326 -26.60 -13.65 -13.89
N CYS A 327 -26.08 -14.07 -15.04
CA CYS A 327 -24.81 -14.80 -15.09
C CYS A 327 -23.56 -13.96 -14.83
N HIS A 328 -23.71 -12.64 -14.68
CA HIS A 328 -22.60 -11.78 -14.29
C HIS A 328 -22.34 -11.88 -12.77
N SER A 329 -23.30 -12.42 -12.04
CA SER A 329 -23.21 -12.49 -10.57
C SER A 329 -21.97 -13.26 -10.10
N THR A 330 -21.21 -12.66 -9.19
CA THR A 330 -19.99 -13.31 -8.70
C THR A 330 -20.08 -13.77 -7.24
N ASP A 331 -21.30 -14.01 -6.76
CA ASP A 331 -21.46 -14.70 -5.47
C ASP A 331 -21.13 -16.18 -5.67
N SER A 332 -20.65 -16.83 -4.61
CA SER A 332 -20.16 -18.20 -4.72
C SER A 332 -21.22 -19.21 -5.17
N THR A 333 -22.46 -19.01 -4.75
CA THR A 333 -23.54 -19.95 -5.12
C THR A 333 -23.79 -19.92 -6.64
N THR A 334 -23.76 -18.73 -7.22
CA THR A 334 -23.97 -18.59 -8.66
C THR A 334 -22.83 -19.20 -9.46
N ILE A 335 -21.61 -18.88 -9.07
CA ILE A 335 -20.44 -19.38 -9.76
C ILE A 335 -20.39 -20.91 -9.72
N LEU A 336 -20.63 -21.49 -8.54
CA LEU A 336 -20.57 -22.95 -8.42
C LEU A 336 -21.75 -23.57 -9.19
N GLY A 337 -22.89 -22.88 -9.18
CA GLY A 337 -24.08 -23.37 -9.85
C GLY A 337 -23.93 -23.34 -11.36
N ILE A 338 -23.38 -22.23 -11.88
CA ILE A 338 -23.11 -22.13 -13.30
C ILE A 338 -22.02 -23.10 -13.74
N GLY A 339 -20.99 -23.26 -12.92
CA GLY A 339 -19.97 -24.26 -13.22
C GLY A 339 -20.55 -25.67 -13.29
N THR A 340 -21.53 -25.92 -12.45
CA THR A 340 -22.18 -27.23 -12.43
C THR A 340 -23.01 -27.41 -13.70
N VAL A 341 -23.74 -26.36 -14.10
CA VAL A 341 -24.49 -26.41 -15.36
C VAL A 341 -23.55 -26.71 -16.52
N LEU A 342 -22.39 -26.08 -16.51
CA LEU A 342 -21.50 -26.15 -17.66
C LEU A 342 -20.80 -27.50 -17.74
N ASP A 343 -20.52 -28.09 -16.58
CA ASP A 343 -19.90 -29.41 -16.57
C ASP A 343 -20.89 -30.53 -16.92
N GLN A 344 -22.17 -30.32 -16.62
CA GLN A 344 -23.14 -31.41 -16.60
C GLN A 344 -24.18 -31.39 -17.72
N ALA A 345 -24.47 -30.21 -18.25
CA ALA A 345 -25.62 -30.02 -19.13
C ALA A 345 -25.63 -30.95 -20.35
N GLU A 346 -24.55 -30.97 -21.11
CA GLU A 346 -24.51 -31.77 -22.34
C GLU A 346 -24.75 -33.25 -22.03
N THR A 347 -24.03 -33.78 -21.06
CA THR A 347 -24.19 -35.17 -20.68
C THR A 347 -25.60 -35.45 -20.15
N ALA A 348 -26.29 -34.41 -19.68
CA ALA A 348 -27.66 -34.56 -19.17
C ALA A 348 -28.72 -34.35 -20.25
N GLY A 349 -28.28 -34.16 -21.49
CA GLY A 349 -29.19 -34.07 -22.62
C GLY A 349 -29.66 -32.67 -23.01
N ALA A 350 -29.12 -31.63 -22.40
CA ALA A 350 -29.52 -30.29 -22.77
C ALA A 350 -29.12 -30.03 -24.21
N ARG A 351 -29.85 -29.18 -24.89
CA ARG A 351 -29.47 -28.76 -26.24
C ARG A 351 -28.73 -27.42 -26.20
N LEU A 352 -29.03 -26.62 -25.18
CA LEU A 352 -28.58 -25.23 -25.16
C LEU A 352 -28.44 -24.69 -23.72
N VAL A 353 -27.29 -24.10 -23.43
CA VAL A 353 -27.16 -23.30 -22.22
C VAL A 353 -27.10 -21.83 -22.61
N VAL A 354 -27.97 -21.03 -22.01
CA VAL A 354 -27.98 -19.60 -22.24
C VAL A 354 -27.45 -18.82 -21.04
N LEU A 355 -26.38 -18.08 -21.24
CA LEU A 355 -25.80 -17.24 -20.19
C LEU A 355 -26.35 -15.82 -20.33
N ALA A 356 -27.34 -15.51 -19.51
CA ALA A 356 -28.15 -14.30 -19.68
C ALA A 356 -27.81 -13.22 -18.65
N THR A 357 -27.60 -11.99 -19.13
CA THR A 357 -27.37 -10.86 -18.25
C THR A 357 -27.61 -9.55 -18.98
N ALA A 358 -27.89 -8.49 -18.25
CA ALA A 358 -27.93 -7.15 -18.83
C ALA A 358 -26.58 -6.50 -18.79
N THR A 359 -25.68 -7.03 -17.96
CA THR A 359 -24.40 -6.40 -17.75
C THR A 359 -23.26 -7.41 -17.78
N PRO A 360 -22.88 -7.88 -18.96
CA PRO A 360 -21.78 -8.83 -19.10
C PRO A 360 -20.41 -8.19 -18.81
N PRO A 361 -19.35 -9.00 -18.67
CA PRO A 361 -18.02 -8.50 -18.34
C PRO A 361 -17.55 -7.51 -19.37
N GLY A 362 -17.01 -6.38 -18.93
CA GLY A 362 -16.56 -5.35 -19.87
C GLY A 362 -17.59 -4.24 -20.09
N SER A 363 -18.82 -4.47 -19.66
CA SER A 363 -19.86 -3.49 -19.92
C SER A 363 -19.68 -2.26 -19.03
N VAL A 364 -20.29 -1.15 -19.46
CA VAL A 364 -20.20 0.09 -18.70
C VAL A 364 -21.58 0.71 -18.53
N THR A 365 -21.73 1.56 -17.54
CA THR A 365 -22.98 2.25 -17.36
C THR A 365 -23.04 3.41 -18.38
N VAL A 366 -24.09 3.41 -19.19
CA VAL A 366 -24.20 4.43 -20.25
C VAL A 366 -25.33 5.42 -19.96
N PRO A 367 -25.21 6.64 -20.49
CA PRO A 367 -26.23 7.66 -20.28
C PRO A 367 -27.62 7.13 -20.67
N HIS A 368 -28.61 7.44 -19.85
CA HIS A 368 -29.96 6.93 -20.02
C HIS A 368 -30.95 8.09 -20.14
N PRO A 369 -31.59 8.23 -21.32
CA PRO A 369 -32.59 9.27 -21.59
C PRO A 369 -33.46 9.66 -20.39
N ASN A 370 -34.15 8.70 -19.79
CA ASN A 370 -35.03 8.97 -18.65
C ASN A 370 -34.34 9.21 -17.32
N ILE A 371 -33.03 9.44 -17.33
CA ILE A 371 -32.29 9.60 -16.10
C ILE A 371 -31.37 10.81 -16.16
N GLU A 372 -31.70 11.83 -15.37
CA GLU A 372 -30.74 12.91 -15.20
C GLU A 372 -29.86 12.60 -13.98
N GLU A 373 -28.56 12.73 -14.18
CA GLU A 373 -27.58 12.32 -13.17
C GLU A 373 -26.96 13.52 -12.50
N VAL A 374 -27.29 13.73 -11.23
CA VAL A 374 -26.87 14.94 -10.53
C VAL A 374 -25.90 14.67 -9.37
N ALA A 375 -24.71 15.24 -9.49
CA ALA A 375 -23.68 15.09 -8.47
C ALA A 375 -24.12 15.79 -7.19
N LEU A 376 -24.02 15.09 -6.06
CA LEU A 376 -24.21 15.75 -4.77
C LEU A 376 -23.05 16.70 -4.52
N SER A 377 -23.33 17.83 -3.87
CA SER A 377 -22.29 18.75 -3.48
C SER A 377 -22.28 18.83 -1.97
N ASN A 378 -21.60 19.84 -1.43
CA ASN A 378 -21.52 19.99 0.01
C ASN A 378 -22.68 20.81 0.61
N THR A 379 -23.61 21.19 -0.27
CA THR A 379 -24.77 21.98 0.11
C THR A 379 -26.00 21.12 0.38
N GLY A 380 -26.38 20.99 1.65
CA GLY A 380 -27.53 20.18 2.03
C GLY A 380 -27.57 19.95 3.51
N GLU A 381 -28.77 19.71 4.04
CA GLU A 381 -28.97 19.56 5.48
C GLU A 381 -28.59 18.17 5.95
N ILE A 382 -28.44 17.26 5.00
CA ILE A 382 -28.24 15.86 5.34
C ILE A 382 -26.85 15.36 4.91
N PRO A 383 -25.96 15.14 5.89
CA PRO A 383 -24.62 14.61 5.59
C PRO A 383 -24.74 13.21 4.99
N PHE A 384 -24.04 12.97 3.87
CA PHE A 384 -24.09 11.67 3.19
C PHE A 384 -22.72 11.34 2.59
N TYR A 385 -21.96 10.47 3.26
CA TYR A 385 -20.68 10.01 2.73
C TYR A 385 -19.78 11.16 2.25
N GLY A 386 -19.64 12.19 3.07
CA GLY A 386 -18.75 13.31 2.76
C GLY A 386 -19.40 14.43 1.98
N LYS A 387 -20.59 14.18 1.45
CA LYS A 387 -21.34 15.22 0.76
C LYS A 387 -22.62 15.43 1.53
N ALA A 388 -23.60 16.08 0.91
CA ALA A 388 -24.85 16.30 1.60
C ALA A 388 -26.05 16.16 0.67
N ILE A 389 -27.18 15.79 1.26
CA ILE A 389 -28.42 15.71 0.50
C ILE A 389 -29.34 16.92 0.79
N PRO A 390 -29.59 17.77 -0.23
CA PRO A 390 -30.55 18.86 -0.09
C PRO A 390 -31.93 18.34 0.26
N ILE A 391 -32.49 18.79 1.38
CA ILE A 391 -33.76 18.27 1.89
C ILE A 391 -34.93 18.41 0.90
N GLU A 392 -34.79 19.32 -0.07
CA GLU A 392 -35.85 19.53 -1.07
C GLU A 392 -35.78 18.53 -2.23
N ALA A 393 -34.78 17.64 -2.19
CA ALA A 393 -34.63 16.64 -3.23
C ALA A 393 -35.28 15.32 -2.85
N ILE A 394 -35.72 15.23 -1.60
CA ILE A 394 -36.35 14.00 -1.09
C ILE A 394 -37.53 14.28 -0.15
N ARG A 395 -37.93 15.55 -0.02
CA ARG A 395 -39.00 15.90 0.92
C ARG A 395 -40.38 15.45 0.41
N GLY A 396 -40.62 15.63 -0.88
CA GLY A 396 -41.86 15.15 -1.47
C GLY A 396 -41.60 14.09 -2.50
N GLY A 397 -42.34 12.99 -2.42
CA GLY A 397 -42.24 11.95 -3.43
C GLY A 397 -41.75 10.62 -2.88
N ARG A 398 -41.22 9.79 -3.78
CA ARG A 398 -40.72 8.46 -3.43
C ARG A 398 -39.29 8.30 -3.93
N HIS A 399 -38.36 8.10 -3.00
CA HIS A 399 -36.94 8.07 -3.34
C HIS A 399 -36.22 6.89 -2.69
N LEU A 400 -35.13 6.46 -3.32
CA LEU A 400 -34.32 5.35 -2.82
C LEU A 400 -32.85 5.77 -2.55
N ILE A 401 -32.35 5.40 -1.38
CA ILE A 401 -30.98 5.76 -0.99
C ILE A 401 -30.15 4.53 -0.64
N PHE A 402 -29.06 4.32 -1.39
CA PHE A 402 -28.21 3.14 -1.19
C PHE A 402 -27.02 3.44 -0.25
N CYS A 403 -26.96 2.73 0.88
CA CYS A 403 -25.79 2.81 1.78
C CYS A 403 -25.05 1.48 1.79
N HIS A 404 -23.78 1.50 2.19
CA HIS A 404 -22.91 0.34 2.09
C HIS A 404 -23.03 -0.60 3.26
N SER A 405 -23.63 -0.12 4.36
CA SER A 405 -23.78 -0.93 5.55
C SER A 405 -25.18 -0.79 6.17
N LYS A 406 -25.48 -1.70 7.10
CA LYS A 406 -26.76 -1.68 7.79
C LYS A 406 -26.83 -0.47 8.74
N LYS A 407 -25.77 -0.30 9.55
CA LYS A 407 -25.63 0.85 10.43
C LYS A 407 -26.03 2.15 9.72
N LYS A 408 -25.40 2.43 8.59
CA LYS A 408 -25.67 3.68 7.89
C LYS A 408 -27.16 3.78 7.58
N CYS A 409 -27.72 2.69 7.09
CA CYS A 409 -29.14 2.63 6.79
C CYS A 409 -30.00 2.98 8.00
N ASP A 410 -29.66 2.43 9.16
CA ASP A 410 -30.42 2.73 10.36
C ASP A 410 -30.28 4.21 10.73
N GLU A 411 -29.04 4.69 10.67
CA GLU A 411 -28.72 6.04 11.13
C GLU A 411 -29.31 7.11 10.23
N LEU A 412 -29.29 6.89 8.92
CA LEU A 412 -29.87 7.85 8.00
C LEU A 412 -31.40 7.85 8.06
N ALA A 413 -31.98 6.68 8.28
CA ALA A 413 -33.43 6.55 8.46
C ALA A 413 -33.85 7.32 9.70
N ALA A 414 -33.11 7.10 10.79
CA ALA A 414 -33.36 7.76 12.06
C ALA A 414 -33.33 9.28 11.94
N LYS A 415 -32.32 9.79 11.25
CA LYS A 415 -32.19 11.23 11.07
C LYS A 415 -33.35 11.78 10.24
N LEU A 416 -33.57 11.17 9.08
CA LEU A 416 -34.60 11.63 8.14
C LEU A 416 -36.00 11.72 8.74
N SER A 417 -36.39 10.67 9.46
CA SER A 417 -37.70 10.62 10.10
C SER A 417 -37.81 11.73 11.14
N GLY A 418 -36.74 11.92 11.90
CA GLY A 418 -36.67 12.98 12.89
C GLY A 418 -36.58 14.37 12.28
N LEU A 419 -36.73 14.45 10.97
CA LEU A 419 -36.81 15.73 10.26
C LEU A 419 -38.11 15.88 9.48
N GLY A 420 -39.08 15.02 9.79
CA GLY A 420 -40.40 15.11 9.20
C GLY A 420 -40.53 14.41 7.86
N ILE A 421 -39.54 13.60 7.51
CA ILE A 421 -39.60 12.82 6.28
C ILE A 421 -39.90 11.35 6.55
N ASN A 422 -40.86 10.81 5.80
CA ASN A 422 -41.28 9.42 5.93
C ASN A 422 -40.21 8.45 5.44
N ALA A 423 -39.26 8.14 6.32
CA ALA A 423 -38.10 7.34 5.94
C ALA A 423 -38.17 5.92 6.51
N VAL A 424 -37.83 4.94 5.68
CA VAL A 424 -37.83 3.54 6.11
C VAL A 424 -36.52 2.84 5.71
N ALA A 425 -35.99 2.03 6.62
CA ALA A 425 -34.73 1.35 6.37
C ALA A 425 -34.97 -0.07 5.88
N TYR A 426 -34.27 -0.45 4.81
CA TYR A 426 -34.36 -1.83 4.32
C TYR A 426 -33.02 -2.45 4.00
N TYR A 427 -32.83 -3.69 4.47
CA TYR A 427 -31.65 -4.46 4.15
C TYR A 427 -31.87 -5.92 4.51
N ARG A 428 -30.82 -6.75 4.38
CA ARG A 428 -30.98 -8.18 4.58
C ARG A 428 -31.33 -8.48 6.04
N GLY A 429 -32.35 -9.32 6.21
CA GLY A 429 -32.89 -9.65 7.53
C GLY A 429 -34.29 -9.10 7.75
N LEU A 430 -34.57 -7.95 7.14
CA LEU A 430 -35.82 -7.23 7.37
C LEU A 430 -37.00 -7.73 6.53
N ASP A 431 -38.20 -7.43 6.99
CA ASP A 431 -39.41 -7.73 6.26
C ASP A 431 -39.60 -6.72 5.13
N VAL A 432 -39.68 -7.20 3.90
CA VAL A 432 -39.79 -6.32 2.74
C VAL A 432 -41.01 -5.39 2.82
N SER A 433 -42.08 -5.87 3.43
CA SER A 433 -43.34 -5.12 3.52
C SER A 433 -43.16 -3.74 4.18
N VAL A 434 -42.10 -3.58 4.95
CA VAL A 434 -41.85 -2.31 5.62
C VAL A 434 -41.74 -1.17 4.60
N ILE A 435 -41.61 -1.54 3.33
CA ILE A 435 -41.56 -0.56 2.26
C ILE A 435 -42.95 -0.23 1.74
N PRO A 436 -43.43 1.00 2.03
CA PRO A 436 -44.70 1.48 1.48
C PRO A 436 -44.71 1.35 -0.04
N THR A 437 -45.72 0.65 -0.56
CA THR A 437 -45.83 0.44 -1.99
C THR A 437 -46.51 1.61 -2.70
N ILE A 438 -47.05 2.54 -1.92
CA ILE A 438 -47.55 3.82 -2.44
C ILE A 438 -47.45 4.94 -1.38
N GLY A 439 -47.47 6.19 -1.83
CA GLY A 439 -47.34 7.34 -0.93
C GLY A 439 -45.90 7.74 -0.67
N ASP A 440 -45.68 9.04 -0.48
CA ASP A 440 -44.34 9.57 -0.21
C ASP A 440 -43.54 8.70 0.78
N VAL A 441 -42.35 8.28 0.35
CA VAL A 441 -41.40 7.57 1.21
C VAL A 441 -39.96 7.74 0.72
N VAL A 442 -39.02 7.67 1.66
CA VAL A 442 -37.59 7.61 1.36
C VAL A 442 -37.01 6.33 1.95
N VAL A 443 -36.68 5.39 1.07
CA VAL A 443 -36.14 4.09 1.47
C VAL A 443 -34.61 4.15 1.52
N VAL A 444 -34.05 3.87 2.70
CA VAL A 444 -32.61 3.83 2.89
C VAL A 444 -32.20 2.37 2.97
N ALA A 445 -31.48 1.89 1.96
CA ALA A 445 -31.29 0.46 1.78
C ALA A 445 -29.87 0.07 1.39
N THR A 446 -29.48 -1.15 1.74
CA THR A 446 -28.30 -1.76 1.14
C THR A 446 -28.72 -2.40 -0.18
N ASP A 447 -27.85 -3.23 -0.73
CA ASP A 447 -28.13 -3.86 -2.01
C ASP A 447 -29.20 -4.96 -1.96
N ALA A 448 -29.66 -5.28 -0.75
CA ALA A 448 -30.75 -6.24 -0.59
C ALA A 448 -31.96 -5.81 -1.40
N LEU A 449 -32.12 -4.50 -1.59
CA LEU A 449 -33.26 -4.01 -2.36
C LEU A 449 -33.32 -4.59 -3.77
N MET A 450 -32.16 -4.89 -4.37
CA MET A 450 -32.10 -5.35 -5.75
C MET A 450 -32.98 -6.57 -6.02
N THR A 451 -32.79 -7.62 -5.23
CA THR A 451 -33.61 -8.83 -5.36
C THR A 451 -34.87 -8.73 -4.48
N GLY A 452 -34.70 -8.21 -3.28
CA GLY A 452 -35.75 -8.24 -2.27
C GLY A 452 -37.03 -7.47 -2.53
N TYR A 453 -36.94 -6.36 -3.27
CA TYR A 453 -38.11 -5.51 -3.50
C TYR A 453 -38.19 -5.09 -4.96
N THR A 454 -39.40 -5.07 -5.51
CA THR A 454 -39.54 -4.67 -6.91
C THR A 454 -40.31 -3.36 -6.96
N GLY A 455 -39.90 -2.46 -7.83
CA GLY A 455 -40.56 -1.18 -7.93
C GLY A 455 -39.62 -0.01 -8.04
N ASP A 456 -40.09 1.05 -8.70
CA ASP A 456 -39.27 2.21 -9.00
C ASP A 456 -39.38 3.30 -7.97
N PHE A 457 -38.55 4.32 -8.14
CA PHE A 457 -38.59 5.49 -7.30
C PHE A 457 -38.36 6.71 -8.19
N ASP A 458 -38.77 7.87 -7.70
CA ASP A 458 -38.60 9.11 -8.45
C ASP A 458 -37.11 9.36 -8.68
N SER A 459 -36.31 9.03 -7.68
CA SER A 459 -34.87 9.19 -7.81
C SER A 459 -34.12 8.18 -6.97
N VAL A 460 -32.87 7.96 -7.35
CA VAL A 460 -31.96 7.17 -6.54
C VAL A 460 -30.75 8.01 -6.12
N ILE A 461 -30.40 7.91 -4.84
CA ILE A 461 -29.15 8.51 -4.36
C ILE A 461 -28.20 7.40 -3.92
N ASP A 462 -26.99 7.41 -4.47
CA ASP A 462 -26.05 6.29 -4.36
C ASP A 462 -24.74 6.67 -3.67
N CYS A 463 -24.41 5.98 -2.59
CA CYS A 463 -23.13 6.19 -1.91
C CYS A 463 -21.93 5.77 -2.78
N ASN A 464 -22.19 4.94 -3.78
CA ASN A 464 -21.17 4.53 -4.75
C ASN A 464 -20.08 3.62 -4.21
N THR A 465 -20.31 3.01 -3.06
CA THR A 465 -19.33 2.07 -2.51
C THR A 465 -20.07 0.80 -2.12
N CYS A 466 -19.31 -0.24 -1.81
CA CYS A 466 -19.92 -1.49 -1.39
C CYS A 466 -18.88 -2.32 -0.65
N VAL A 467 -19.33 -3.39 0.00
CA VAL A 467 -18.45 -4.17 0.85
C VAL A 467 -18.04 -5.42 0.11
N THR A 468 -16.75 -5.73 0.13
CA THR A 468 -16.27 -6.92 -0.57
C THR A 468 -15.23 -7.65 0.27
N GLN A 469 -14.98 -8.92 -0.05
CA GLN A 469 -13.91 -9.68 0.59
C GLN A 469 -12.80 -9.99 -0.38
N THR A 470 -11.57 -10.00 0.12
CA THR A 470 -10.44 -10.36 -0.73
C THR A 470 -9.46 -11.20 0.07
N VAL A 471 -8.70 -12.03 -0.62
CA VAL A 471 -7.70 -12.85 0.05
C VAL A 471 -6.31 -12.24 -0.08
N ASP A 472 -5.53 -12.35 0.98
CA ASP A 472 -4.13 -11.95 0.95
C ASP A 472 -3.31 -13.19 1.31
N PHE A 473 -2.34 -13.54 0.49
CA PHE A 473 -1.51 -14.70 0.78
C PHE A 473 -0.36 -14.22 1.65
N SER A 474 -0.70 -13.96 2.91
CA SER A 474 0.12 -13.20 3.82
C SER A 474 1.20 -14.01 4.56
N LEU A 475 1.05 -15.32 4.53
CA LEU A 475 2.05 -16.23 5.10
C LEU A 475 2.31 -15.96 6.57
N ASP A 476 1.28 -15.59 7.32
CA ASP A 476 1.46 -15.16 8.69
C ASP A 476 0.43 -15.80 9.60
N PRO A 477 0.27 -17.12 9.53
CA PRO A 477 1.11 -18.10 8.87
C PRO A 477 0.70 -18.52 7.45
N THR A 478 -0.54 -18.26 7.03
CA THR A 478 -1.03 -18.88 5.81
C THR A 478 -1.68 -17.83 4.88
N PHE A 479 -2.98 -17.62 5.04
CA PHE A 479 -3.66 -16.57 4.30
C PHE A 479 -4.59 -15.79 5.21
N THR A 480 -5.14 -14.72 4.67
CA THR A 480 -6.05 -13.83 5.36
C THR A 480 -7.20 -13.49 4.43
N ILE A 481 -8.43 -13.60 4.91
CA ILE A 481 -9.57 -13.05 4.18
C ILE A 481 -9.93 -11.76 4.88
N GLU A 482 -9.99 -10.67 4.15
CA GLU A 482 -10.33 -9.38 4.76
C GLU A 482 -11.51 -8.74 4.06
N THR A 483 -12.28 -7.98 4.83
CA THR A 483 -13.48 -7.32 4.35
C THR A 483 -13.15 -5.84 4.29
N THR A 484 -13.38 -5.23 3.14
CA THR A 484 -13.11 -3.80 3.01
C THR A 484 -14.25 -3.12 2.25
N THR A 485 -14.29 -1.79 2.36
CA THR A 485 -15.24 -0.97 1.64
C THR A 485 -14.49 -0.42 0.44
N VAL A 486 -15.05 -0.64 -0.76
CA VAL A 486 -14.41 -0.21 -2.01
C VAL A 486 -15.37 0.57 -2.94
N PRO A 487 -14.82 1.33 -3.89
CA PRO A 487 -15.70 1.96 -4.88
C PRO A 487 -16.48 0.92 -5.67
N GLN A 488 -17.73 1.20 -5.98
CA GLN A 488 -18.57 0.26 -6.75
C GLN A 488 -18.08 0.03 -8.17
N ASP A 489 -18.46 -1.11 -8.74
CA ASP A 489 -18.16 -1.41 -10.13
C ASP A 489 -19.36 -1.06 -11.02
N ALA A 490 -19.21 -1.24 -12.34
CA ALA A 490 -20.23 -0.82 -13.29
C ALA A 490 -21.54 -1.60 -13.16
N VAL A 491 -21.44 -2.87 -12.78
CA VAL A 491 -22.63 -3.65 -12.48
C VAL A 491 -23.36 -3.00 -11.31
N SER A 492 -22.66 -2.73 -10.22
CA SER A 492 -23.26 -2.04 -9.09
C SER A 492 -23.90 -0.71 -9.53
N ARG A 493 -23.15 0.13 -10.23
CA ARG A 493 -23.71 1.44 -10.60
C ARG A 493 -24.99 1.28 -11.39
N SER A 494 -24.93 0.49 -12.46
CA SER A 494 -26.07 0.39 -13.39
C SER A 494 -27.29 -0.22 -12.71
N GLN A 495 -27.06 -1.12 -11.77
CA GLN A 495 -28.16 -1.76 -11.06
C GLN A 495 -28.87 -0.85 -10.07
N ARG A 496 -28.08 -0.12 -9.30
CA ARG A 496 -28.59 0.85 -8.34
C ARG A 496 -29.32 1.99 -9.09
N ARG A 497 -28.73 2.44 -10.19
CA ARG A 497 -29.28 3.53 -10.99
C ARG A 497 -30.57 3.14 -11.70
N GLY A 498 -30.70 1.87 -12.02
CA GLY A 498 -31.85 1.36 -12.75
C GLY A 498 -33.11 1.26 -11.91
N ARG A 499 -33.05 1.67 -10.65
CA ARG A 499 -34.25 1.68 -9.82
C ARG A 499 -35.08 2.96 -9.99
N THR A 500 -34.74 3.74 -11.00
CA THR A 500 -35.47 4.95 -11.32
C THR A 500 -35.35 5.15 -12.82
N GLY A 501 -36.25 5.92 -13.40
CA GLY A 501 -36.23 6.19 -14.83
C GLY A 501 -36.81 5.07 -15.66
N ARG A 502 -37.55 4.18 -15.02
CA ARG A 502 -38.17 3.05 -15.70
C ARG A 502 -39.51 3.47 -16.33
N GLY A 503 -39.45 3.90 -17.58
CA GLY A 503 -40.64 4.32 -18.31
C GLY A 503 -41.01 5.76 -18.02
N ARG A 504 -40.63 6.25 -16.84
CA ARG A 504 -40.92 7.61 -16.43
C ARG A 504 -39.61 8.41 -16.34
N ARG A 505 -39.71 9.69 -15.99
CA ARG A 505 -38.53 10.49 -15.74
C ARG A 505 -37.93 10.10 -14.38
N GLY A 506 -36.60 10.14 -14.29
CA GLY A 506 -35.93 9.78 -13.04
C GLY A 506 -34.65 10.56 -12.80
N ILE A 507 -34.28 10.66 -11.53
CA ILE A 507 -33.05 11.36 -11.15
C ILE A 507 -32.08 10.44 -10.42
N TYR A 508 -30.83 10.45 -10.84
CA TYR A 508 -29.80 9.69 -10.14
C TYR A 508 -28.79 10.64 -9.54
N ARG A 509 -28.68 10.61 -8.21
CA ARG A 509 -27.72 11.45 -7.51
C ARG A 509 -26.59 10.61 -6.91
N PHE A 510 -25.36 11.09 -7.01
CA PHE A 510 -24.20 10.29 -6.64
C PHE A 510 -23.12 11.05 -5.92
N VAL A 511 -22.47 10.37 -4.98
CA VAL A 511 -21.30 10.90 -4.30
C VAL A 511 -20.11 11.00 -5.25
N THR A 512 -19.81 9.93 -5.98
CA THR A 512 -18.69 9.93 -6.93
C THR A 512 -19.14 9.48 -8.33
N PRO A 513 -18.44 9.94 -9.39
CA PRO A 513 -18.85 9.75 -10.78
C PRO A 513 -18.30 8.54 -11.52
N GLY A 514 -17.26 7.89 -11.02
CA GLY A 514 -16.65 6.82 -11.79
C GLY A 514 -17.34 5.48 -11.62
N GLU A 515 -16.67 4.42 -12.05
CA GLU A 515 -17.07 3.05 -11.74
C GLU A 515 -15.89 2.15 -12.06
N ARG A 516 -15.66 1.15 -11.21
CA ARG A 516 -14.59 0.18 -11.45
C ARG A 516 -15.06 -0.82 -12.50
N PRO A 517 -14.12 -1.43 -13.23
CA PRO A 517 -14.49 -2.35 -14.32
C PRO A 517 -15.32 -3.54 -13.83
N SER A 518 -16.22 -4.02 -14.69
CA SER A 518 -17.12 -5.13 -14.38
C SER A 518 -16.48 -6.44 -14.79
N GLY A 519 -17.01 -7.54 -14.28
CA GLY A 519 -16.65 -8.87 -14.78
C GLY A 519 -15.43 -9.52 -14.16
N MET A 520 -14.94 -9.00 -13.03
CA MET A 520 -13.84 -9.65 -12.33
C MET A 520 -14.25 -10.00 -10.91
N PHE A 521 -13.71 -11.10 -10.38
CA PHE A 521 -13.93 -11.41 -8.97
C PHE A 521 -12.66 -11.94 -8.29
N ASP A 522 -12.67 -11.94 -6.96
CA ASP A 522 -11.50 -12.27 -6.18
C ASP A 522 -11.35 -13.79 -5.91
N SER A 523 -10.11 -14.24 -5.75
CA SER A 523 -9.84 -15.62 -5.36
C SER A 523 -10.59 -16.03 -4.08
N SER A 524 -10.87 -15.08 -3.20
CA SER A 524 -11.66 -15.40 -2.00
C SER A 524 -13.01 -16.04 -2.35
N VAL A 525 -13.58 -15.67 -3.50
CA VAL A 525 -14.83 -16.29 -3.93
C VAL A 525 -14.65 -17.79 -4.24
N LEU A 526 -13.52 -18.14 -4.83
CA LEU A 526 -13.21 -19.55 -5.07
C LEU A 526 -13.18 -20.27 -3.73
N CYS A 527 -12.50 -19.68 -2.75
CA CYS A 527 -12.46 -20.25 -1.41
C CYS A 527 -13.88 -20.50 -0.88
N GLU A 528 -14.75 -19.50 -0.98
CA GLU A 528 -16.15 -19.68 -0.59
C GLU A 528 -16.85 -20.82 -1.33
N CYS A 529 -16.57 -20.99 -2.61
CA CYS A 529 -17.14 -22.15 -3.34
C CYS A 529 -16.72 -23.52 -2.73
N TYR A 530 -15.44 -23.70 -2.42
CA TYR A 530 -15.01 -24.96 -1.76
C TYR A 530 -15.67 -25.12 -0.39
N ASP A 531 -15.75 -24.01 0.33
CA ASP A 531 -16.41 -23.96 1.63
C ASP A 531 -17.86 -24.44 1.52
N ALA A 532 -18.60 -23.90 0.54
CA ALA A 532 -20.00 -24.24 0.38
C ALA A 532 -20.14 -25.65 -0.14
N GLY A 533 -19.21 -26.08 -0.99
CA GLY A 533 -19.13 -27.46 -1.44
C GLY A 533 -19.08 -28.43 -0.27
N CYS A 534 -18.17 -28.17 0.67
CA CYS A 534 -17.99 -29.00 1.86
C CYS A 534 -19.12 -28.83 2.89
N ALA A 535 -19.61 -27.60 3.03
CA ALA A 535 -20.60 -27.33 4.07
C ALA A 535 -22.03 -27.73 3.71
N TRP A 536 -22.43 -27.46 2.46
CA TRP A 536 -23.83 -27.59 2.07
C TRP A 536 -24.16 -28.69 1.04
N TYR A 537 -23.24 -28.94 0.10
CA TYR A 537 -23.59 -29.73 -1.09
C TYR A 537 -22.90 -31.11 -1.14
N GLU A 538 -22.24 -31.47 -0.04
CA GLU A 538 -21.50 -32.73 0.02
C GLU A 538 -20.60 -32.96 -1.18
N LEU A 539 -19.87 -31.92 -1.56
CA LEU A 539 -18.92 -32.02 -2.65
C LEU A 539 -17.52 -32.18 -2.06
N THR A 540 -16.78 -33.17 -2.52
CA THR A 540 -15.37 -33.26 -2.17
C THR A 540 -14.70 -32.08 -2.87
N PRO A 541 -13.55 -31.63 -2.35
CA PRO A 541 -12.83 -30.55 -3.04
C PRO A 541 -12.50 -30.90 -4.49
N ALA A 542 -12.19 -32.17 -4.77
CA ALA A 542 -11.97 -32.62 -6.14
C ALA A 542 -13.19 -32.35 -7.03
N GLU A 543 -14.37 -32.66 -6.53
CA GLU A 543 -15.61 -32.47 -7.30
C GLU A 543 -15.87 -30.99 -7.53
N THR A 544 -15.62 -30.18 -6.50
CA THR A 544 -15.79 -28.74 -6.63
C THR A 544 -14.84 -28.21 -7.70
N SER A 545 -13.60 -28.69 -7.71
CA SER A 545 -12.62 -28.25 -8.72
C SER A 545 -13.08 -28.51 -10.15
N VAL A 546 -13.72 -29.65 -10.37
CA VAL A 546 -14.27 -29.96 -11.69
C VAL A 546 -15.32 -28.94 -12.14
N ARG A 547 -16.25 -28.56 -11.27
CA ARG A 547 -17.27 -27.61 -11.67
C ARG A 547 -16.68 -26.22 -11.87
N LEU A 548 -15.79 -25.81 -10.99
CA LEU A 548 -15.15 -24.50 -11.12
C LEU A 548 -14.30 -24.39 -12.39
N ARG A 549 -13.68 -25.50 -12.78
CA ARG A 549 -12.83 -25.50 -13.95
C ARG A 549 -13.70 -25.33 -15.18
N ALA A 550 -14.89 -25.93 -15.19
CA ALA A 550 -15.79 -25.75 -16.32
C ALA A 550 -16.20 -24.30 -16.42
N TYR A 551 -16.46 -23.66 -15.28
CA TYR A 551 -16.76 -22.22 -15.28
C TYR A 551 -15.58 -21.40 -15.84
N LEU A 552 -14.38 -21.61 -15.30
CA LEU A 552 -13.20 -20.83 -15.70
C LEU A 552 -12.81 -21.06 -17.14
N ASN A 553 -13.17 -22.22 -17.68
CA ASN A 553 -12.83 -22.55 -19.07
C ASN A 553 -13.86 -22.05 -20.07
N THR A 554 -14.90 -21.39 -19.59
CA THR A 554 -15.98 -20.92 -20.45
C THR A 554 -15.85 -19.42 -20.78
N PRO A 555 -15.76 -19.09 -22.08
CA PRO A 555 -15.58 -17.69 -22.50
C PRO A 555 -16.79 -16.84 -22.20
N GLY A 556 -16.56 -15.56 -21.91
CA GLY A 556 -17.65 -14.62 -21.77
C GLY A 556 -18.27 -14.51 -20.38
N LEU A 557 -17.71 -15.22 -19.39
CA LEU A 557 -18.20 -15.12 -18.02
C LEU A 557 -17.23 -14.28 -17.20
N PRO A 558 -17.65 -13.84 -16.01
CA PRO A 558 -16.73 -13.14 -15.12
C PRO A 558 -15.42 -13.93 -14.94
N VAL A 559 -14.31 -13.26 -14.70
CA VAL A 559 -13.02 -13.95 -14.65
C VAL A 559 -12.35 -13.78 -13.28
N CYS A 560 -11.49 -14.73 -12.93
CA CYS A 560 -10.82 -14.73 -11.64
C CYS A 560 -9.49 -15.42 -11.84
N GLN A 561 -8.51 -15.10 -10.99
CA GLN A 561 -7.21 -15.78 -11.01
C GLN A 561 -7.44 -17.27 -10.78
N ASP A 562 -6.72 -18.12 -11.53
CA ASP A 562 -6.89 -19.57 -11.39
C ASP A 562 -6.11 -20.13 -10.19
N HIS A 563 -6.79 -20.26 -9.06
CA HIS A 563 -6.21 -20.83 -7.85
C HIS A 563 -6.94 -22.12 -7.41
N LEU A 564 -7.53 -22.81 -8.37
CA LEU A 564 -8.26 -24.03 -8.07
C LEU A 564 -7.41 -25.09 -7.37
N GLU A 565 -6.23 -25.39 -7.91
CA GLU A 565 -5.36 -26.40 -7.28
C GLU A 565 -5.01 -26.05 -5.85
N PHE A 566 -4.67 -24.77 -5.64
CA PHE A 566 -4.34 -24.31 -4.30
C PHE A 566 -5.50 -24.50 -3.32
N TRP A 567 -6.68 -23.95 -3.64
CA TRP A 567 -7.81 -24.04 -2.72
C TRP A 567 -8.24 -25.48 -2.49
N GLU A 568 -8.21 -26.30 -3.54
CA GLU A 568 -8.56 -27.70 -3.41
C GLU A 568 -7.62 -28.34 -2.39
N SER A 569 -6.34 -28.04 -2.51
CA SER A 569 -5.35 -28.60 -1.60
C SER A 569 -5.62 -28.20 -0.14
N VAL A 570 -6.01 -26.95 0.09
CA VAL A 570 -6.34 -26.52 1.45
C VAL A 570 -7.49 -27.31 2.04
N PHE A 571 -8.60 -27.35 1.31
CA PHE A 571 -9.79 -27.98 1.85
C PHE A 571 -9.63 -29.50 1.97
N THR A 572 -8.81 -30.08 1.10
CA THR A 572 -8.53 -31.51 1.17
C THR A 572 -7.93 -31.90 2.51
N GLY A 573 -7.20 -31.00 3.15
CA GLY A 573 -6.59 -31.32 4.43
C GLY A 573 -7.48 -31.08 5.64
N LEU A 574 -8.65 -30.48 5.43
CA LEU A 574 -9.52 -30.11 6.55
C LEU A 574 -10.50 -31.23 6.84
N THR A 575 -10.02 -32.29 7.47
CA THR A 575 -10.82 -33.50 7.65
C THR A 575 -11.35 -33.64 9.06
N HIS A 576 -12.39 -34.45 9.20
CA HIS A 576 -12.98 -34.74 10.51
C HIS A 576 -13.48 -33.50 11.23
N ILE A 577 -14.18 -32.64 10.50
CA ILE A 577 -14.73 -31.46 11.15
C ILE A 577 -15.75 -31.93 12.19
N ASP A 578 -15.96 -31.11 13.22
CA ASP A 578 -16.97 -31.35 14.22
C ASP A 578 -18.35 -30.96 13.68
N ALA A 579 -19.24 -31.94 13.55
CA ALA A 579 -20.57 -31.73 12.95
C ALA A 579 -21.41 -30.70 13.68
N HIS A 580 -21.24 -30.63 14.99
CA HIS A 580 -22.01 -29.70 15.79
C HIS A 580 -21.64 -28.23 15.51
N PHE A 581 -20.34 -27.95 15.47
CA PHE A 581 -19.87 -26.59 15.16
C PHE A 581 -20.30 -26.22 13.74
N LEU A 582 -20.16 -27.16 12.82
CA LEU A 582 -20.54 -26.91 11.43
C LEU A 582 -22.05 -26.67 11.33
N SER A 583 -22.85 -27.42 12.07
CA SER A 583 -24.29 -27.19 12.07
C SER A 583 -24.60 -25.75 12.51
N GLN A 584 -23.89 -25.28 13.53
CA GLN A 584 -24.11 -23.94 14.04
C GLN A 584 -23.61 -22.86 13.10
N THR A 585 -22.46 -23.04 12.47
CA THR A 585 -21.98 -21.96 11.61
C THR A 585 -22.84 -21.88 10.34
N LYS A 586 -23.33 -23.03 9.87
CA LYS A 586 -24.22 -23.05 8.71
C LYS A 586 -25.51 -22.31 9.04
N GLN A 587 -26.08 -22.61 10.21
CA GLN A 587 -27.35 -22.00 10.60
C GLN A 587 -27.23 -20.48 10.84
N ALA A 588 -26.10 -20.04 11.36
CA ALA A 588 -25.94 -18.62 11.68
C ALA A 588 -25.84 -17.71 10.45
N GLY A 589 -25.56 -18.30 9.29
CA GLY A 589 -25.63 -17.56 8.03
C GLY A 589 -24.48 -16.65 7.63
N ASP A 590 -23.41 -16.62 8.43
CA ASP A 590 -22.23 -15.80 8.11
C ASP A 590 -21.30 -16.52 7.14
N ASN A 591 -20.34 -15.80 6.58
CA ASN A 591 -19.48 -16.37 5.53
C ASN A 591 -18.46 -17.39 6.04
N PHE A 592 -17.99 -18.23 5.13
CA PHE A 592 -17.06 -19.32 5.41
C PHE A 592 -17.46 -20.17 6.63
N PRO A 593 -18.67 -20.75 6.60
CA PRO A 593 -19.10 -21.56 7.75
C PRO A 593 -18.19 -22.78 7.93
N TYR A 594 -17.69 -23.34 6.83
CA TYR A 594 -16.74 -24.44 6.94
C TYR A 594 -15.42 -24.03 7.58
N LEU A 595 -14.76 -23.00 7.04
CA LEU A 595 -13.51 -22.56 7.65
C LEU A 595 -13.63 -22.14 9.10
N VAL A 596 -14.74 -21.49 9.44
CA VAL A 596 -14.97 -21.03 10.81
C VAL A 596 -15.17 -22.27 11.69
N ALA A 597 -16.08 -23.15 11.29
CA ALA A 597 -16.34 -24.33 12.11
C ALA A 597 -15.09 -25.22 12.20
N TYR A 598 -14.23 -25.16 11.18
CA TYR A 598 -13.03 -25.97 11.20
C TYR A 598 -11.98 -25.44 12.17
N GLN A 599 -11.82 -24.13 12.20
CA GLN A 599 -10.93 -23.51 13.19
C GLN A 599 -11.47 -23.79 14.61
N ALA A 600 -12.80 -23.74 14.75
CA ALA A 600 -13.42 -24.02 16.04
C ALA A 600 -13.15 -25.46 16.48
N THR A 601 -13.25 -26.38 15.54
CA THR A 601 -12.99 -27.80 15.77
C THR A 601 -11.60 -27.99 16.33
N VAL A 602 -10.59 -27.48 15.62
CA VAL A 602 -9.20 -27.55 16.08
C VAL A 602 -8.98 -26.93 17.46
N CYS A 603 -9.55 -25.76 17.72
CA CYS A 603 -9.47 -25.13 19.04
C CYS A 603 -10.09 -26.01 20.12
N ALA A 604 -11.34 -26.41 19.91
CA ALA A 604 -12.06 -27.21 20.90
C ALA A 604 -11.28 -28.47 21.23
N ARG A 605 -10.74 -29.14 20.22
CA ARG A 605 -9.99 -30.36 20.45
C ARG A 605 -8.66 -30.11 21.12
N ALA A 606 -8.22 -28.86 21.15
CA ALA A 606 -6.96 -28.52 21.78
C ALA A 606 -7.23 -27.87 23.14
N GLN A 607 -8.51 -27.74 23.48
CA GLN A 607 -8.94 -26.98 24.65
C GLN A 607 -8.37 -25.55 24.68
N ALA A 608 -8.19 -24.99 23.48
CA ALA A 608 -7.57 -23.67 23.28
C ALA A 608 -8.63 -22.67 22.84
N PRO A 609 -8.44 -21.37 23.13
CA PRO A 609 -9.46 -20.39 22.77
C PRO A 609 -9.46 -20.13 21.26
N PRO A 610 -10.56 -19.55 20.75
CA PRO A 610 -10.58 -19.13 19.34
C PRO A 610 -9.68 -17.90 19.18
N PRO A 611 -9.42 -17.48 17.93
CA PRO A 611 -8.54 -16.32 17.68
C PRO A 611 -9.00 -15.07 18.45
N SER A 612 -10.30 -14.95 18.66
CA SER A 612 -10.83 -13.83 19.40
C SER A 612 -12.22 -14.22 19.89
N TRP A 613 -12.84 -13.37 20.70
CA TRP A 613 -14.18 -13.64 21.15
C TRP A 613 -15.21 -12.75 20.44
N ASP A 614 -14.86 -12.35 19.21
CA ASP A 614 -15.79 -11.74 18.26
C ASP A 614 -16.95 -12.71 18.02
N GLN A 615 -18.08 -12.19 17.52
CA GLN A 615 -19.26 -13.01 17.25
C GLN A 615 -18.99 -14.13 16.24
N MET A 616 -17.96 -13.96 15.43
CA MET A 616 -17.60 -15.00 14.46
C MET A 616 -17.37 -16.33 15.15
N TRP A 617 -16.89 -16.28 16.40
CA TRP A 617 -16.55 -17.49 17.15
C TRP A 617 -17.60 -17.85 18.20
N LYS A 618 -18.84 -17.42 17.97
CA LYS A 618 -19.86 -17.57 19.00
C LYS A 618 -20.19 -19.00 19.32
N CYS A 619 -19.93 -19.92 18.39
CA CYS A 619 -20.22 -21.33 18.64
C CYS A 619 -19.38 -21.92 19.78
N LEU A 620 -18.33 -21.22 20.19
CA LEU A 620 -17.44 -21.69 21.24
C LEU A 620 -17.74 -21.01 22.59
N ILE A 621 -18.70 -20.09 22.60
CA ILE A 621 -18.94 -19.27 23.79
C ILE A 621 -19.25 -20.11 25.04
N ARG A 622 -19.99 -21.21 24.90
CA ARG A 622 -20.38 -21.97 26.08
C ARG A 622 -19.21 -22.79 26.63
N LEU A 623 -18.18 -23.02 25.81
CA LEU A 623 -16.97 -23.74 26.22
C LEU A 623 -15.91 -22.82 26.81
N LYS A 624 -16.17 -21.52 26.78
CA LYS A 624 -15.15 -20.53 27.10
C LYS A 624 -14.34 -20.86 28.38
N PRO A 625 -15.04 -21.06 29.51
CA PRO A 625 -14.37 -21.34 30.80
C PRO A 625 -13.33 -22.46 30.71
N THR A 626 -13.46 -23.35 29.73
CA THR A 626 -12.55 -24.48 29.61
C THR A 626 -11.38 -24.27 28.65
N LEU A 627 -11.40 -23.15 27.92
CA LEU A 627 -10.40 -22.96 26.87
C LEU A 627 -9.27 -22.06 27.36
N HIS A 628 -8.03 -22.53 27.18
CA HIS A 628 -6.87 -21.80 27.69
C HIS A 628 -5.70 -21.98 26.77
N GLY A 629 -4.78 -21.02 26.83
CA GLY A 629 -3.56 -21.09 26.07
C GLY A 629 -3.71 -20.42 24.72
N PRO A 630 -2.69 -20.55 23.87
CA PRO A 630 -2.65 -19.88 22.57
C PRO A 630 -3.51 -20.62 21.54
N THR A 631 -4.06 -19.86 20.60
CA THR A 631 -4.84 -20.42 19.49
C THR A 631 -3.95 -21.11 18.48
N PRO A 632 -4.25 -22.38 18.17
CA PRO A 632 -3.59 -23.02 17.04
C PRO A 632 -4.19 -22.46 15.75
N LEU A 633 -3.61 -21.36 15.26
CA LEU A 633 -4.21 -20.56 14.18
C LEU A 633 -4.04 -21.21 12.82
N LEU A 634 -5.12 -21.36 12.04
CA LEU A 634 -5.03 -22.04 10.75
C LEU A 634 -4.90 -21.05 9.58
N TYR A 635 -5.46 -19.86 9.80
CA TYR A 635 -5.60 -18.82 8.79
C TYR A 635 -6.27 -17.66 9.50
N ARG A 636 -6.32 -16.51 8.83
CA ARG A 636 -6.92 -15.34 9.45
C ARG A 636 -8.18 -14.90 8.75
N LEU A 637 -9.27 -14.87 9.51
CA LEU A 637 -10.59 -14.50 8.99
C LEU A 637 -11.04 -13.22 9.68
N GLY A 638 -10.21 -12.71 10.55
CA GLY A 638 -10.51 -11.49 11.27
C GLY A 638 -9.34 -11.15 12.15
N ALA A 639 -9.53 -10.19 13.03
CA ALA A 639 -8.53 -9.80 14.00
C ALA A 639 -8.25 -11.01 14.90
N VAL A 640 -6.99 -11.21 15.21
CA VAL A 640 -6.57 -12.23 16.15
C VAL A 640 -6.04 -11.55 17.41
N GLN A 641 -6.77 -11.72 18.51
CA GLN A 641 -6.47 -11.07 19.78
C GLN A 641 -5.64 -11.95 20.67
N ASN A 642 -5.91 -13.25 20.62
CA ASN A 642 -5.25 -14.22 21.49
C ASN A 642 -3.85 -14.50 20.98
N GLU A 643 -2.96 -14.92 21.86
CA GLU A 643 -1.67 -15.39 21.38
C GLU A 643 -1.92 -16.57 20.48
N VAL A 644 -0.94 -16.88 19.63
CA VAL A 644 -1.09 -17.98 18.69
C VAL A 644 0.08 -18.93 18.81
N THR A 645 -0.19 -20.19 18.50
CA THR A 645 0.87 -21.16 18.23
C THR A 645 0.70 -21.67 16.82
N LEU A 646 1.79 -22.09 16.19
CA LEU A 646 1.78 -22.56 14.81
C LEU A 646 2.17 -24.03 14.74
N THR A 647 2.16 -24.69 15.89
CA THR A 647 2.63 -26.07 15.96
C THR A 647 1.61 -27.12 15.48
N HIS A 648 0.33 -26.76 15.43
CA HIS A 648 -0.69 -27.74 15.03
C HIS A 648 -0.41 -28.29 13.63
N PRO A 649 -0.62 -29.61 13.44
CA PRO A 649 -0.43 -30.28 12.15
C PRO A 649 -1.24 -29.69 10.99
N ILE A 650 -2.45 -29.22 11.27
CA ILE A 650 -3.25 -28.61 10.21
C ILE A 650 -2.64 -27.26 9.78
N THR A 651 -2.24 -26.46 10.75
CA THR A 651 -1.46 -25.25 10.46
C THR A 651 -0.26 -25.59 9.58
N LYS A 652 0.47 -26.64 9.96
CA LYS A 652 1.64 -27.00 9.18
C LYS A 652 1.23 -27.45 7.78
N TYR A 653 0.11 -28.15 7.69
CA TYR A 653 -0.35 -28.60 6.37
C TYR A 653 -0.74 -27.40 5.47
N ILE A 654 -1.44 -26.43 6.03
CA ILE A 654 -1.84 -25.26 5.25
C ILE A 654 -0.61 -24.42 4.89
N MET A 655 0.33 -24.25 5.82
CA MET A 655 1.58 -23.58 5.49
C MET A 655 2.25 -24.24 4.29
N ALA A 656 2.25 -25.57 4.24
CA ALA A 656 2.84 -26.24 3.08
C ALA A 656 2.05 -25.98 1.79
N CYS A 657 0.73 -25.88 1.90
CA CYS A 657 -0.08 -25.57 0.71
C CYS A 657 0.34 -24.21 0.09
N MET A 658 0.82 -23.29 0.93
CA MET A 658 1.21 -21.94 0.49
C MET A 658 2.42 -21.96 -0.45
N SER A 659 3.09 -23.09 -0.59
CA SER A 659 4.22 -23.17 -1.52
C SER A 659 3.80 -23.39 -2.98
N ALA A 660 2.52 -23.64 -3.22
CA ALA A 660 2.03 -23.81 -4.58
C ALA A 660 2.22 -22.54 -5.41
N ASP A 661 2.36 -22.70 -6.71
CA ASP A 661 2.32 -21.58 -7.65
C ASP A 661 1.06 -20.75 -7.46
N LEU A 662 1.22 -19.49 -7.08
CA LEU A 662 0.08 -18.60 -6.99
C LEU A 662 0.22 -17.43 -7.96
N GLU A 663 -0.58 -17.43 -9.02
CA GLU A 663 -0.50 -16.37 -9.99
C GLU A 663 -1.24 -15.16 -9.46
N VAL A 664 -0.60 -14.01 -9.45
CA VAL A 664 -1.22 -12.82 -8.89
C VAL A 664 -0.87 -11.65 -9.78
N VAL A 665 -1.74 -10.66 -9.86
CA VAL A 665 -1.45 -9.46 -10.63
C VAL A 665 -0.52 -8.56 -9.82
N THR A 666 0.20 -7.69 -10.50
CA THR A 666 1.16 -6.82 -9.82
C THR A 666 0.83 -5.35 -10.07
N GLY C 22 5.37 21.49 -1.80
CA GLY C 22 3.99 21.95 -1.85
C GLY C 22 3.45 22.25 -0.46
N SER C 23 2.23 22.77 -0.39
CA SER C 23 1.59 23.05 0.88
C SER C 23 0.71 21.90 1.31
N VAL C 24 0.48 21.80 2.61
CA VAL C 24 -0.57 20.94 3.14
C VAL C 24 -1.91 21.60 2.78
N VAL C 25 -2.90 20.80 2.41
CA VAL C 25 -4.19 21.34 1.97
C VAL C 25 -5.35 20.80 2.79
N ILE C 26 -6.29 21.67 3.15
CA ILE C 26 -7.50 21.23 3.81
C ILE C 26 -8.45 20.70 2.73
N VAL C 27 -8.84 19.44 2.87
CA VAL C 27 -9.68 18.81 1.86
C VAL C 27 -10.97 18.31 2.46
N GLY C 28 -11.21 18.66 3.71
CA GLY C 28 -12.48 18.32 4.33
C GLY C 28 -12.47 18.70 5.78
N ARG C 29 -13.49 18.27 6.50
CA ARG C 29 -13.60 18.56 7.91
C ARG C 29 -14.43 17.52 8.61
N ILE C 30 -14.22 17.40 9.92
CA ILE C 30 -15.06 16.56 10.75
C ILE C 30 -15.85 17.48 11.68
N ILE C 31 -17.17 17.47 11.56
CA ILE C 31 -18.01 18.33 12.39
C ILE C 31 -18.37 17.64 13.68
N LEU C 32 -18.07 18.29 14.81
CA LEU C 32 -18.38 17.77 16.13
C LEU C 32 -19.75 18.25 16.62
N SER C 33 -20.43 17.41 17.40
CA SER C 33 -21.74 17.75 17.97
C SER C 33 -21.65 18.84 19.05
N GLY C 34 -22.75 19.54 19.26
CA GLY C 34 -22.83 20.61 20.23
C GLY C 34 -22.65 20.12 21.65
N SER C 35 -23.58 19.29 22.13
CA SER C 35 -23.47 18.70 23.46
C SER C 35 -24.25 17.40 23.54
N GLY C 36 -24.14 16.74 24.70
CA GLY C 36 -24.87 15.52 24.97
C GLY C 36 -24.48 14.42 24.00
N SER C 37 -23.69 13.47 24.49
CA SER C 37 -23.16 12.40 23.66
C SER C 37 -22.39 12.97 22.48
N ILE C 38 -21.09 12.72 22.46
CA ILE C 38 -20.24 13.23 21.40
C ILE C 38 -20.41 12.43 20.11
N THR C 39 -20.81 13.14 19.05
CA THR C 39 -20.92 12.57 17.72
C THR C 39 -20.16 13.42 16.71
N ALA C 40 -19.95 12.85 15.53
CA ALA C 40 -19.21 13.54 14.48
C ALA C 40 -19.60 12.99 13.13
N TYR C 41 -19.50 13.84 12.12
CA TYR C 41 -19.66 13.38 10.76
C TYR C 41 -18.69 14.18 9.93
N SER C 42 -18.39 13.70 8.73
CA SER C 42 -17.35 14.33 7.95
C SER C 42 -17.91 14.94 6.69
N GLN C 43 -17.14 15.84 6.11
CA GLN C 43 -17.49 16.52 4.88
C GLN C 43 -16.22 16.56 4.05
N GLN C 44 -16.31 16.15 2.79
CA GLN C 44 -15.20 16.26 1.86
C GLN C 44 -15.42 17.43 0.91
N THR C 45 -14.52 18.40 0.97
CA THR C 45 -14.72 19.68 0.31
C THR C 45 -13.84 19.84 -0.92
N ARG C 46 -12.91 18.91 -1.09
CA ARG C 46 -11.90 19.00 -2.15
C ARG C 46 -11.65 17.63 -2.75
N GLY C 47 -11.51 17.58 -4.07
CA GLY C 47 -11.20 16.34 -4.74
C GLY C 47 -9.70 16.20 -4.87
N LEU C 48 -9.29 15.32 -5.77
CA LEU C 48 -7.87 15.10 -6.00
C LEU C 48 -7.28 16.25 -6.81
N LEU C 49 -7.97 16.66 -7.86
CA LEU C 49 -7.47 17.74 -8.71
C LEU C 49 -7.31 19.04 -7.92
N GLY C 50 -8.32 19.37 -7.12
CA GLY C 50 -8.27 20.56 -6.29
C GLY C 50 -7.17 20.50 -5.26
N CYS C 51 -6.95 19.33 -4.69
CA CYS C 51 -5.90 19.18 -3.69
C CYS C 51 -4.53 19.45 -4.31
N ILE C 52 -4.25 18.85 -5.46
CA ILE C 52 -2.97 19.00 -6.13
C ILE C 52 -2.69 20.46 -6.49
N ILE C 53 -3.70 21.12 -7.05
CA ILE C 53 -3.59 22.51 -7.46
C ILE C 53 -3.32 23.40 -6.26
N THR C 54 -4.16 23.25 -5.23
CA THR C 54 -4.06 24.09 -4.05
C THR C 54 -2.74 23.84 -3.32
N SER C 55 -2.23 22.62 -3.41
CA SER C 55 -0.92 22.30 -2.84
C SER C 55 0.19 23.05 -3.56
N LEU C 56 0.11 23.11 -4.88
CA LEU C 56 1.16 23.76 -5.67
C LEU C 56 1.23 25.27 -5.46
N THR C 57 0.07 25.91 -5.39
CA THR C 57 0.02 27.37 -5.25
C THR C 57 0.06 27.85 -3.81
N GLY C 58 -0.32 27.00 -2.87
CA GLY C 58 -0.40 27.40 -1.47
C GLY C 58 -1.53 28.39 -1.24
N ARG C 59 -2.36 28.57 -2.26
CA ARG C 59 -3.45 29.54 -2.19
C ARG C 59 -4.82 28.85 -2.20
N ASP C 60 -5.48 28.84 -1.03
CA ASP C 60 -6.77 28.16 -0.87
C ASP C 60 -7.85 29.15 -0.41
N LYS C 61 -8.84 29.38 -1.26
CA LYS C 61 -9.87 30.38 -1.00
C LYS C 61 -11.12 29.79 -0.38
N ASN C 62 -11.08 28.48 -0.11
CA ASN C 62 -12.18 27.83 0.57
C ASN C 62 -12.35 28.39 1.97
N GLN C 63 -13.60 28.48 2.42
CA GLN C 63 -13.87 28.93 3.77
C GLN C 63 -13.72 27.76 4.72
N VAL C 64 -13.07 28.01 5.85
CA VAL C 64 -12.81 26.97 6.84
C VAL C 64 -13.88 26.97 7.92
N GLU C 65 -14.42 25.80 8.22
CA GLU C 65 -15.38 25.67 9.31
C GLU C 65 -14.95 24.53 10.22
N GLY C 66 -15.51 24.48 11.41
CA GLY C 66 -15.25 23.40 12.33
C GLY C 66 -13.91 23.53 13.02
N GLU C 67 -13.66 22.64 13.99
CA GLU C 67 -12.40 22.65 14.71
C GLU C 67 -11.42 21.55 14.25
N VAL C 68 -11.95 20.51 13.59
CA VAL C 68 -11.12 19.43 13.01
C VAL C 68 -11.11 19.46 11.47
N GLN C 69 -9.92 19.62 10.88
CA GLN C 69 -9.78 19.65 9.44
C GLN C 69 -9.20 18.33 8.91
N VAL C 70 -9.64 17.91 7.74
CA VAL C 70 -9.00 16.81 7.03
C VAL C 70 -7.99 17.45 6.11
N VAL C 71 -6.72 17.12 6.29
CA VAL C 71 -5.67 17.77 5.51
C VAL C 71 -4.95 16.71 4.70
N SER C 72 -4.22 17.14 3.68
CA SER C 72 -3.55 16.19 2.83
C SER C 72 -2.30 16.78 2.20
N THR C 73 -1.33 15.91 1.94
CA THR C 73 -0.15 16.28 1.19
C THR C 73 -0.22 15.58 -0.15
N ALA C 74 0.90 15.58 -0.87
CA ALA C 74 0.98 14.84 -2.12
C ALA C 74 0.47 13.41 -1.95
N THR C 75 0.99 12.72 -0.93
CA THR C 75 0.84 11.28 -0.86
C THR C 75 0.11 10.75 0.37
N GLN C 76 -0.35 11.64 1.23
CA GLN C 76 -0.86 11.20 2.52
C GLN C 76 -2.00 12.08 3.00
N SER C 77 -2.87 11.50 3.82
CA SER C 77 -4.02 12.22 4.31
C SER C 77 -4.16 11.95 5.79
N PHE C 78 -4.40 13.01 6.57
CA PHE C 78 -4.49 12.90 8.01
C PHE C 78 -5.36 14.06 8.56
N LEU C 79 -5.27 14.34 9.84
CA LEU C 79 -6.17 15.32 10.46
C LEU C 79 -5.41 16.46 11.13
N ALA C 80 -6.09 17.58 11.33
CA ALA C 80 -5.51 18.71 12.05
C ALA C 80 -6.57 19.27 12.96
N THR C 81 -6.20 19.58 14.20
CA THR C 81 -7.17 20.00 15.20
C THR C 81 -6.86 21.41 15.71
N CYS C 82 -7.88 22.26 15.78
CA CYS C 82 -7.69 23.64 16.23
C CYS C 82 -7.89 23.80 17.72
N VAL C 83 -6.86 24.31 18.39
CA VAL C 83 -6.92 24.58 19.81
C VAL C 83 -6.23 25.91 20.06
N ASN C 84 -6.91 26.80 20.78
CA ASN C 84 -6.35 28.13 21.08
C ASN C 84 -5.90 28.89 19.83
N GLY C 85 -6.72 28.90 18.79
CA GLY C 85 -6.43 29.70 17.62
C GLY C 85 -5.33 29.13 16.75
N VAL C 86 -4.80 27.98 17.18
CA VAL C 86 -3.78 27.28 16.41
C VAL C 86 -4.31 25.96 15.82
N CYS C 87 -4.02 25.74 14.55
CA CYS C 87 -4.40 24.51 13.87
C CYS C 87 -3.24 23.54 14.00
N TRP C 88 -3.42 22.50 14.82
CA TRP C 88 -2.32 21.60 15.19
C TRP C 88 -2.33 20.24 14.44
N THR C 89 -1.16 19.73 14.07
CA THR C 89 -1.08 18.35 13.56
C THR C 89 0.29 17.72 13.85
N VAL C 90 0.57 16.58 13.24
CA VAL C 90 1.82 15.87 13.53
C VAL C 90 2.95 16.24 12.59
N TYR C 91 4.16 16.32 13.13
CA TYR C 91 5.31 16.60 12.31
C TYR C 91 5.55 15.46 11.34
N HIS C 92 5.27 14.23 11.74
CA HIS C 92 5.57 13.10 10.87
C HIS C 92 4.69 13.07 9.62
N GLY C 93 3.53 13.74 9.68
CA GLY C 93 2.68 13.87 8.52
C GLY C 93 2.95 15.16 7.74
N ALA C 94 2.97 16.29 8.44
CA ALA C 94 3.06 17.58 7.78
C ALA C 94 4.48 18.06 7.51
N GLY C 95 5.46 17.52 8.24
CA GLY C 95 6.81 18.02 8.14
C GLY C 95 6.85 19.50 8.50
N SER C 96 7.62 20.26 7.74
CA SER C 96 7.77 21.69 7.94
C SER C 96 6.92 22.47 6.92
N LYS C 97 5.98 21.77 6.29
CA LYS C 97 5.25 22.34 5.15
C LYS C 97 4.39 23.53 5.53
N THR C 98 4.22 24.44 4.59
CA THR C 98 3.25 25.51 4.77
C THR C 98 1.86 24.95 4.58
N LEU C 99 0.86 25.64 5.13
CA LEU C 99 -0.56 25.34 4.91
C LEU C 99 -1.16 26.31 3.89
N ALA C 100 -1.84 25.80 2.86
CA ALA C 100 -2.45 26.67 1.85
C ALA C 100 -3.52 27.56 2.48
N GLY C 101 -3.44 28.86 2.25
CA GLY C 101 -4.34 29.78 2.94
C GLY C 101 -5.01 30.79 2.03
N PRO C 102 -6.01 31.52 2.56
CA PRO C 102 -6.78 32.51 1.80
C PRO C 102 -5.92 33.54 1.07
N LYS C 103 -4.75 33.87 1.61
CA LYS C 103 -3.85 34.81 0.94
C LYS C 103 -2.47 34.22 0.59
N GLY C 104 -2.41 32.90 0.42
CA GLY C 104 -1.14 32.25 0.12
C GLY C 104 -0.70 31.29 1.20
N PRO C 105 0.46 30.63 1.01
CA PRO C 105 0.97 29.64 1.96
C PRO C 105 1.19 30.25 3.35
N ILE C 106 0.65 29.59 4.37
CA ILE C 106 0.89 30.02 5.73
C ILE C 106 2.06 29.24 6.31
N THR C 107 3.08 29.97 6.75
CA THR C 107 4.27 29.38 7.35
C THR C 107 3.91 28.83 8.73
N GLN C 108 4.44 27.67 9.07
CA GLN C 108 4.20 27.12 10.40
C GLN C 108 4.62 28.11 11.44
N MET C 109 3.80 28.28 12.47
CA MET C 109 4.13 29.15 13.57
C MET C 109 4.88 28.39 14.67
N TYR C 110 4.64 27.09 14.76
CA TYR C 110 5.29 26.23 15.74
C TYR C 110 5.72 24.93 15.09
N THR C 111 6.91 24.48 15.42
CA THR C 111 7.43 23.23 14.92
C THR C 111 8.19 22.59 16.04
N ASN C 112 7.64 21.51 16.57
CA ASN C 112 8.25 20.84 17.68
C ASN C 112 8.48 19.40 17.31
N VAL C 113 9.59 19.12 16.62
CA VAL C 113 9.90 17.74 16.22
C VAL C 113 9.96 16.80 17.43
N ASP C 114 10.47 17.28 18.55
CA ASP C 114 10.56 16.43 19.74
C ASP C 114 9.20 15.85 20.14
N GLN C 115 8.16 16.67 20.04
CA GLN C 115 6.82 16.26 20.48
C GLN C 115 5.97 15.76 19.31
N ASP C 116 6.56 15.77 18.11
CA ASP C 116 5.89 15.36 16.90
C ASP C 116 4.68 16.28 16.66
N LEU C 117 4.91 17.58 16.78
CA LEU C 117 3.83 18.57 16.79
C LEU C 117 4.18 19.82 15.98
N VAL C 118 3.25 20.25 15.14
CA VAL C 118 3.41 21.49 14.39
C VAL C 118 2.07 22.23 14.41
N GLY C 119 2.12 23.54 14.23
CA GLY C 119 0.91 24.33 14.27
C GLY C 119 1.00 25.51 13.33
N TRP C 120 -0.12 25.80 12.67
CA TRP C 120 -0.25 27.01 11.87
C TRP C 120 -1.32 27.88 12.51
N GLN C 121 -1.19 29.20 12.34
CA GLN C 121 -2.21 30.12 12.81
C GLN C 121 -3.51 29.71 12.19
N ALA C 122 -4.52 29.45 13.00
CA ALA C 122 -5.81 29.00 12.48
C ALA C 122 -6.39 30.06 11.54
N PRO C 123 -6.74 29.65 10.31
CA PRO C 123 -7.38 30.56 9.35
C PRO C 123 -8.74 31.08 9.87
N PRO C 124 -9.20 32.23 9.35
CA PRO C 124 -10.49 32.72 9.85
C PRO C 124 -11.60 31.76 9.45
N GLY C 125 -12.61 31.64 10.31
CA GLY C 125 -13.69 30.70 10.05
C GLY C 125 -13.48 29.41 10.84
N ALA C 126 -12.23 29.14 11.19
CA ALA C 126 -11.90 28.00 12.03
C ALA C 126 -12.25 28.29 13.49
N ARG C 127 -12.88 27.34 14.14
CA ARG C 127 -13.18 27.47 15.56
C ARG C 127 -12.24 26.56 16.33
N SER C 128 -11.91 26.92 17.57
CA SER C 128 -11.03 26.11 18.38
C SER C 128 -11.79 25.30 19.39
N LEU C 129 -11.21 24.20 19.83
CA LEU C 129 -11.66 23.51 21.02
C LEU C 129 -10.97 24.15 22.21
N THR C 130 -11.58 24.04 23.37
CA THR C 130 -10.96 24.60 24.56
C THR C 130 -10.24 23.47 25.28
N PRO C 131 -9.03 23.74 25.75
CA PRO C 131 -8.23 22.72 26.44
C PRO C 131 -9.00 22.16 27.63
N CYS C 132 -8.92 20.84 27.83
CA CYS C 132 -9.60 20.21 28.95
C CYS C 132 -8.95 20.50 30.30
N THR C 133 -9.79 20.71 31.31
CA THR C 133 -9.35 21.01 32.66
C THR C 133 -10.00 20.11 33.69
N CYS C 134 -10.96 19.29 33.27
CA CYS C 134 -11.74 18.50 34.22
C CYS C 134 -11.00 17.28 34.79
N GLY C 135 -9.93 16.88 34.13
CA GLY C 135 -9.13 15.74 34.58
C GLY C 135 -9.81 14.41 34.33
N SER C 136 -10.79 14.40 33.42
CA SER C 136 -11.50 13.16 33.16
C SER C 136 -10.59 12.18 32.46
N SER C 137 -10.81 10.89 32.71
CA SER C 137 -10.00 9.85 32.12
C SER C 137 -10.81 9.09 31.09
N ASP C 138 -12.11 9.35 31.06
CA ASP C 138 -12.93 8.82 29.99
C ASP C 138 -12.77 9.75 28.79
N LEU C 139 -12.06 9.28 27.78
CA LEU C 139 -11.79 10.09 26.59
C LEU C 139 -12.43 9.51 25.34
N TYR C 140 -12.45 10.29 24.27
CA TYR C 140 -13.09 9.88 23.04
C TYR C 140 -12.23 10.35 21.88
N LEU C 141 -11.70 9.41 21.11
CA LEU C 141 -10.86 9.75 19.98
C LEU C 141 -11.72 9.86 18.74
N VAL C 142 -11.53 10.92 17.98
CA VAL C 142 -12.28 11.11 16.73
C VAL C 142 -11.37 10.72 15.58
N THR C 143 -11.82 9.76 14.76
CA THR C 143 -11.00 9.28 13.67
C THR C 143 -11.30 10.02 12.38
N ARG C 144 -10.53 9.75 11.34
CA ARG C 144 -10.64 10.50 10.10
C ARG C 144 -11.90 10.13 9.34
N HIS C 145 -12.59 9.10 9.81
CA HIS C 145 -13.83 8.70 9.21
C HIS C 145 -14.99 9.11 10.10
N ALA C 146 -14.69 9.99 11.04
CA ALA C 146 -15.70 10.56 11.94
C ALA C 146 -16.31 9.56 12.91
N ASP C 147 -15.60 8.45 13.14
CA ASP C 147 -15.97 7.55 14.22
C ASP C 147 -15.51 8.14 15.55
N VAL C 148 -16.24 7.83 16.62
CA VAL C 148 -15.93 8.32 17.95
C VAL C 148 -15.65 7.12 18.83
N ILE C 149 -14.39 6.99 19.25
CA ILE C 149 -13.88 5.78 19.89
C ILE C 149 -13.54 5.99 21.34
N PRO C 150 -14.16 5.20 22.23
CA PRO C 150 -13.94 5.26 23.68
C PRO C 150 -12.51 4.91 24.05
N VAL C 151 -11.86 5.80 24.80
CA VAL C 151 -10.49 5.58 25.23
C VAL C 151 -10.38 5.88 26.72
N ARG C 152 -9.70 5.02 27.45
CA ARG C 152 -9.46 5.23 28.87
C ARG C 152 -8.06 5.79 29.07
N ARG C 153 -7.94 7.01 29.59
CA ARG C 153 -6.63 7.63 29.79
C ARG C 153 -5.77 6.81 30.75
N ARG C 154 -4.49 6.68 30.43
CA ARG C 154 -3.58 5.89 31.26
C ARG C 154 -2.38 6.71 31.72
N GLY C 155 -1.86 7.54 30.84
CA GLY C 155 -0.72 8.37 31.21
C GLY C 155 -0.99 9.79 30.80
N ASP C 156 0.07 10.59 30.72
CA ASP C 156 -0.07 11.93 30.18
C ASP C 156 -0.27 11.82 28.67
N SER C 157 0.30 10.78 28.07
CA SER C 157 0.34 10.68 26.61
C SER C 157 -0.25 9.37 26.07
N ARG C 158 -0.83 8.55 26.95
CA ARG C 158 -1.34 7.24 26.55
C ARG C 158 -2.78 6.97 27.01
N GLY C 159 -3.52 6.23 26.21
CA GLY C 159 -4.86 5.80 26.58
C GLY C 159 -5.17 4.44 25.98
N SER C 160 -5.90 3.61 26.71
CA SER C 160 -6.22 2.27 26.22
C SER C 160 -7.55 2.28 25.48
N LEU C 161 -7.63 1.51 24.41
CA LEU C 161 -8.87 1.40 23.68
C LEU C 161 -9.75 0.42 24.43
N LEU C 162 -11.02 0.78 24.61
CA LEU C 162 -11.96 -0.14 25.25
C LEU C 162 -12.17 -1.36 24.37
N SER C 163 -12.16 -1.15 23.05
CA SER C 163 -12.26 -2.26 22.09
C SER C 163 -11.06 -2.26 21.13
N PRO C 164 -10.09 -3.16 21.35
CA PRO C 164 -8.93 -3.19 20.45
C PRO C 164 -9.35 -3.34 18.99
N ARG C 165 -8.65 -2.66 18.11
CA ARG C 165 -8.97 -2.64 16.69
C ARG C 165 -7.72 -2.88 15.87
N PRO C 166 -7.87 -3.48 14.69
CA PRO C 166 -6.70 -3.62 13.83
C PRO C 166 -6.12 -2.24 13.57
N VAL C 167 -4.80 -2.14 13.63
CA VAL C 167 -4.15 -0.86 13.44
C VAL C 167 -4.64 -0.13 12.17
N SER C 168 -5.06 -0.89 11.16
CA SER C 168 -5.45 -0.28 9.89
C SER C 168 -6.70 0.61 10.05
N TYR C 169 -7.51 0.30 11.06
CA TYR C 169 -8.67 1.12 11.37
C TYR C 169 -8.28 2.57 11.73
N LEU C 170 -7.08 2.77 12.26
CA LEU C 170 -6.66 4.09 12.72
C LEU C 170 -5.86 4.85 11.67
N LYS C 171 -5.71 4.29 10.48
CA LYS C 171 -4.85 4.90 9.47
C LYS C 171 -5.43 6.22 9.03
N GLY C 172 -4.57 7.22 8.94
CA GLY C 172 -4.94 8.55 8.52
C GLY C 172 -5.58 9.37 9.62
N SER C 173 -5.62 8.85 10.83
CA SER C 173 -6.24 9.57 11.93
C SER C 173 -5.28 10.43 12.76
N SER C 174 -4.00 10.41 12.44
CA SER C 174 -3.08 11.24 13.21
C SER C 174 -3.48 12.72 13.04
N GLY C 175 -3.42 13.47 14.14
CA GLY C 175 -3.85 14.84 14.15
C GLY C 175 -5.27 14.97 14.70
N GLY C 176 -5.98 13.84 14.77
CA GLY C 176 -7.32 13.81 15.36
C GLY C 176 -7.35 14.01 16.87
N PRO C 177 -8.44 14.60 17.38
CA PRO C 177 -8.55 14.96 18.80
C PRO C 177 -8.97 13.82 19.72
N LEU C 178 -8.38 13.78 20.91
CA LEU C 178 -8.92 13.04 22.06
C LEU C 178 -9.75 14.01 22.87
N LEU C 179 -11.06 13.74 23.02
CA LEU C 179 -11.93 14.62 23.80
C LEU C 179 -12.33 14.02 25.15
N CYS C 180 -12.54 14.89 26.14
CA CYS C 180 -13.15 14.51 27.41
C CYS C 180 -14.68 14.51 27.22
N PRO C 181 -15.43 14.01 28.21
CA PRO C 181 -16.88 13.88 28.00
C PRO C 181 -17.57 15.23 27.76
N SER C 182 -16.92 16.32 28.17
CA SER C 182 -17.45 17.65 27.94
C SER C 182 -17.15 18.17 26.54
N GLY C 183 -16.36 17.42 25.78
CA GLY C 183 -15.96 17.85 24.45
C GLY C 183 -14.75 18.77 24.40
N HIS C 184 -13.99 18.83 25.49
CA HIS C 184 -12.76 19.62 25.51
C HIS C 184 -11.58 18.83 24.96
N ALA C 185 -10.61 19.53 24.38
CA ALA C 185 -9.41 18.89 23.84
C ALA C 185 -8.47 18.38 24.93
N VAL C 186 -8.19 17.09 24.93
CA VAL C 186 -7.17 16.52 25.80
C VAL C 186 -5.80 16.40 25.09
N GLY C 187 -5.83 16.13 23.78
CA GLY C 187 -4.61 16.03 23.01
C GLY C 187 -4.88 15.59 21.58
N ILE C 188 -3.83 15.43 20.76
CA ILE C 188 -4.04 14.90 19.42
C ILE C 188 -3.35 13.56 19.24
N PHE C 189 -4.03 12.68 18.52
CA PHE C 189 -3.55 11.33 18.25
C PHE C 189 -2.27 11.38 17.41
N ARG C 190 -1.26 10.58 17.78
CA ARG C 190 -0.05 10.52 16.95
C ARG C 190 0.40 9.11 16.55
N ALA C 191 0.07 8.10 17.36
CA ALA C 191 0.51 6.75 17.03
C ALA C 191 -0.30 5.68 17.77
N ALA C 192 -0.31 4.48 17.23
CA ALA C 192 -1.04 3.38 17.84
C ALA C 192 -0.06 2.44 18.52
N VAL C 193 -0.43 1.98 19.70
CA VAL C 193 0.37 0.99 20.42
C VAL C 193 -0.22 -0.39 20.11
N CYS C 194 0.54 -1.21 19.39
CA CYS C 194 0.03 -2.48 18.91
C CYS C 194 0.64 -3.72 19.55
N THR C 195 -0.21 -4.74 19.65
CA THR C 195 0.19 -6.09 20.00
C THR C 195 -0.12 -6.93 18.78
N ARG C 196 0.93 -7.39 18.10
CA ARG C 196 0.77 -8.21 16.91
C ARG C 196 -0.22 -7.58 15.93
N GLY C 197 -0.07 -6.27 15.72
CA GLY C 197 -0.82 -5.56 14.70
C GLY C 197 -2.19 -5.08 15.13
N VAL C 198 -2.56 -5.40 16.36
CA VAL C 198 -3.83 -4.96 16.89
C VAL C 198 -3.62 -3.79 17.84
N ALA C 199 -4.21 -2.65 17.51
CA ALA C 199 -4.08 -1.47 18.35
C ALA C 199 -4.87 -1.69 19.65
N LYS C 200 -4.17 -1.72 20.77
CA LYS C 200 -4.82 -1.82 22.08
C LYS C 200 -4.75 -0.51 22.83
N ALA C 201 -3.81 0.36 22.45
CA ALA C 201 -3.73 1.70 23.05
C ALA C 201 -3.34 2.76 22.03
N VAL C 202 -3.50 4.03 22.41
CA VAL C 202 -3.08 5.11 21.55
C VAL C 202 -2.12 6.06 22.27
N ASP C 203 -1.20 6.62 21.49
CA ASP C 203 -0.27 7.61 21.97
C ASP C 203 -0.70 8.96 21.40
N PHE C 204 -0.76 9.98 22.24
CA PHE C 204 -1.22 11.28 21.80
C PHE C 204 -0.35 12.40 22.36
N VAL C 205 -0.38 13.54 21.67
CA VAL C 205 0.30 14.73 22.14
C VAL C 205 -0.69 15.50 23.00
N PRO C 206 -0.43 15.57 24.31
CA PRO C 206 -1.36 16.23 25.23
C PRO C 206 -1.43 17.74 25.00
N VAL C 207 -2.57 18.35 25.32
CA VAL C 207 -2.73 19.81 25.24
C VAL C 207 -1.64 20.55 25.99
N GLU C 208 -1.20 20.00 27.11
CA GLU C 208 -0.17 20.64 27.89
C GLU C 208 1.07 20.88 27.04
N SER C 209 1.32 19.97 26.09
CA SER C 209 2.46 20.09 25.17
C SER C 209 2.28 21.20 24.16
N MET C 210 1.04 21.48 23.78
CA MET C 210 0.78 22.57 22.86
C MET C 210 1.01 23.91 23.56
N GLU C 211 0.62 23.97 24.83
CA GLU C 211 0.79 25.18 25.61
C GLU C 211 2.27 25.51 25.72
N THR C 212 3.02 24.53 26.22
CA THR C 212 4.47 24.59 26.33
C THR C 212 5.15 25.06 25.04
N THR C 213 4.67 24.53 23.90
CA THR C 213 5.20 24.92 22.61
C THR C 213 4.88 26.38 22.28
N MET C 214 3.66 26.80 22.56
CA MET C 214 3.27 28.17 22.26
C MET C 214 4.10 29.16 23.07
N ARG C 215 4.41 28.80 24.30
CA ARG C 215 5.11 29.74 25.16
C ARG C 215 6.62 29.50 25.26
N SER C 216 7.15 28.69 24.36
CA SER C 216 8.59 28.72 24.15
C SER C 216 8.87 29.84 23.15
N PRO C 217 10.05 30.45 23.22
CA PRO C 217 10.34 31.52 22.25
C PRO C 217 10.57 30.92 20.87
N VAL C 218 9.78 31.32 19.88
CA VAL C 218 9.89 30.70 18.55
C VAL C 218 11.30 30.88 17.99
N PHE C 219 11.97 31.96 18.38
CA PHE C 219 13.35 32.18 17.96
C PHE C 219 14.38 31.91 19.06
N THR C 220 14.96 30.71 19.04
CA THR C 220 16.14 30.44 19.85
C THR C 220 17.37 30.52 18.95
N ASP C 221 18.28 31.44 19.30
CA ASP C 221 19.51 31.60 18.54
C ASP C 221 20.62 30.67 19.08
N ASN C 222 20.98 29.68 18.28
CA ASN C 222 22.06 28.76 18.61
C ASN C 222 23.17 28.92 17.60
N SER C 223 23.35 30.13 17.09
CA SER C 223 24.31 30.39 16.02
C SER C 223 25.72 30.66 16.52
N SER C 224 25.84 31.05 17.79
CA SER C 224 27.15 31.29 18.39
C SER C 224 27.60 30.10 19.22
N PRO C 225 28.92 29.84 19.25
CA PRO C 225 29.47 28.74 20.04
C PRO C 225 29.06 28.90 21.50
N PRO C 226 28.42 27.88 22.08
CA PRO C 226 28.02 28.02 23.48
C PRO C 226 29.20 28.37 24.36
N ALA C 227 28.93 29.10 25.44
CA ALA C 227 29.95 29.38 26.43
C ALA C 227 30.14 28.12 27.26
N VAL C 228 31.34 27.90 27.75
CA VAL C 228 31.59 26.76 28.64
C VAL C 228 30.95 27.04 29.98
N PRO C 229 29.95 26.24 30.36
CA PRO C 229 29.23 26.48 31.61
C PRO C 229 29.99 25.98 32.84
N GLN C 230 29.47 26.32 34.02
CA GLN C 230 30.09 25.95 35.30
C GLN C 230 29.88 24.48 35.59
N SER C 231 28.67 24.01 35.29
CA SER C 231 28.31 22.61 35.41
C SER C 231 27.92 22.07 34.03
N PHE C 232 27.95 20.76 33.89
CA PHE C 232 27.69 20.11 32.61
C PHE C 232 26.41 20.56 31.92
N GLN C 233 26.53 20.93 30.65
CA GLN C 233 25.36 21.12 29.81
C GLN C 233 25.54 20.54 28.40
N VAL C 234 24.41 20.25 27.77
CA VAL C 234 24.34 19.90 26.37
C VAL C 234 23.78 21.12 25.64
N ALA C 235 24.49 21.60 24.64
CA ALA C 235 24.06 22.80 23.94
C ALA C 235 23.98 22.54 22.44
N HIS C 236 23.20 23.34 21.73
CA HIS C 236 23.13 23.18 20.30
C HIS C 236 23.87 24.30 19.58
N LEU C 237 24.56 23.94 18.51
CA LEU C 237 25.21 24.90 17.64
C LEU C 237 24.67 24.73 16.24
N HIS C 238 23.83 25.69 15.82
CA HIS C 238 23.25 25.68 14.49
C HIS C 238 23.88 26.81 13.69
N ALA C 239 24.72 26.44 12.72
CA ALA C 239 25.46 27.41 11.94
C ALA C 239 25.68 26.86 10.54
N PRO C 240 25.65 27.73 9.53
CA PRO C 240 25.75 27.30 8.13
C PRO C 240 27.05 26.59 7.85
N THR C 241 27.03 25.68 6.89
CA THR C 241 28.26 25.06 6.41
C THR C 241 29.31 26.11 6.03
N GLY C 242 30.55 25.92 6.47
CA GLY C 242 31.64 26.84 6.18
C GLY C 242 31.84 27.91 7.23
N SER C 243 30.97 27.93 8.23
CA SER C 243 31.06 28.92 9.31
C SER C 243 32.10 28.50 10.34
N GLY C 244 32.68 27.32 10.16
CA GLY C 244 33.75 26.85 11.03
C GLY C 244 33.34 26.14 12.30
N LYS C 245 32.19 25.48 12.31
CA LYS C 245 31.75 24.69 13.45
C LYS C 245 32.81 23.67 13.89
N SER C 246 33.51 23.10 12.93
CA SER C 246 34.44 22.01 13.21
C SER C 246 35.91 22.44 13.21
N THR C 247 36.18 23.71 12.92
CA THR C 247 37.54 24.24 12.88
C THR C 247 37.71 25.49 13.75
N LYS C 248 37.14 26.59 13.28
CA LYS C 248 37.17 27.87 13.98
C LYS C 248 36.72 27.73 15.44
N VAL C 249 35.62 27.00 15.66
CA VAL C 249 35.03 26.86 16.99
C VAL C 249 35.93 26.12 17.98
N PRO C 250 36.36 24.89 17.65
CA PRO C 250 37.29 24.22 18.57
C PRO C 250 38.61 24.99 18.77
N ALA C 251 39.13 25.62 17.72
CA ALA C 251 40.35 26.43 17.87
C ALA C 251 40.15 27.60 18.83
N ALA C 252 38.98 28.24 18.76
CA ALA C 252 38.62 29.27 19.73
C ALA C 252 38.62 28.72 21.15
N TYR C 253 37.95 27.59 21.35
CA TYR C 253 37.88 26.97 22.67
C TYR C 253 39.27 26.66 23.16
N ALA C 254 40.09 26.09 22.27
CA ALA C 254 41.42 25.68 22.65
C ALA C 254 42.19 26.89 23.16
N ALA C 255 42.03 28.01 22.46
CA ALA C 255 42.71 29.25 22.82
C ALA C 255 42.37 29.66 24.26
N GLN C 256 41.16 29.34 24.70
CA GLN C 256 40.71 29.68 26.04
C GLN C 256 41.19 28.64 27.04
N GLY C 257 42.04 27.72 26.57
CA GLY C 257 42.60 26.71 27.45
C GLY C 257 41.81 25.42 27.63
N TYR C 258 40.82 25.17 26.76
CA TYR C 258 39.99 23.97 26.89
C TYR C 258 40.54 22.82 26.05
N LYS C 259 40.33 21.60 26.54
CA LYS C 259 40.61 20.39 25.77
C LYS C 259 39.35 19.91 25.04
N VAL C 260 39.46 19.75 23.73
CA VAL C 260 38.28 19.59 22.88
C VAL C 260 38.38 18.35 22.00
N LEU C 261 37.32 17.55 22.01
CA LEU C 261 37.20 16.40 21.12
C LEU C 261 36.13 16.73 20.08
N VAL C 262 36.46 16.54 18.79
CA VAL C 262 35.51 16.79 17.73
C VAL C 262 35.17 15.49 16.99
N LEU C 263 33.91 15.07 17.08
CA LEU C 263 33.45 13.84 16.44
C LEU C 263 32.76 14.09 15.10
N ASN C 264 33.08 13.29 14.09
CA ASN C 264 32.55 13.51 12.76
C ASN C 264 32.30 12.16 12.09
N PRO C 265 31.22 12.04 11.33
CA PRO C 265 30.90 10.73 10.74
C PRO C 265 31.94 10.27 9.69
N SER C 266 32.62 11.21 9.03
CA SER C 266 33.43 10.92 7.84
C SER C 266 34.91 10.79 8.12
N VAL C 267 35.50 9.68 7.65
CA VAL C 267 36.94 9.48 7.78
C VAL C 267 37.70 10.52 6.95
N ALA C 268 37.24 10.77 5.72
CA ALA C 268 37.91 11.75 4.87
C ALA C 268 37.89 13.14 5.50
N ALA C 269 36.75 13.51 6.07
CA ALA C 269 36.62 14.82 6.70
C ALA C 269 37.51 14.90 7.93
N THR C 270 37.51 13.83 8.72
CA THR C 270 38.30 13.77 9.95
C THR C 270 39.81 13.91 9.69
N LEU C 271 40.32 13.16 8.72
CA LEU C 271 41.72 13.28 8.32
C LEU C 271 42.03 14.70 7.87
N GLY C 272 41.16 15.22 6.99
CA GLY C 272 41.32 16.55 6.44
C GLY C 272 41.49 17.66 7.47
N PHE C 273 40.95 17.47 8.66
CA PHE C 273 41.04 18.53 9.67
C PHE C 273 42.48 18.74 10.15
N GLY C 274 43.29 17.69 10.10
CA GLY C 274 44.67 17.76 10.53
C GLY C 274 45.41 18.88 9.83
N ALA C 275 45.54 18.75 8.51
CA ALA C 275 46.27 19.73 7.71
C ALA C 275 45.66 21.12 7.78
N TYR C 276 44.33 21.20 7.82
CA TYR C 276 43.64 22.49 7.81
C TYR C 276 43.88 23.25 9.11
N MET C 277 43.87 22.52 10.23
CA MET C 277 44.05 23.16 11.52
C MET C 277 45.48 23.69 11.70
N SER C 278 46.45 22.94 11.21
CA SER C 278 47.85 23.36 11.27
C SER C 278 48.05 24.69 10.58
N LYS C 279 47.64 24.78 9.31
CA LYS C 279 47.92 25.99 8.54
C LYS C 279 46.98 27.13 8.87
N ALA C 280 45.73 26.79 9.21
CA ALA C 280 44.73 27.83 9.50
C ALA C 280 44.75 28.30 10.96
N HIS C 281 45.15 27.44 11.89
CA HIS C 281 45.11 27.81 13.31
C HIS C 281 46.33 27.36 14.09
N GLY C 282 47.34 26.88 13.38
CA GLY C 282 48.60 26.50 14.01
C GLY C 282 48.46 25.52 15.15
N ILE C 283 47.50 24.61 15.02
CA ILE C 283 47.39 23.48 15.94
C ILE C 283 47.51 22.18 15.16
N ASP C 284 48.41 21.30 15.59
CA ASP C 284 48.53 19.97 15.00
C ASP C 284 47.74 18.97 15.84
N PRO C 285 46.45 18.84 15.54
CA PRO C 285 45.56 18.07 16.41
C PRO C 285 45.88 16.59 16.39
N ASN C 286 45.49 15.88 17.44
CA ASN C 286 45.44 14.44 17.35
C ASN C 286 44.41 14.04 16.28
N ILE C 287 44.61 12.88 15.67
CA ILE C 287 43.66 12.40 14.67
C ILE C 287 43.37 10.95 14.99
N ARG C 288 42.10 10.57 15.01
CA ARG C 288 41.74 9.20 15.30
C ARG C 288 40.73 8.65 14.29
N THR C 289 41.21 7.70 13.49
CA THR C 289 40.37 6.95 12.54
C THR C 289 40.81 5.50 12.50
N GLY C 290 39.96 4.66 11.89
CA GLY C 290 40.29 3.26 11.74
C GLY C 290 41.56 3.10 10.93
N VAL C 291 41.67 3.89 9.87
CA VAL C 291 42.78 3.75 8.93
C VAL C 291 44.09 4.40 9.39
N ARG C 292 44.01 5.33 10.35
CA ARG C 292 45.18 6.07 10.77
C ARG C 292 44.93 6.78 12.09
N THR C 293 45.83 6.58 13.05
CA THR C 293 45.81 7.31 14.31
C THR C 293 47.08 8.16 14.47
N ILE C 294 46.92 9.43 14.82
CA ILE C 294 48.05 10.32 15.12
C ILE C 294 47.87 10.94 16.48
N THR C 295 48.79 10.67 17.39
CA THR C 295 48.79 11.31 18.70
C THR C 295 49.95 12.30 18.81
N THR C 296 49.60 13.59 18.89
CA THR C 296 50.57 14.67 19.05
C THR C 296 50.54 15.23 20.47
N GLY C 297 49.47 14.93 21.20
CA GLY C 297 49.30 15.44 22.55
C GLY C 297 48.70 16.84 22.58
N ALA C 298 48.32 17.35 21.41
CA ALA C 298 47.63 18.63 21.31
C ALA C 298 46.33 18.60 22.09
N PRO C 299 45.75 19.80 22.34
CA PRO C 299 44.52 19.90 23.12
C PRO C 299 43.26 19.79 22.26
N VAL C 300 43.40 19.59 20.96
CA VAL C 300 42.25 19.32 20.10
C VAL C 300 42.43 17.96 19.42
N THR C 301 41.35 17.17 19.42
CA THR C 301 41.36 15.85 18.82
C THR C 301 40.18 15.73 17.88
N TYR C 302 40.45 15.20 16.69
CA TYR C 302 39.40 14.83 15.75
C TYR C 302 39.30 13.31 15.73
N SER C 303 38.07 12.82 15.84
CA SER C 303 37.81 11.39 15.75
C SER C 303 36.54 11.14 14.94
N THR C 304 36.46 9.99 14.28
CA THR C 304 35.19 9.56 13.72
C THR C 304 34.35 9.03 14.87
N TYR C 305 33.03 8.96 14.69
CA TYR C 305 32.19 8.34 15.71
C TYR C 305 32.57 6.86 15.87
N GLY C 306 32.86 6.19 14.76
CA GLY C 306 33.22 4.78 14.76
C GLY C 306 34.48 4.48 15.57
N LYS C 307 35.51 5.29 15.38
CA LYS C 307 36.76 5.13 16.13
C LYS C 307 36.55 5.44 17.61
N PHE C 308 35.81 6.51 17.89
CA PHE C 308 35.37 6.83 19.27
C PHE C 308 34.74 5.61 19.95
N LEU C 309 33.80 4.96 19.26
CA LEU C 309 33.13 3.76 19.79
C LEU C 309 34.11 2.58 19.95
N ALA C 310 34.95 2.35 18.94
CA ALA C 310 35.97 1.29 19.01
C ALA C 310 36.90 1.54 20.20
N ASP C 311 37.23 2.80 20.43
CA ASP C 311 38.07 3.16 21.59
C ASP C 311 37.35 2.98 22.91
N GLY C 312 36.06 2.68 22.89
CA GLY C 312 35.30 2.49 24.11
C GLY C 312 34.54 3.71 24.64
N GLY C 313 34.45 4.77 23.85
CA GLY C 313 33.72 5.94 24.32
C GLY C 313 34.58 6.96 25.05
N CYS C 314 34.02 7.59 26.07
CA CYS C 314 34.70 8.69 26.75
C CYS C 314 35.75 8.21 27.75
N SER C 315 37.00 8.62 27.56
CA SER C 315 38.00 8.38 28.59
C SER C 315 37.96 9.51 29.62
N GLY C 316 37.80 9.14 30.88
CA GLY C 316 37.68 10.12 31.94
C GLY C 316 38.78 11.17 31.92
N GLY C 317 38.38 12.42 32.16
CA GLY C 317 39.33 13.51 32.26
C GLY C 317 40.01 13.96 30.98
N ALA C 318 39.71 13.32 29.83
CA ALA C 318 40.47 13.66 28.63
C ALA C 318 40.04 14.98 27.98
N TYR C 319 38.76 15.35 28.12
CA TYR C 319 38.22 16.53 27.43
C TYR C 319 37.28 17.39 28.29
N ASP C 320 37.32 18.71 28.07
CA ASP C 320 36.35 19.60 28.70
C ASP C 320 35.14 19.76 27.80
N ILE C 321 35.36 19.69 26.49
CA ILE C 321 34.31 19.95 25.52
C ILE C 321 34.28 18.82 24.47
N ILE C 322 33.09 18.30 24.20
CA ILE C 322 32.90 17.35 23.11
C ILE C 322 31.90 17.90 22.10
N ILE C 323 32.38 18.07 20.87
CA ILE C 323 31.52 18.58 19.81
C ILE C 323 31.12 17.41 18.92
N CYS C 324 29.83 17.10 18.92
CA CYS C 324 29.30 16.09 18.03
C CYS C 324 28.91 16.79 16.72
N ASP C 325 29.79 16.69 15.73
CA ASP C 325 29.65 17.42 14.48
C ASP C 325 28.68 16.62 13.60
N GLU C 326 27.99 17.30 12.69
CA GLU C 326 26.95 16.66 11.89
C GLU C 326 26.04 15.77 12.76
N CYS C 327 25.55 16.34 13.86
CA CYS C 327 24.71 15.61 14.81
C CYS C 327 23.30 15.31 14.27
N HIS C 328 22.98 15.83 13.08
CA HIS C 328 21.74 15.48 12.41
C HIS C 328 21.82 14.12 11.69
N SER C 329 23.03 13.57 11.55
CA SER C 329 23.22 12.34 10.78
C SER C 329 22.50 11.18 11.44
N THR C 330 21.83 10.37 10.63
CA THR C 330 21.00 9.29 11.16
C THR C 330 21.51 7.90 10.78
N ASP C 331 22.80 7.77 10.49
CA ASP C 331 23.41 6.46 10.37
C ASP C 331 23.60 5.88 11.77
N SER C 332 23.60 4.55 11.86
CA SER C 332 23.67 3.91 13.17
C SER C 332 24.92 4.30 13.97
N THR C 333 26.06 4.47 13.30
CA THR C 333 27.31 4.79 14.00
C THR C 333 27.19 6.15 14.67
N THR C 334 26.72 7.16 13.94
CA THR C 334 26.56 8.47 14.55
C THR C 334 25.58 8.46 15.70
N ILE C 335 24.43 7.79 15.51
CA ILE C 335 23.44 7.72 16.57
C ILE C 335 23.98 7.04 17.81
N LEU C 336 24.55 5.85 17.66
CA LEU C 336 25.13 5.14 18.80
C LEU C 336 26.30 5.95 19.44
N GLY C 337 27.10 6.61 18.61
CA GLY C 337 28.23 7.39 19.12
C GLY C 337 27.77 8.61 19.90
N ILE C 338 26.76 9.30 19.40
CA ILE C 338 26.24 10.45 20.12
C ILE C 338 25.54 10.01 21.41
N GLY C 339 24.83 8.89 21.37
CA GLY C 339 24.19 8.39 22.57
C GLY C 339 25.22 8.06 23.64
N THR C 340 26.35 7.50 23.20
CA THR C 340 27.46 7.22 24.10
C THR C 340 27.99 8.49 24.74
N VAL C 341 28.27 9.51 23.93
CA VAL C 341 28.67 10.82 24.47
C VAL C 341 27.68 11.33 25.52
N LEU C 342 26.38 11.34 25.19
CA LEU C 342 25.40 11.93 26.09
C LEU C 342 25.28 11.14 27.40
N ASP C 343 25.52 9.84 27.34
CA ASP C 343 25.44 9.02 28.55
C ASP C 343 26.71 9.12 29.42
N GLN C 344 27.85 9.35 28.79
CA GLN C 344 29.16 9.25 29.45
C GLN C 344 29.88 10.59 29.72
N ALA C 345 29.54 11.63 28.98
CA ALA C 345 30.33 12.87 28.99
C ALA C 345 30.56 13.45 30.40
N GLU C 346 29.48 13.67 31.13
CA GLU C 346 29.57 14.31 32.44
C GLU C 346 30.46 13.52 33.39
N THR C 347 30.25 12.21 33.46
CA THR C 347 31.04 11.37 34.37
C THR C 347 32.51 11.29 33.96
N ALA C 348 32.77 11.46 32.66
CA ALA C 348 34.15 11.46 32.18
C ALA C 348 34.79 12.84 32.36
N GLY C 349 34.08 13.77 32.99
CA GLY C 349 34.65 15.07 33.32
C GLY C 349 34.43 16.23 32.34
N ALA C 350 33.69 16.01 31.25
CA ALA C 350 33.41 17.10 30.33
C ALA C 350 32.45 18.06 30.97
N ARG C 351 32.45 19.32 30.52
CA ARG C 351 31.50 20.30 31.04
C ARG C 351 30.50 20.75 29.97
N LEU C 352 30.82 20.47 28.72
CA LEU C 352 30.04 20.94 27.59
C LEU C 352 29.99 19.91 26.46
N VAL C 353 28.78 19.55 26.05
CA VAL C 353 28.59 18.77 24.83
C VAL C 353 27.89 19.68 23.84
N VAL C 354 28.51 19.84 22.69
CA VAL C 354 27.92 20.66 21.64
C VAL C 354 27.39 19.77 20.54
N LEU C 355 26.11 19.91 20.24
CA LEU C 355 25.51 19.17 19.16
C LEU C 355 25.45 20.06 17.94
N ALA C 356 26.35 19.84 16.98
CA ALA C 356 26.58 20.81 15.91
C ALA C 356 26.06 20.35 14.57
N THR C 357 25.32 21.23 13.90
CA THR C 357 24.79 20.88 12.58
C THR C 357 24.36 22.15 11.87
N ALA C 358 24.35 22.11 10.55
CA ALA C 358 23.80 23.19 9.75
C ALA C 358 22.31 22.94 9.49
N THR C 359 21.91 21.68 9.60
CA THR C 359 20.53 21.26 9.30
C THR C 359 19.92 20.46 10.45
N PRO C 360 19.46 21.12 11.52
CA PRO C 360 18.79 20.38 12.59
C PRO C 360 17.39 19.93 12.19
N PRO C 361 16.79 19.02 12.97
CA PRO C 361 15.46 18.49 12.62
C PRO C 361 14.47 19.62 12.33
N GLY C 362 13.66 19.48 11.29
CA GLY C 362 12.71 20.53 10.96
C GLY C 362 13.23 21.53 9.95
N SER C 363 14.54 21.56 9.71
CA SER C 363 15.10 22.53 8.78
C SER C 363 14.66 22.25 7.35
N VAL C 364 14.63 23.29 6.53
CA VAL C 364 14.24 23.16 5.14
C VAL C 364 15.31 23.79 4.27
N THR C 365 15.38 23.35 3.01
CA THR C 365 16.38 23.88 2.10
C THR C 365 15.96 25.24 1.55
N VAL C 366 16.75 26.27 1.85
CA VAL C 366 16.52 27.62 1.33
C VAL C 366 17.49 27.94 0.19
N PRO C 367 17.09 28.88 -0.71
CA PRO C 367 17.97 29.27 -1.81
C PRO C 367 19.35 29.66 -1.33
N HIS C 368 20.34 29.38 -2.17
CA HIS C 368 21.72 29.73 -1.88
C HIS C 368 22.19 30.67 -2.98
N PRO C 369 22.87 31.76 -2.59
CA PRO C 369 23.27 32.80 -3.56
C PRO C 369 24.30 32.33 -4.60
N ASN C 370 25.19 31.41 -4.21
CA ASN C 370 26.18 30.84 -5.13
C ASN C 370 25.57 29.83 -6.12
N ILE C 371 24.37 29.35 -5.85
CA ILE C 371 23.85 28.22 -6.60
C ILE C 371 22.60 28.49 -7.43
N GLU C 372 22.72 28.34 -8.73
CA GLU C 372 21.56 28.48 -9.60
C GLU C 372 20.86 27.13 -9.73
N GLU C 373 19.59 27.07 -9.39
CA GLU C 373 18.83 25.83 -9.45
C GLU C 373 17.95 25.77 -10.69
N VAL C 374 18.09 24.69 -11.44
CA VAL C 374 17.46 24.55 -12.75
C VAL C 374 16.90 23.15 -12.96
N ALA C 375 15.58 23.04 -13.02
CA ALA C 375 14.94 21.76 -13.31
C ALA C 375 15.42 21.19 -14.62
N LEU C 376 15.62 19.88 -14.66
CA LEU C 376 15.90 19.20 -15.89
C LEU C 376 14.62 19.16 -16.70
N SER C 377 14.73 19.08 -18.02
CA SER C 377 13.57 18.89 -18.88
C SER C 377 13.75 17.60 -19.66
N ASN C 378 12.90 17.40 -20.67
CA ASN C 378 13.04 16.22 -21.49
C ASN C 378 13.93 16.46 -22.71
N THR C 379 14.43 17.68 -22.81
CA THR C 379 15.40 18.01 -23.85
C THR C 379 16.79 17.66 -23.35
N GLY C 380 17.50 16.86 -24.13
CA GLY C 380 18.84 16.48 -23.77
C GLY C 380 19.12 15.11 -24.36
N GLU C 381 20.39 14.77 -24.45
CA GLU C 381 20.84 13.58 -25.14
C GLU C 381 21.04 12.40 -24.18
N ILE C 382 21.14 12.71 -22.89
CA ILE C 382 21.42 11.70 -21.88
C ILE C 382 20.22 11.45 -20.96
N PRO C 383 19.55 10.31 -21.13
CA PRO C 383 18.42 9.94 -20.27
C PRO C 383 18.83 9.92 -18.80
N PHE C 384 18.01 10.47 -17.92
CA PHE C 384 18.33 10.52 -16.49
C PHE C 384 17.04 10.56 -15.68
N TYR C 385 16.66 9.41 -15.12
CA TYR C 385 15.50 9.33 -14.23
C TYR C 385 14.24 9.94 -14.80
N GLY C 386 13.96 9.62 -16.06
CA GLY C 386 12.73 10.05 -16.69
C GLY C 386 12.89 11.38 -17.39
N LYS C 387 13.95 12.10 -17.03
CA LYS C 387 14.28 13.37 -17.67
C LYS C 387 15.54 13.20 -18.51
N ALA C 388 16.15 14.31 -18.91
CA ALA C 388 17.33 14.23 -19.77
C ALA C 388 18.34 15.32 -19.42
N ILE C 389 19.62 14.98 -19.59
CA ILE C 389 20.72 15.91 -19.36
C ILE C 389 21.31 16.33 -20.69
N PRO C 390 21.31 17.64 -20.97
CA PRO C 390 21.92 18.13 -22.21
C PRO C 390 23.43 17.94 -22.13
N ILE C 391 24.01 17.32 -23.15
CA ILE C 391 25.44 17.04 -23.18
C ILE C 391 26.29 18.31 -22.98
N GLU C 392 25.83 19.45 -23.49
CA GLU C 392 26.57 20.69 -23.33
C GLU C 392 26.63 21.11 -21.86
N ALA C 393 25.68 20.59 -21.07
CA ALA C 393 25.64 20.91 -19.65
C ALA C 393 26.81 20.31 -18.92
N ILE C 394 27.41 19.27 -19.48
CA ILE C 394 28.45 18.52 -18.77
C ILE C 394 29.73 18.27 -19.57
N ARG C 395 29.68 18.54 -20.87
CA ARG C 395 30.90 18.50 -21.67
C ARG C 395 31.77 19.69 -21.29
N GLY C 396 32.93 19.39 -20.71
CA GLY C 396 33.81 20.42 -20.20
C GLY C 396 33.42 20.82 -18.80
N GLY C 397 34.42 21.07 -17.97
CA GLY C 397 34.18 21.39 -16.58
C GLY C 397 34.15 20.15 -15.72
N ARG C 398 33.87 20.33 -14.43
CA ARG C 398 33.89 19.24 -13.48
C ARG C 398 32.52 19.12 -12.84
N HIS C 399 31.85 17.99 -13.07
CA HIS C 399 30.46 17.81 -12.66
C HIS C 399 30.22 16.55 -11.80
N LEU C 400 29.23 16.63 -10.91
CA LEU C 400 28.85 15.52 -10.05
C LEU C 400 27.37 15.15 -10.28
N ILE C 401 27.12 13.88 -10.60
CA ILE C 401 25.78 13.39 -10.81
C ILE C 401 25.45 12.32 -9.78
N PHE C 402 24.40 12.57 -9.01
CA PHE C 402 24.01 11.66 -7.95
C PHE C 402 22.95 10.68 -8.45
N CYS C 403 23.25 9.39 -8.31
CA CYS C 403 22.28 8.34 -8.59
C CYS C 403 21.97 7.58 -7.31
N HIS C 404 20.83 6.90 -7.31
CA HIS C 404 20.38 6.19 -6.12
C HIS C 404 21.13 4.87 -5.91
N SER C 405 21.71 4.32 -6.97
CA SER C 405 22.34 3.01 -6.85
C SER C 405 23.68 2.84 -7.59
N LYS C 406 24.47 1.89 -7.10
CA LYS C 406 25.75 1.54 -7.68
C LYS C 406 25.58 1.14 -9.16
N LYS C 407 24.52 0.40 -9.46
CA LYS C 407 24.29 -0.04 -10.82
C LYS C 407 24.04 1.13 -11.80
N LYS C 408 23.21 2.08 -11.38
CA LYS C 408 22.92 3.24 -12.23
C LYS C 408 24.18 4.11 -12.45
N CYS C 409 25.03 4.18 -11.43
CA CYS C 409 26.30 4.89 -11.55
C CYS C 409 27.19 4.27 -12.59
N ASP C 410 27.31 2.94 -12.53
CA ASP C 410 28.19 2.20 -13.44
C ASP C 410 27.68 2.40 -14.84
N GLU C 411 26.37 2.27 -15.01
CA GLU C 411 25.78 2.44 -16.32
C GLU C 411 26.10 3.82 -16.86
N LEU C 412 25.63 4.86 -16.17
CA LEU C 412 25.78 6.24 -16.66
C LEU C 412 27.24 6.59 -16.97
N ALA C 413 28.16 6.15 -16.11
CA ALA C 413 29.58 6.38 -16.32
C ALA C 413 30.07 5.71 -17.59
N ALA C 414 29.53 4.52 -17.89
CA ALA C 414 29.97 3.77 -19.06
C ALA C 414 29.48 4.46 -20.34
N LYS C 415 28.27 5.00 -20.27
CA LYS C 415 27.69 5.75 -21.37
C LYS C 415 28.40 7.08 -21.64
N LEU C 416 28.54 7.87 -20.59
CA LEU C 416 29.28 9.12 -20.70
C LEU C 416 30.66 8.85 -21.28
N SER C 417 31.31 7.78 -20.80
CA SER C 417 32.63 7.38 -21.28
C SER C 417 32.59 7.05 -22.77
N GLY C 418 31.43 6.59 -23.24
CA GLY C 418 31.25 6.23 -24.63
C GLY C 418 31.19 7.45 -25.53
N LEU C 419 30.98 8.60 -24.92
CA LEU C 419 30.93 9.85 -25.69
C LEU C 419 32.19 10.65 -25.37
N GLY C 420 33.28 9.94 -25.12
CA GLY C 420 34.55 10.56 -24.81
C GLY C 420 34.54 11.53 -23.63
N ILE C 421 33.58 11.38 -22.73
CA ILE C 421 33.48 12.20 -21.54
C ILE C 421 34.26 11.58 -20.38
N ASN C 422 35.27 12.27 -19.88
CA ASN C 422 36.06 11.73 -18.76
C ASN C 422 35.14 11.48 -17.56
N ALA C 423 34.47 10.33 -17.55
CA ALA C 423 33.51 9.99 -16.50
C ALA C 423 34.07 8.86 -15.64
N VAL C 424 33.84 8.95 -14.34
CA VAL C 424 34.18 7.88 -13.43
C VAL C 424 32.96 7.63 -12.54
N ALA C 425 32.79 6.38 -12.16
CA ALA C 425 31.76 6.01 -11.21
C ALA C 425 32.41 5.97 -9.83
N TYR C 426 31.67 6.42 -8.82
CA TYR C 426 32.13 6.27 -7.46
C TYR C 426 31.00 5.82 -6.51
N TYR C 427 31.36 4.91 -5.62
CA TYR C 427 30.45 4.36 -4.63
C TYR C 427 31.20 3.43 -3.66
N ARG C 428 30.51 2.98 -2.64
CA ARG C 428 31.09 2.13 -1.61
C ARG C 428 31.76 0.96 -2.31
N GLY C 429 32.96 0.61 -1.85
CA GLY C 429 33.74 -0.44 -2.48
C GLY C 429 34.94 0.14 -3.19
N LEU C 430 34.70 1.17 -4.01
CA LEU C 430 35.77 1.78 -4.80
C LEU C 430 36.68 2.66 -3.97
N ASP C 431 37.88 2.88 -4.47
CA ASP C 431 38.78 3.81 -3.82
C ASP C 431 38.60 5.18 -4.42
N VAL C 432 38.71 6.20 -3.58
CA VAL C 432 38.49 7.57 -4.00
C VAL C 432 39.50 7.98 -5.08
N SER C 433 40.65 7.32 -5.10
CA SER C 433 41.67 7.62 -6.10
C SER C 433 41.13 7.50 -7.52
N VAL C 434 40.00 6.82 -7.68
CA VAL C 434 39.37 6.74 -9.00
C VAL C 434 38.85 8.11 -9.46
N ILE C 435 38.67 9.03 -8.53
CA ILE C 435 38.29 10.39 -8.89
C ILE C 435 39.53 11.27 -9.09
N PRO C 436 39.70 11.79 -10.32
CA PRO C 436 40.82 12.72 -10.60
C PRO C 436 40.56 14.07 -9.96
N THR C 437 41.47 14.52 -9.10
CA THR C 437 41.26 15.76 -8.37
C THR C 437 41.53 17.00 -9.23
N ILE C 438 41.83 16.76 -10.51
CA ILE C 438 42.20 17.81 -11.44
C ILE C 438 41.67 17.51 -12.83
N GLY C 439 41.41 18.54 -13.62
CA GLY C 439 41.00 18.34 -14.99
C GLY C 439 39.55 17.94 -15.11
N ASP C 440 38.99 18.15 -16.29
CA ASP C 440 37.60 17.83 -16.52
C ASP C 440 37.27 16.43 -16.01
N VAL C 441 35.98 16.17 -15.79
CA VAL C 441 35.49 14.87 -15.28
C VAL C 441 34.02 15.00 -14.91
N VAL C 442 33.24 13.96 -15.20
CA VAL C 442 31.88 13.86 -14.70
C VAL C 442 31.84 12.67 -13.74
N VAL C 443 31.79 12.96 -12.44
CA VAL C 443 31.74 11.92 -11.44
C VAL C 443 30.30 11.46 -11.25
N VAL C 444 30.08 10.16 -11.30
CA VAL C 444 28.75 9.61 -11.09
C VAL C 444 28.81 8.80 -9.82
N ALA C 445 28.12 9.25 -8.79
CA ALA C 445 28.30 8.69 -7.47
C ALA C 445 26.99 8.46 -6.71
N THR C 446 27.05 7.58 -5.73
CA THR C 446 26.01 7.45 -4.75
C THR C 446 26.41 8.38 -3.62
N ASP C 447 25.66 8.34 -2.52
CA ASP C 447 25.96 9.20 -1.38
C ASP C 447 27.26 8.84 -0.69
N ALA C 448 27.85 7.70 -1.04
CA ALA C 448 29.14 7.33 -0.46
C ALA C 448 30.15 8.43 -0.72
N LEU C 449 29.92 9.22 -1.76
CA LEU C 449 30.82 10.31 -2.07
C LEU C 449 30.99 11.20 -0.86
N MET C 450 29.85 11.55 -0.26
CA MET C 450 29.83 12.50 0.84
C MET C 450 30.77 12.16 2.01
N THR C 451 30.87 10.89 2.38
CA THR C 451 31.79 10.52 3.47
C THR C 451 33.21 10.15 3.00
N GLY C 452 33.38 9.88 1.70
CA GLY C 452 34.66 9.39 1.21
C GLY C 452 35.51 10.41 0.46
N TYR C 453 34.88 11.51 0.05
CA TYR C 453 35.55 12.50 -0.79
C TYR C 453 35.14 13.92 -0.38
N THR C 454 36.13 14.75 -0.05
CA THR C 454 35.89 16.16 0.16
C THR C 454 36.18 16.84 -1.17
N GLY C 455 35.43 17.89 -1.49
CA GLY C 455 35.66 18.58 -2.76
C GLY C 455 34.40 18.96 -3.50
N ASP C 456 34.48 20.03 -4.28
CA ASP C 456 33.30 20.59 -4.96
C ASP C 456 33.42 20.58 -6.49
N PHE C 457 32.32 20.95 -7.15
CA PHE C 457 32.14 20.80 -8.58
C PHE C 457 31.48 22.04 -9.18
N ASP C 458 31.57 22.19 -10.50
CA ASP C 458 30.95 23.32 -11.18
C ASP C 458 29.43 23.17 -11.22
N SER C 459 28.96 21.91 -11.24
CA SER C 459 27.53 21.63 -11.15
C SER C 459 27.22 20.31 -10.44
N VAL C 460 26.00 20.20 -9.94
CA VAL C 460 25.50 18.96 -9.36
C VAL C 460 24.18 18.63 -10.07
N ILE C 461 24.03 17.37 -10.46
CA ILE C 461 22.78 16.90 -11.02
C ILE C 461 22.30 15.78 -10.09
N ASP C 462 21.05 15.89 -9.62
CA ASP C 462 20.54 15.08 -8.52
C ASP C 462 19.27 14.33 -8.95
N CYS C 463 19.29 12.99 -8.86
CA CYS C 463 18.11 12.18 -9.15
C CYS C 463 17.00 12.42 -8.12
N ASN C 464 17.35 13.10 -7.03
CA ASN C 464 16.44 13.42 -5.91
C ASN C 464 15.84 12.23 -5.17
N THR C 465 16.43 11.06 -5.32
CA THR C 465 15.96 9.89 -4.57
C THR C 465 17.12 9.22 -3.81
N CYS C 466 16.76 8.37 -2.85
CA CYS C 466 17.66 7.78 -1.89
C CYS C 466 17.16 6.36 -1.65
N VAL C 467 18.08 5.43 -1.41
CA VAL C 467 17.69 4.07 -1.06
C VAL C 467 17.72 3.98 0.45
N THR C 468 16.64 3.49 1.06
CA THR C 468 16.56 3.48 2.51
C THR C 468 16.03 2.16 3.05
N GLN C 469 16.31 1.87 4.31
CA GLN C 469 15.87 0.62 4.95
C GLN C 469 14.77 0.87 5.95
N THR C 470 13.76 0.01 5.96
CA THR C 470 12.67 0.16 6.92
C THR C 470 12.30 -1.18 7.53
N VAL C 471 11.86 -1.16 8.78
CA VAL C 471 11.40 -2.40 9.40
C VAL C 471 9.89 -2.56 9.23
N ASP C 472 9.46 -3.78 8.96
CA ASP C 472 8.06 -4.13 8.92
C ASP C 472 7.85 -5.27 9.92
N PHE C 473 6.96 -5.07 10.89
CA PHE C 473 6.68 -6.10 11.88
C PHE C 473 5.66 -7.06 11.28
N SER C 474 6.15 -7.83 10.32
CA SER C 474 5.31 -8.55 9.39
C SER C 474 4.78 -9.89 9.93
N LEU C 475 5.38 -10.37 11.01
CA LEU C 475 4.91 -11.56 11.71
C LEU C 475 4.87 -12.78 10.81
N ASP C 476 5.84 -12.87 9.90
CA ASP C 476 5.84 -13.94 8.91
C ASP C 476 7.19 -14.61 8.75
N PRO C 477 7.81 -15.06 9.85
CA PRO C 477 7.25 -15.22 11.19
C PRO C 477 7.48 -14.07 12.16
N THR C 478 8.41 -13.18 11.86
CA THR C 478 8.80 -12.20 12.86
C THR C 478 8.78 -10.78 12.28
N PHE C 479 9.93 -10.30 11.81
CA PHE C 479 9.98 -8.97 11.18
C PHE C 479 10.76 -9.06 9.88
N THR C 480 10.70 -7.98 9.10
CA THR C 480 11.35 -7.91 7.81
C THR C 480 12.11 -6.57 7.73
N ILE C 481 13.33 -6.59 7.24
CA ILE C 481 14.05 -5.35 6.96
C ILE C 481 13.98 -5.23 5.44
N GLU C 482 13.32 -4.16 5.00
CA GLU C 482 13.04 -3.93 3.57
C GLU C 482 13.90 -2.81 3.04
N THR C 483 14.34 -2.92 1.80
CA THR C 483 15.05 -1.84 1.16
C THR C 483 14.18 -1.26 0.08
N THR C 484 14.01 0.06 0.09
CA THR C 484 13.16 0.72 -0.89
C THR C 484 13.84 2.02 -1.36
N THR C 485 13.46 2.48 -2.54
CA THR C 485 13.95 3.77 -3.06
C THR C 485 12.90 4.83 -2.79
N VAL C 486 13.31 5.93 -2.16
CA VAL C 486 12.33 6.95 -1.75
C VAL C 486 12.80 8.36 -2.12
N PRO C 487 11.85 9.32 -2.15
CA PRO C 487 12.21 10.72 -2.39
C PRO C 487 13.10 11.22 -1.28
N GLN C 488 14.09 12.03 -1.67
CA GLN C 488 15.11 12.48 -0.73
C GLN C 488 14.50 13.42 0.28
N ASP C 489 15.15 13.55 1.43
CA ASP C 489 14.69 14.48 2.44
C ASP C 489 15.51 15.77 2.34
N ALA C 490 15.21 16.73 3.19
CA ALA C 490 15.80 18.06 3.08
C ALA C 490 17.29 18.09 3.39
N VAL C 491 17.75 17.18 4.25
CA VAL C 491 19.16 17.05 4.56
C VAL C 491 19.91 16.50 3.36
N SER C 492 19.39 15.43 2.76
CA SER C 492 19.93 14.90 1.50
C SER C 492 20.02 15.98 0.42
N ARG C 493 18.96 16.75 0.25
CA ARG C 493 18.97 17.75 -0.82
C ARG C 493 20.07 18.78 -0.57
N SER C 494 20.13 19.30 0.66
CA SER C 494 21.09 20.34 1.05
C SER C 494 22.52 19.86 0.90
N GLN C 495 22.75 18.62 1.28
CA GLN C 495 24.10 18.09 1.21
C GLN C 495 24.55 17.73 -0.19
N ARG C 496 23.65 17.18 -1.00
CA ARG C 496 23.98 16.95 -2.39
C ARG C 496 24.19 18.27 -3.12
N ARG C 497 23.26 19.21 -2.96
CA ARG C 497 23.40 20.53 -3.58
C ARG C 497 24.67 21.24 -3.17
N GLY C 498 25.08 21.02 -1.91
CA GLY C 498 26.17 21.76 -1.30
C GLY C 498 27.52 21.36 -1.86
N ARG C 499 27.54 20.36 -2.73
CA ARG C 499 28.76 19.99 -3.43
C ARG C 499 29.08 20.94 -4.59
N THR C 500 28.24 21.97 -4.78
CA THR C 500 28.58 23.03 -5.73
C THR C 500 28.36 24.37 -5.05
N GLY C 501 28.78 25.45 -5.69
CA GLY C 501 28.59 26.78 -5.13
C GLY C 501 29.45 27.11 -3.93
N ARG C 502 30.58 26.42 -3.77
CA ARG C 502 31.48 26.71 -2.66
C ARG C 502 32.58 27.69 -3.09
N GLY C 503 32.40 28.97 -2.75
CA GLY C 503 33.35 29.99 -3.16
C GLY C 503 33.48 29.97 -4.66
N ARG C 504 32.34 29.77 -5.33
CA ARG C 504 32.29 29.72 -6.78
C ARG C 504 30.82 29.65 -7.17
N ARG C 505 30.50 30.12 -8.38
CA ARG C 505 29.13 30.10 -8.84
C ARG C 505 28.77 28.71 -9.35
N GLY C 506 27.81 28.07 -8.70
CA GLY C 506 27.43 26.71 -9.04
C GLY C 506 26.06 26.60 -9.64
N ILE C 507 25.79 25.43 -10.21
CA ILE C 507 24.51 25.14 -10.79
C ILE C 507 24.03 23.80 -10.22
N TYR C 508 22.76 23.74 -9.84
CA TYR C 508 22.15 22.54 -9.32
C TYR C 508 20.98 22.18 -10.22
N ARG C 509 21.05 21.01 -10.86
CA ARG C 509 19.99 20.52 -11.72
C ARG C 509 19.31 19.37 -11.02
N PHE C 510 17.99 19.25 -11.19
CA PHE C 510 17.23 18.28 -10.43
C PHE C 510 16.07 17.69 -11.22
N VAL C 511 15.68 16.48 -10.85
CA VAL C 511 14.55 15.80 -11.46
C VAL C 511 13.25 16.30 -10.86
N THR C 512 13.19 16.37 -9.53
CA THR C 512 12.00 16.82 -8.84
C THR C 512 12.31 17.94 -7.84
N PRO C 513 11.35 18.85 -7.62
CA PRO C 513 11.63 20.01 -6.76
C PRO C 513 11.38 19.81 -5.28
N GLY C 514 10.64 18.78 -4.88
CA GLY C 514 10.30 18.65 -3.48
C GLY C 514 11.44 18.27 -2.56
N GLU C 515 11.09 17.95 -1.31
CA GLU C 515 11.98 17.28 -0.36
C GLU C 515 11.15 16.80 0.81
N ARG C 516 11.39 15.58 1.25
CA ARG C 516 10.71 15.05 2.44
C ARG C 516 11.22 15.78 3.68
N PRO C 517 10.45 15.72 4.78
CA PRO C 517 10.85 16.36 6.03
C PRO C 517 12.09 15.71 6.64
N SER C 518 12.95 16.55 7.20
CA SER C 518 14.19 16.09 7.81
C SER C 518 14.04 15.72 9.28
N GLY C 519 15.02 14.99 9.81
CA GLY C 519 15.15 14.82 11.24
C GLY C 519 14.42 13.65 11.84
N MET C 520 14.03 12.67 11.01
CA MET C 520 13.42 11.45 11.54
C MET C 520 14.18 10.26 10.99
N PHE C 521 14.20 9.16 11.72
CA PHE C 521 14.79 7.95 11.17
C PHE C 521 13.98 6.74 11.55
N ASP C 522 14.24 5.63 10.86
CA ASP C 522 13.42 4.42 11.01
C ASP C 522 13.89 3.52 12.14
N SER C 523 12.97 2.74 12.68
CA SER C 523 13.29 1.77 13.72
C SER C 523 14.38 0.81 13.27
N SER C 524 14.49 0.56 11.96
CA SER C 524 15.53 -0.37 11.50
C SER C 524 16.93 0.13 11.86
N VAL C 525 17.10 1.44 12.01
CA VAL C 525 18.38 2.00 12.39
C VAL C 525 18.71 1.61 13.83
N LEU C 526 17.69 1.54 14.68
CA LEU C 526 17.88 1.09 16.05
C LEU C 526 18.37 -0.34 15.97
N CYS C 527 17.71 -1.16 15.16
CA CYS C 527 18.18 -2.52 14.94
C CYS C 527 19.67 -2.52 14.54
N GLU C 528 20.05 -1.66 13.60
CA GLU C 528 21.47 -1.56 13.23
C GLU C 528 22.41 -1.24 14.38
N CYS C 529 21.96 -0.41 15.32
CA CYS C 529 22.79 -0.04 16.48
C CYS C 529 23.08 -1.25 17.38
N TYR C 530 22.05 -2.03 17.67
CA TYR C 530 22.24 -3.22 18.48
C TYR C 530 23.17 -4.18 17.76
N ASP C 531 22.97 -4.29 16.45
CA ASP C 531 23.79 -5.17 15.63
C ASP C 531 25.27 -4.79 15.73
N ALA C 532 25.53 -3.49 15.60
CA ALA C 532 26.88 -2.97 15.63
C ALA C 532 27.49 -3.11 17.02
N GLY C 533 26.68 -2.92 18.04
CA GLY C 533 27.12 -3.06 19.40
C GLY C 533 27.63 -4.47 19.67
N CYS C 534 26.87 -5.45 19.21
CA CYS C 534 27.23 -6.85 19.36
C CYS C 534 28.39 -7.26 18.45
N ALA C 535 28.36 -6.76 17.23
CA ALA C 535 29.32 -7.19 16.23
C ALA C 535 30.69 -6.52 16.34
N TRP C 536 30.71 -5.24 16.68
CA TRP C 536 31.94 -4.46 16.60
C TRP C 536 32.46 -3.93 17.92
N TYR C 537 31.54 -3.53 18.79
CA TYR C 537 31.92 -2.72 19.93
C TYR C 537 31.79 -3.43 21.26
N GLU C 538 31.54 -4.73 21.22
CA GLU C 538 31.44 -5.54 22.44
C GLU C 538 30.48 -4.94 23.44
N LEU C 539 29.30 -4.56 22.96
CA LEU C 539 28.28 -4.01 23.84
C LEU C 539 27.16 -5.02 24.00
N THR C 540 26.79 -5.32 25.25
CA THR C 540 25.59 -6.11 25.48
C THR C 540 24.38 -5.31 25.01
N PRO C 541 23.30 -5.99 24.62
CA PRO C 541 22.09 -5.23 24.27
C PRO C 541 21.66 -4.25 25.36
N ALA C 542 21.81 -4.64 26.63
CA ALA C 542 21.41 -3.77 27.72
C ALA C 542 22.26 -2.49 27.69
N GLU C 543 23.54 -2.62 27.37
CA GLU C 543 24.39 -1.43 27.34
C GLU C 543 24.04 -0.55 26.13
N THR C 544 23.80 -1.18 24.98
CA THR C 544 23.33 -0.42 23.82
C THR C 544 22.06 0.38 24.12
N SER C 545 21.13 -0.22 24.85
CA SER C 545 19.92 0.47 25.27
C SER C 545 20.19 1.71 26.11
N VAL C 546 21.14 1.62 27.04
CA VAL C 546 21.40 2.76 27.91
C VAL C 546 21.83 3.93 27.05
N ARG C 547 22.73 3.66 26.10
CA ARG C 547 23.24 4.70 25.22
C ARG C 547 22.17 5.29 24.31
N LEU C 548 21.37 4.42 23.69
CA LEU C 548 20.31 4.85 22.81
C LEU C 548 19.22 5.59 23.58
N ARG C 549 19.02 5.20 24.83
CA ARG C 549 18.04 5.90 25.68
C ARG C 549 18.48 7.35 25.93
N ALA C 550 19.77 7.55 26.15
CA ALA C 550 20.31 8.90 26.32
C ALA C 550 20.08 9.73 25.07
N TYR C 551 20.25 9.11 23.91
CA TYR C 551 20.04 9.80 22.64
C TYR C 551 18.57 10.21 22.58
N LEU C 552 17.68 9.23 22.75
CA LEU C 552 16.24 9.45 22.68
C LEU C 552 15.72 10.48 23.71
N ASN C 553 16.32 10.51 24.90
CA ASN C 553 15.93 11.49 25.93
C ASN C 553 16.43 12.90 25.68
N THR C 554 17.24 13.08 24.64
CA THR C 554 17.86 14.39 24.37
C THR C 554 17.11 15.20 23.32
N PRO C 555 16.60 16.37 23.73
CA PRO C 555 15.82 17.22 22.83
C PRO C 555 16.68 17.78 21.71
N GLY C 556 16.07 18.06 20.57
CA GLY C 556 16.78 18.74 19.49
C GLY C 556 17.52 17.85 18.52
N LEU C 557 17.53 16.54 18.77
CA LEU C 557 18.14 15.58 17.85
C LEU C 557 17.09 14.92 16.96
N PRO C 558 17.53 14.19 15.92
CA PRO C 558 16.62 13.36 15.13
C PRO C 558 15.80 12.43 16.03
N VAL C 559 14.57 12.13 15.61
CA VAL C 559 13.68 11.31 16.44
C VAL C 559 13.27 10.02 15.71
N CYS C 560 12.82 9.04 16.49
CA CYS C 560 12.55 7.69 15.99
C CYS C 560 11.53 7.09 16.93
N GLN C 561 10.74 6.16 16.44
CA GLN C 561 9.87 5.39 17.32
C GLN C 561 10.70 4.70 18.41
N ASP C 562 10.20 4.72 19.65
CA ASP C 562 10.90 4.10 20.77
C ASP C 562 10.65 2.59 20.80
N HIS C 563 11.51 1.83 20.13
CA HIS C 563 11.41 0.39 20.09
C HIS C 563 12.64 -0.23 20.77
N LEU C 564 13.24 0.51 21.70
CA LEU C 564 14.45 0.01 22.36
C LEU C 564 14.19 -1.31 23.10
N GLU C 565 13.14 -1.36 23.91
CA GLU C 565 12.85 -2.60 24.66
C GLU C 565 12.64 -3.79 23.74
N PHE C 566 11.91 -3.59 22.65
CA PHE C 566 11.78 -4.64 21.63
C PHE C 566 13.11 -5.10 21.03
N TRP C 567 13.91 -4.17 20.52
CA TRP C 567 15.15 -4.61 19.87
C TRP C 567 16.11 -5.24 20.86
N GLU C 568 16.14 -4.71 22.07
CA GLU C 568 17.01 -5.26 23.09
C GLU C 568 16.58 -6.69 23.33
N SER C 569 15.27 -6.90 23.39
CA SER C 569 14.76 -8.25 23.66
C SER C 569 15.20 -9.23 22.57
N VAL C 570 15.13 -8.78 21.31
CA VAL C 570 15.54 -9.64 20.22
C VAL C 570 17.01 -10.02 20.28
N PHE C 571 17.90 -9.04 20.40
CA PHE C 571 19.33 -9.38 20.41
C PHE C 571 19.73 -10.15 21.67
N THR C 572 19.05 -9.87 22.78
CA THR C 572 19.36 -10.57 24.03
C THR C 572 19.23 -12.09 23.83
N GLY C 573 18.31 -12.50 22.96
CA GLY C 573 18.11 -13.91 22.71
C GLY C 573 19.11 -14.57 21.77
N LEU C 574 19.97 -13.78 21.13
CA LEU C 574 20.86 -14.32 20.09
C LEU C 574 22.22 -14.70 20.66
N THR C 575 22.24 -15.81 21.40
CA THR C 575 23.42 -16.26 22.14
C THR C 575 24.32 -17.24 21.40
N HIS C 576 25.59 -17.23 21.78
CA HIS C 576 26.57 -18.16 21.27
C HIS C 576 26.64 -18.11 19.76
N ILE C 577 26.92 -16.93 19.23
CA ILE C 577 27.09 -16.82 17.78
C ILE C 577 28.37 -17.54 17.40
N ASP C 578 28.43 -17.98 16.15
CA ASP C 578 29.61 -18.63 15.61
C ASP C 578 30.63 -17.56 15.27
N ALA C 579 31.68 -17.47 16.08
CA ALA C 579 32.65 -16.41 15.95
C ALA C 579 33.21 -16.34 14.54
N HIS C 580 33.27 -17.49 13.87
CA HIS C 580 33.84 -17.57 12.53
C HIS C 580 32.95 -16.92 11.48
N PHE C 581 31.65 -17.14 11.57
CA PHE C 581 30.73 -16.53 10.62
C PHE C 581 30.69 -15.01 10.85
N LEU C 582 30.70 -14.61 12.11
CA LEU C 582 30.71 -13.18 12.46
C LEU C 582 31.94 -12.49 11.88
N SER C 583 33.10 -13.11 12.04
CA SER C 583 34.31 -12.58 11.41
C SER C 583 34.12 -12.33 9.92
N GLN C 584 33.44 -13.27 9.26
CA GLN C 584 33.23 -13.18 7.81
C GLN C 584 32.25 -12.07 7.37
N THR C 585 31.15 -11.92 8.09
CA THR C 585 30.19 -10.87 7.75
C THR C 585 30.76 -9.49 8.11
N LYS C 586 31.47 -9.42 9.22
CA LYS C 586 32.16 -8.19 9.60
C LYS C 586 33.11 -7.79 8.49
N GLN C 587 34.03 -8.70 8.13
CA GLN C 587 34.98 -8.42 7.06
C GLN C 587 34.30 -8.03 5.75
N ALA C 588 33.27 -8.77 5.37
CA ALA C 588 32.59 -8.52 4.08
C ALA C 588 31.95 -7.12 3.98
N GLY C 589 31.64 -6.50 5.12
CA GLY C 589 31.21 -5.11 5.13
C GLY C 589 29.78 -4.80 4.74
N ASP C 590 28.92 -5.82 4.61
CA ASP C 590 27.52 -5.57 4.32
C ASP C 590 26.71 -5.36 5.61
N ASN C 591 25.49 -4.84 5.46
CA ASN C 591 24.61 -4.53 6.57
C ASN C 591 24.25 -5.71 7.47
N PHE C 592 23.92 -5.40 8.72
CA PHE C 592 23.51 -6.36 9.73
C PHE C 592 24.43 -7.57 9.85
N PRO C 593 25.74 -7.32 10.03
CA PRO C 593 26.65 -8.47 10.10
C PRO C 593 26.29 -9.43 11.22
N TYR C 594 25.83 -8.91 12.35
CA TYR C 594 25.48 -9.80 13.45
C TYR C 594 24.26 -10.66 13.11
N LEU C 595 23.18 -10.03 12.65
CA LEU C 595 21.96 -10.79 12.30
C LEU C 595 22.21 -11.79 11.18
N VAL C 596 23.03 -11.43 10.20
CA VAL C 596 23.35 -12.34 9.11
C VAL C 596 24.18 -13.50 9.64
N ALA C 597 25.21 -13.19 10.43
CA ALA C 597 26.04 -14.25 11.00
C ALA C 597 25.21 -15.14 11.94
N TYR C 598 24.18 -14.57 12.58
CA TYR C 598 23.46 -15.37 13.55
C TYR C 598 22.51 -16.35 12.90
N GLN C 599 21.89 -15.91 11.80
CA GLN C 599 21.06 -16.79 11.00
C GLN C 599 21.90 -17.91 10.41
N ALA C 600 23.06 -17.55 9.87
CA ALA C 600 24.02 -18.55 9.38
C ALA C 600 24.44 -19.56 10.45
N THR C 601 24.62 -19.08 11.67
CA THR C 601 24.99 -19.92 12.81
C THR C 601 23.89 -20.94 13.14
N VAL C 602 22.66 -20.45 13.25
CA VAL C 602 21.52 -21.31 13.53
C VAL C 602 21.30 -22.35 12.43
N CYS C 603 21.47 -21.91 11.18
CA CYS C 603 21.40 -22.83 10.05
C CYS C 603 22.43 -23.95 10.19
N ALA C 604 23.71 -23.58 10.26
CA ALA C 604 24.78 -24.56 10.36
C ALA C 604 24.60 -25.53 11.53
N ARG C 605 24.16 -25.04 12.68
CA ARG C 605 23.98 -25.92 13.82
C ARG C 605 22.78 -26.85 13.68
N ALA C 606 21.78 -26.39 12.93
CA ALA C 606 20.63 -27.21 12.60
C ALA C 606 20.93 -28.06 11.36
N GLN C 607 22.11 -27.84 10.77
CA GLN C 607 22.52 -28.56 9.56
C GLN C 607 21.51 -28.32 8.45
N ALA C 608 21.02 -27.08 8.38
CA ALA C 608 20.09 -26.66 7.33
C ALA C 608 20.70 -25.53 6.49
N PRO C 609 20.18 -25.33 5.27
CA PRO C 609 20.61 -24.29 4.33
C PRO C 609 20.14 -22.88 4.74
N PRO C 610 20.68 -21.83 4.08
CA PRO C 610 20.29 -20.43 4.34
C PRO C 610 18.98 -20.10 3.64
N PRO C 611 18.39 -18.91 3.92
CA PRO C 611 17.15 -18.47 3.28
C PRO C 611 17.28 -18.43 1.76
N SER C 612 18.53 -18.27 1.32
CA SER C 612 18.83 -18.31 -0.09
C SER C 612 20.33 -18.45 -0.26
N TRP C 613 20.78 -18.51 -1.52
CA TRP C 613 22.21 -18.61 -1.79
C TRP C 613 22.73 -17.30 -2.40
N ASP C 614 21.91 -16.27 -2.28
CA ASP C 614 22.32 -14.89 -2.48
C ASP C 614 23.63 -14.61 -1.73
N GLN C 615 24.28 -13.52 -2.07
CA GLN C 615 25.63 -13.22 -1.58
C GLN C 615 25.63 -12.94 -0.09
N MET C 616 24.48 -12.50 0.40
CA MET C 616 24.33 -12.15 1.80
C MET C 616 24.74 -13.33 2.65
N TRP C 617 24.64 -14.53 2.07
CA TRP C 617 24.85 -15.78 2.81
C TRP C 617 26.11 -16.53 2.35
N LYS C 618 27.04 -15.82 1.72
CA LYS C 618 28.26 -16.46 1.22
C LYS C 618 29.12 -17.17 2.29
N CYS C 619 28.99 -16.74 3.54
CA CYS C 619 29.79 -17.35 4.61
C CYS C 619 29.40 -18.81 4.85
N LEU C 620 28.43 -19.30 4.08
CA LEU C 620 27.85 -20.64 4.27
C LEU C 620 28.23 -21.58 3.13
N ILE C 621 28.72 -21.04 2.02
CA ILE C 621 29.08 -21.84 0.86
C ILE C 621 29.91 -23.09 1.18
N ARG C 622 30.87 -22.92 2.09
CA ARG C 622 31.74 -24.02 2.49
C ARG C 622 30.91 -25.23 2.91
N LEU C 623 29.67 -24.98 3.30
CA LEU C 623 28.83 -26.05 3.82
C LEU C 623 27.71 -26.39 2.84
N LYS C 624 27.71 -25.76 1.68
CA LYS C 624 26.59 -25.90 0.75
C LYS C 624 26.17 -27.35 0.47
N PRO C 625 27.16 -28.22 0.16
CA PRO C 625 26.81 -29.61 -0.18
C PRO C 625 26.21 -30.38 0.99
N THR C 626 26.54 -30.00 2.22
CA THR C 626 26.07 -30.71 3.41
C THR C 626 24.74 -30.21 3.98
N LEU C 627 24.35 -28.99 3.63
CA LEU C 627 23.14 -28.39 4.21
C LEU C 627 21.88 -28.70 3.40
N HIS C 628 20.89 -29.28 4.08
CA HIS C 628 19.65 -29.71 3.40
C HIS C 628 18.42 -29.51 4.29
N GLY C 629 17.24 -29.52 3.66
CA GLY C 629 16.00 -29.36 4.38
C GLY C 629 15.54 -27.91 4.43
N PRO C 630 14.49 -27.63 5.21
CA PRO C 630 13.96 -26.26 5.30
C PRO C 630 14.81 -25.35 6.19
N THR C 631 14.87 -24.06 5.83
CA THR C 631 15.55 -23.05 6.65
C THR C 631 14.86 -22.72 7.97
N PRO C 632 15.61 -22.82 9.07
CA PRO C 632 15.06 -22.33 10.34
C PRO C 632 15.13 -20.81 10.34
N LEU C 633 14.15 -20.20 9.67
CA LEU C 633 14.14 -18.75 9.43
C LEU C 633 13.94 -17.98 10.72
N LEU C 634 14.82 -17.00 10.99
CA LEU C 634 14.69 -16.16 12.16
C LEU C 634 13.95 -14.84 11.91
N TYR C 635 14.12 -14.32 10.70
CA TYR C 635 13.61 -13.01 10.32
C TYR C 635 13.93 -12.85 8.85
N ARG C 636 13.39 -11.83 8.21
CA ARG C 636 13.61 -11.64 6.78
C ARG C 636 14.45 -10.42 6.48
N LEU C 637 15.62 -10.65 5.90
CA LEU C 637 16.58 -9.59 5.58
C LEU C 637 16.72 -9.47 4.07
N GLY C 638 15.86 -10.18 3.35
CA GLY C 638 15.83 -10.17 1.91
C GLY C 638 14.94 -11.31 1.44
N ALA C 639 15.01 -11.61 0.15
CA ALA C 639 14.17 -12.65 -0.43
C ALA C 639 14.46 -14.02 0.18
N VAL C 640 13.39 -14.78 0.44
CA VAL C 640 13.56 -16.13 0.95
C VAL C 640 13.11 -17.12 -0.11
N GLN C 641 14.06 -17.81 -0.71
CA GLN C 641 13.76 -18.78 -1.75
C GLN C 641 13.63 -20.22 -1.26
N ASN C 642 14.40 -20.59 -0.24
CA ASN C 642 14.28 -21.93 0.32
C ASN C 642 12.99 -22.07 1.13
N GLU C 643 12.63 -23.31 1.42
CA GLU C 643 11.49 -23.60 2.26
C GLU C 643 11.86 -23.32 3.70
N VAL C 644 10.86 -23.11 4.54
CA VAL C 644 11.09 -22.58 5.87
C VAL C 644 10.49 -23.50 6.91
N THR C 645 11.17 -23.64 8.04
CA THR C 645 10.58 -24.27 9.20
C THR C 645 10.58 -23.23 10.32
N LEU C 646 9.57 -23.31 11.17
CA LEU C 646 9.43 -22.36 12.26
C LEU C 646 9.64 -23.06 13.59
N THR C 647 10.35 -24.18 13.57
CA THR C 647 10.47 -25.03 14.77
C THR C 647 11.65 -24.66 15.65
N HIS C 648 12.65 -23.99 15.09
CA HIS C 648 13.81 -23.63 15.89
C HIS C 648 13.43 -22.78 17.11
N PRO C 649 14.10 -23.03 18.24
CA PRO C 649 13.81 -22.33 19.50
C PRO C 649 14.05 -20.82 19.39
N ILE C 650 15.04 -20.43 18.60
CA ILE C 650 15.34 -19.01 18.40
C ILE C 650 14.22 -18.34 17.61
N THR C 651 13.72 -19.02 16.57
CA THR C 651 12.56 -18.55 15.82
C THR C 651 11.40 -18.36 16.77
N LYS C 652 11.14 -19.36 17.62
CA LYS C 652 10.09 -19.22 18.63
C LYS C 652 10.34 -18.10 19.64
N TYR C 653 11.58 -17.93 20.05
CA TYR C 653 11.94 -16.82 20.93
C TYR C 653 11.65 -15.45 20.26
N ILE C 654 12.14 -15.28 19.04
CA ILE C 654 11.90 -14.02 18.33
C ILE C 654 10.40 -13.81 18.09
N MET C 655 9.67 -14.85 17.70
CA MET C 655 8.22 -14.73 17.59
C MET C 655 7.58 -14.23 18.87
N ALA C 656 8.09 -14.71 20.01
CA ALA C 656 7.61 -14.24 21.32
C ALA C 656 7.88 -12.76 21.55
N CYS C 657 9.05 -12.30 21.13
CA CYS C 657 9.40 -10.90 21.25
C CYS C 657 8.40 -10.00 20.53
N MET C 658 7.78 -10.53 19.47
CA MET C 658 6.83 -9.78 18.65
C MET C 658 5.55 -9.42 19.37
N SER C 659 5.31 -10.01 20.54
CA SER C 659 4.08 -9.70 21.28
C SER C 659 4.20 -8.44 22.14
N ALA C 660 5.38 -7.85 22.17
CA ALA C 660 5.61 -6.63 22.92
C ALA C 660 4.83 -5.47 22.34
N ASP C 661 4.45 -4.52 23.19
CA ASP C 661 3.89 -3.26 22.72
C ASP C 661 4.82 -2.70 21.66
N LEU C 662 4.29 -2.43 20.48
CA LEU C 662 5.06 -1.76 19.44
C LEU C 662 4.30 -0.52 18.97
N GLU C 663 4.81 0.65 19.30
CA GLU C 663 4.16 1.87 18.91
C GLU C 663 4.51 2.17 17.45
N VAL C 664 3.50 2.36 16.62
CA VAL C 664 3.75 2.68 15.23
C VAL C 664 2.84 3.82 14.78
N VAL C 665 3.29 4.61 13.81
CA VAL C 665 2.45 5.63 13.22
C VAL C 665 1.51 4.94 12.26
N THR C 666 0.32 5.50 12.10
CA THR C 666 -0.72 4.86 11.29
C THR C 666 -0.69 5.34 9.84
#